data_3PQA
#
_entry.id   3PQA
#
_cell.length_a   164.574
_cell.length_b   77.568
_cell.length_c   164.279
_cell.angle_alpha   90.000
_cell.angle_beta   116.290
_cell.angle_gamma   90.000
#
_symmetry.space_group_name_H-M   'C 1 2 1'
#
loop_
_entity.id
_entity.type
_entity.pdbx_description
1 polymer 'Lactaldehyde dehydrogenase'
2 non-polymer 'SULFATE ION'
3 water water
#
_entity_poly.entity_id   1
_entity_poly.type   'polypeptide(L)'
_entity_poly.pdbx_seq_one_letter_code
;VMFIDGKWINREDMDVINPYSLEVIKKIPALSREEAKEAIDTAEKYKEVMKNLPITKRYNILMNIAKQIKEKKEELAKIL
AIDAGKPIKQARVEVERSIGTFKLAAFYVKEHRDEVIPSDDRLIFTRREPVGIVGAITPFNFPLNLSAHKIAPAIATGNV
IVHHPSSKAPLVCIELAKIIENALKKYNVPLGVYNLLTGAGEVVGDEIVVNEKVNMISFTGSSKVGELITKKAGFKKIAL
ELGGVNPNIVLKDADLNKAVNALIKGSFIYAGQVCISVGMILVDESIADKFIEMFVNKAKVLNVGNPLDEKTDVGPLISV
EHAEWVEKVVEKAIDEGGKLLLGGKRDKALFYPTILEVDRDNILCKTETFAPVIPIIRTNEEEMIDIANSTEYGLHSAIF
TNDINKSLKFAENLEFGGVVINDSSLFRQDNMPFGGVKKSGLGREGVKYAMEEMSNIKTIIISKAENLYFQSHHHHHHWS
HPQFEK
;
_entity_poly.pdbx_strand_id   A,B,C,D
#
# COMPACT_ATOMS: atom_id res chain seq x y z
N ILE A 9 -14.59 -6.28 -41.32
CA ILE A 9 -15.30 -5.72 -42.52
C ILE A 9 -16.59 -6.49 -42.89
N ASN A 10 -16.96 -6.49 -44.16
CA ASN A 10 -18.13 -7.25 -44.61
C ASN A 10 -17.75 -8.54 -45.37
N ARG A 11 -16.48 -8.90 -45.30
CA ARG A 11 -15.95 -10.11 -45.95
C ARG A 11 -16.33 -11.37 -45.21
N GLU A 12 -16.56 -12.44 -45.96
CA GLU A 12 -16.88 -13.75 -45.38
C GLU A 12 -15.81 -14.76 -45.78
N ASP A 13 -14.68 -14.73 -45.07
CA ASP A 13 -13.48 -15.53 -45.42
C ASP A 13 -13.32 -16.83 -44.67
N MET A 14 -13.49 -16.78 -43.35
CA MET A 14 -13.07 -17.88 -42.49
C MET A 14 -14.28 -18.55 -41.82
N ASP A 15 -14.40 -19.87 -41.99
CA ASP A 15 -15.44 -20.65 -41.31
C ASP A 15 -15.32 -20.53 -39.79
N VAL A 16 -16.47 -20.32 -39.15
CA VAL A 16 -16.56 -20.46 -37.70
C VAL A 16 -17.43 -21.70 -37.45
N ILE A 17 -16.95 -22.60 -36.60
CA ILE A 17 -17.52 -23.92 -36.40
C ILE A 17 -18.24 -24.09 -35.06
N ASN A 18 -19.39 -24.76 -35.07
CA ASN A 18 -20.03 -25.27 -33.84
C ASN A 18 -19.34 -26.59 -33.52
N PRO A 19 -18.62 -26.67 -32.38
CA PRO A 19 -17.84 -27.90 -32.13
C PRO A 19 -18.68 -29.13 -31.76
N TYR A 20 -19.96 -28.93 -31.46
CA TYR A 20 -20.84 -30.05 -31.18
C TYR A 20 -21.40 -30.68 -32.47
N SER A 21 -21.95 -29.85 -33.35
CA SER A 21 -22.55 -30.32 -34.60
C SER A 21 -21.55 -30.37 -35.75
N LEU A 22 -20.44 -29.64 -35.60
CA LEU A 22 -19.41 -29.48 -36.62
C LEU A 22 -19.89 -28.72 -37.85
N GLU A 23 -21.05 -28.07 -37.72
CA GLU A 23 -21.59 -27.22 -38.77
C GLU A 23 -20.85 -25.88 -38.79
N VAL A 24 -20.77 -25.27 -39.97
CA VAL A 24 -20.31 -23.89 -40.08
C VAL A 24 -21.46 -22.97 -39.62
N ILE A 25 -21.20 -22.18 -38.58
CA ILE A 25 -22.18 -21.22 -38.06
C ILE A 25 -22.28 -20.02 -39.00
N LYS A 26 -21.13 -19.53 -39.42
CA LYS A 26 -21.02 -18.43 -40.36
C LYS A 26 -19.56 -18.23 -40.73
N LYS A 27 -19.30 -17.32 -41.65
CA LYS A 27 -17.95 -16.96 -42.04
C LYS A 27 -17.65 -15.51 -41.69
N ILE A 28 -16.45 -15.27 -41.19
CA ILE A 28 -16.05 -13.95 -40.73
C ILE A 28 -14.80 -13.47 -41.46
N PRO A 29 -14.48 -12.16 -41.36
CA PRO A 29 -13.31 -11.66 -42.10
C PRO A 29 -12.02 -12.30 -41.60
N ALA A 30 -11.11 -12.60 -42.52
CA ALA A 30 -9.76 -13.00 -42.15
C ALA A 30 -8.81 -11.94 -42.68
N LEU A 31 -8.30 -11.09 -41.78
CA LEU A 31 -7.48 -9.95 -42.20
C LEU A 31 -6.11 -10.42 -42.69
N SER A 32 -5.61 -9.76 -43.73
CA SER A 32 -4.23 -9.96 -44.19
C SER A 32 -3.24 -9.24 -43.26
N ARG A 33 -1.95 -9.52 -43.41
CA ARG A 33 -0.97 -8.82 -42.59
C ARG A 33 -1.01 -7.31 -42.85
N GLU A 34 -1.17 -6.94 -44.11
CA GLU A 34 -1.23 -5.54 -44.50
C GLU A 34 -2.45 -4.86 -43.86
N GLU A 35 -3.58 -5.56 -43.82
CA GLU A 35 -4.75 -5.04 -43.13
C GLU A 35 -4.53 -4.91 -41.61
N ALA A 36 -3.87 -5.89 -40.99
CA ALA A 36 -3.46 -5.74 -39.58
C ALA A 36 -2.54 -4.52 -39.35
N LYS A 37 -1.57 -4.32 -40.22
CA LYS A 37 -0.65 -3.18 -40.10
C LYS A 37 -1.43 -1.88 -40.18
N GLU A 38 -2.35 -1.82 -41.13
CA GLU A 38 -3.21 -0.67 -41.32
C GLU A 38 -4.01 -0.39 -40.05
N ALA A 39 -4.56 -1.43 -39.43
CA ALA A 39 -5.31 -1.26 -38.18
C ALA A 39 -4.42 -0.71 -37.05
N ILE A 40 -3.18 -1.18 -36.98
CA ILE A 40 -2.24 -0.71 -35.95
C ILE A 40 -1.89 0.76 -36.20
N ASP A 41 -1.71 1.14 -37.46
CA ASP A 41 -1.50 2.55 -37.82
C ASP A 41 -2.67 3.43 -37.39
N THR A 42 -3.88 2.92 -37.57
CA THR A 42 -5.08 3.65 -37.13
C THR A 42 -5.08 3.83 -35.62
N ALA A 43 -4.88 2.75 -34.89
CA ALA A 43 -4.83 2.81 -33.44
C ALA A 43 -3.84 3.87 -32.97
N GLU A 44 -2.71 3.94 -33.67
CA GLU A 44 -1.62 4.85 -33.30
C GLU A 44 -2.10 6.30 -33.30
N LYS A 45 -3.02 6.63 -34.21
CA LYS A 45 -3.52 8.00 -34.37
C LYS A 45 -4.34 8.45 -33.18
N TYR A 46 -4.82 7.49 -32.40
CA TYR A 46 -5.73 7.77 -31.30
C TYR A 46 -5.06 7.62 -29.93
N LYS A 47 -3.75 7.42 -29.91
CA LYS A 47 -3.04 7.31 -28.61
C LYS A 47 -3.21 8.56 -27.75
N GLU A 48 -3.11 9.72 -28.34
CA GLU A 48 -3.23 10.97 -27.62
CA GLU A 48 -3.23 10.99 -27.63
C GLU A 48 -4.64 11.16 -27.09
N VAL A 49 -5.65 10.82 -27.86
CA VAL A 49 -7.04 10.91 -27.40
C VAL A 49 -7.26 10.01 -26.16
N MET A 50 -6.83 8.74 -26.26
CA MET A 50 -7.00 7.79 -25.14
C MET A 50 -6.23 8.20 -23.90
N LYS A 51 -5.01 8.68 -24.08
CA LYS A 51 -4.11 9.03 -22.98
C LYS A 51 -4.71 10.17 -22.17
N ASN A 52 -5.43 11.04 -22.86
CA ASN A 52 -6.02 12.19 -22.19
C ASN A 52 -7.48 12.04 -21.83
N LEU A 53 -8.08 10.89 -22.09
CA LEU A 53 -9.47 10.66 -21.73
C LEU A 53 -9.63 10.81 -20.21
N PRO A 54 -10.57 11.67 -19.77
CA PRO A 54 -10.72 11.85 -18.32
C PRO A 54 -11.15 10.58 -17.59
N ILE A 55 -10.91 10.54 -16.30
CA ILE A 55 -11.32 9.43 -15.44
C ILE A 55 -12.82 9.19 -15.54
N THR A 56 -13.60 10.25 -15.45
CA THR A 56 -15.05 10.12 -15.51
C THR A 56 -15.50 9.43 -16.81
N LYS A 57 -14.88 9.79 -17.92
CA LYS A 57 -15.19 9.19 -19.21
C LYS A 57 -14.78 7.71 -19.25
N ARG A 58 -13.59 7.37 -18.75
CA ARG A 58 -13.21 5.96 -18.70
C ARG A 58 -14.15 5.16 -17.80
N TYR A 59 -14.50 5.73 -16.65
CA TYR A 59 -15.45 5.08 -15.74
C TYR A 59 -16.77 4.85 -16.48
N ASN A 60 -17.26 5.90 -17.15
CA ASN A 60 -18.55 5.81 -17.81
C ASN A 60 -18.57 4.74 -18.91
N ILE A 61 -17.50 4.67 -19.70
CA ILE A 61 -17.40 3.70 -20.79
C ILE A 61 -17.40 2.29 -20.19
N LEU A 62 -16.61 2.08 -19.16
CA LEU A 62 -16.49 0.74 -18.58
C LEU A 62 -17.80 0.28 -17.93
N MET A 63 -18.48 1.18 -17.21
CA MET A 63 -19.78 0.84 -16.66
CA MET A 63 -19.81 0.91 -16.65
C MET A 63 -20.81 0.55 -17.76
N ASN A 64 -20.74 1.28 -18.87
CA ASN A 64 -21.74 1.08 -19.92
C ASN A 64 -21.52 -0.26 -20.61
N ILE A 65 -20.25 -0.64 -20.77
CA ILE A 65 -19.93 -1.98 -21.29
C ILE A 65 -20.51 -3.07 -20.38
N ALA A 66 -20.35 -2.92 -19.07
CA ALA A 66 -20.94 -3.86 -18.11
C ALA A 66 -22.48 -3.92 -18.19
N LYS A 67 -23.11 -2.75 -18.33
CA LYS A 67 -24.56 -2.63 -18.48
C LYS A 67 -25.06 -3.40 -19.72
N GLN A 68 -24.40 -3.19 -20.86
CA GLN A 68 -24.83 -3.85 -22.10
C GLN A 68 -24.64 -5.36 -22.02
N ILE A 69 -23.50 -5.79 -21.45
CA ILE A 69 -23.26 -7.23 -21.28
C ILE A 69 -24.37 -7.85 -20.44
N LYS A 70 -24.72 -7.18 -19.35
CA LYS A 70 -25.79 -7.62 -18.46
C LYS A 70 -27.11 -7.72 -19.22
N GLU A 71 -27.40 -6.71 -20.06
CA GLU A 71 -28.65 -6.70 -20.80
C GLU A 71 -28.72 -7.80 -21.85
N LYS A 72 -27.57 -8.26 -22.34
CA LYS A 72 -27.50 -9.31 -23.36
C LYS A 72 -27.00 -10.64 -22.81
N LYS A 73 -27.10 -10.82 -21.51
CA LYS A 73 -26.49 -11.98 -20.84
C LYS A 73 -26.86 -13.30 -21.47
N GLU A 74 -28.17 -13.56 -21.62
CA GLU A 74 -28.61 -14.84 -22.16
C GLU A 74 -28.16 -15.07 -23.62
N GLU A 75 -28.23 -14.04 -24.45
CA GLU A 75 -27.74 -14.11 -25.84
C GLU A 75 -26.25 -14.44 -25.91
N LEU A 76 -25.46 -13.76 -25.09
CA LEU A 76 -24.00 -13.98 -25.02
C LEU A 76 -23.68 -15.39 -24.55
N ALA A 77 -24.43 -15.86 -23.54
CA ALA A 77 -24.26 -17.22 -23.03
C ALA A 77 -24.54 -18.28 -24.10
N LYS A 78 -25.61 -18.08 -24.89
CA LYS A 78 -25.96 -18.97 -26.00
C LYS A 78 -24.86 -19.03 -27.06
N ILE A 79 -24.26 -17.89 -27.36
CA ILE A 79 -23.14 -17.83 -28.30
C ILE A 79 -21.94 -18.65 -27.81
N LEU A 80 -21.62 -18.54 -26.53
CA LEU A 80 -20.55 -19.37 -25.94
C LEU A 80 -20.85 -20.85 -26.09
N ALA A 81 -22.10 -21.23 -25.89
CA ALA A 81 -22.49 -22.63 -26.04
C ALA A 81 -22.36 -23.12 -27.48
N ILE A 82 -22.88 -22.35 -28.43
CA ILE A 82 -22.84 -22.74 -29.84
C ILE A 82 -21.42 -22.67 -30.45
N ASP A 83 -20.66 -21.64 -30.10
CA ASP A 83 -19.36 -21.36 -30.71
C ASP A 83 -18.19 -22.02 -29.96
N ALA A 84 -18.16 -21.89 -28.64
CA ALA A 84 -17.09 -22.50 -27.84
C ALA A 84 -17.43 -23.91 -27.34
N GLY A 85 -18.68 -24.32 -27.54
CA GLY A 85 -19.14 -25.64 -27.07
C GLY A 85 -19.26 -25.71 -25.56
N LYS A 86 -19.44 -24.55 -24.93
CA LYS A 86 -19.46 -24.46 -23.48
C LYS A 86 -20.88 -24.70 -22.95
N PRO A 87 -21.05 -25.68 -22.02
CA PRO A 87 -22.38 -25.93 -21.45
C PRO A 87 -23.01 -24.64 -20.97
N ILE A 88 -24.30 -24.47 -21.28
CA ILE A 88 -24.98 -23.19 -21.07
C ILE A 88 -24.88 -22.66 -19.63
N LYS A 89 -24.95 -23.54 -18.63
CA LYS A 89 -24.84 -23.08 -17.24
C LYS A 89 -23.47 -22.48 -16.96
N GLN A 90 -22.42 -23.07 -17.55
CA GLN A 90 -21.06 -22.55 -17.43
C GLN A 90 -20.88 -21.27 -18.23
N ALA A 91 -21.51 -21.22 -19.40
CA ALA A 91 -21.53 -20.00 -20.21
C ALA A 91 -22.11 -18.80 -19.44
N ARG A 92 -23.23 -18.99 -18.73
CA ARG A 92 -23.82 -17.92 -17.92
C ARG A 92 -22.83 -17.41 -16.86
N VAL A 93 -22.12 -18.33 -16.21
CA VAL A 93 -21.12 -17.96 -15.21
C VAL A 93 -20.01 -17.09 -15.85
N GLU A 94 -19.52 -17.48 -17.02
CA GLU A 94 -18.51 -16.63 -17.69
C GLU A 94 -19.03 -15.21 -17.96
N VAL A 95 -20.27 -15.11 -18.45
CA VAL A 95 -20.84 -13.80 -18.78
C VAL A 95 -20.92 -12.98 -17.50
N GLU A 96 -21.39 -13.61 -16.44
CA GLU A 96 -21.51 -12.93 -15.16
C GLU A 96 -20.16 -12.37 -14.67
N ARG A 97 -19.11 -13.20 -14.77
CA ARG A 97 -17.74 -12.76 -14.41
C ARG A 97 -17.29 -11.56 -15.25
N SER A 98 -17.63 -11.57 -16.53
CA SER A 98 -17.16 -10.52 -17.43
C SER A 98 -17.80 -9.17 -17.05
N ILE A 99 -19.05 -9.20 -16.56
CA ILE A 99 -19.72 -7.98 -16.08
C ILE A 99 -18.92 -7.42 -14.91
N GLY A 100 -18.54 -8.31 -13.99
CA GLY A 100 -17.75 -7.90 -12.81
C GLY A 100 -16.40 -7.31 -13.18
N THR A 101 -15.75 -7.91 -14.18
CA THR A 101 -14.43 -7.44 -14.60
C THR A 101 -14.48 -6.01 -15.15
N PHE A 102 -15.47 -5.70 -15.98
CA PHE A 102 -15.61 -4.33 -16.45
C PHE A 102 -15.95 -3.37 -15.31
N LYS A 103 -16.81 -3.80 -14.38
CA LYS A 103 -17.14 -2.95 -13.24
C LYS A 103 -15.95 -2.66 -12.34
N LEU A 104 -15.14 -3.68 -12.09
CA LEU A 104 -13.99 -3.52 -11.21
C LEU A 104 -12.99 -2.55 -11.82
N ALA A 105 -12.79 -2.66 -13.15
CA ALA A 105 -11.94 -1.73 -13.88
C ALA A 105 -12.45 -0.30 -13.73
N ALA A 106 -13.78 -0.12 -13.77
CA ALA A 106 -14.38 1.19 -13.61
C ALA A 106 -14.04 1.78 -12.24
N PHE A 107 -14.14 0.95 -11.20
CA PHE A 107 -13.79 1.45 -9.89
CA PHE A 107 -13.77 1.27 -9.79
C PHE A 107 -12.31 1.72 -9.71
N TYR A 108 -11.43 0.92 -10.31
CA TYR A 108 -9.99 1.22 -10.21
C TYR A 108 -9.54 2.47 -10.96
N VAL A 109 -10.24 2.86 -12.04
CA VAL A 109 -9.92 4.14 -12.69
C VAL A 109 -10.01 5.26 -11.66
N LYS A 110 -11.03 5.15 -10.82
CA LYS A 110 -11.24 6.15 -9.78
C LYS A 110 -10.33 6.00 -8.55
N GLU A 111 -10.02 4.76 -8.18
CA GLU A 111 -9.39 4.51 -6.90
C GLU A 111 -7.92 4.19 -6.94
N HIS A 112 -7.37 3.83 -8.10
CA HIS A 112 -5.94 3.45 -8.20
CA HIS A 112 -5.98 3.41 -8.09
C HIS A 112 -5.07 4.49 -7.50
N ARG A 113 -4.12 4.07 -6.69
CA ARG A 113 -3.34 5.02 -5.90
C ARG A 113 -1.92 5.13 -6.44
N ASP A 114 -1.42 6.36 -6.47
CA ASP A 114 -0.01 6.63 -6.73
CA ASP A 114 0.00 6.58 -6.70
C ASP A 114 0.62 6.97 -5.37
N GLU A 115 1.93 7.18 -5.34
CA GLU A 115 2.61 7.40 -4.05
C GLU A 115 3.42 8.67 -4.00
N VAL A 116 3.69 9.09 -2.78
CA VAL A 116 4.56 10.22 -2.51
C VAL A 116 5.74 9.72 -1.65
N ILE A 117 6.95 10.06 -2.07
CA ILE A 117 8.15 9.62 -1.35
C ILE A 117 8.80 10.78 -0.58
N PRO A 118 9.14 10.56 0.72
CA PRO A 118 9.68 11.64 1.53
C PRO A 118 10.97 12.18 0.97
N SER A 119 11.14 13.50 1.10
CA SER A 119 12.36 14.15 0.67
C SER A 119 12.43 15.53 1.33
N ASP A 120 13.59 15.90 1.85
CA ASP A 120 13.78 17.26 2.36
C ASP A 120 13.74 18.25 1.18
N ASP A 121 12.84 19.21 1.25
CA ASP A 121 12.77 20.29 0.23
C ASP A 121 12.47 19.82 -1.21
N ARG A 122 11.97 18.59 -1.38
CA ARG A 122 11.45 18.16 -2.67
C ARG A 122 10.16 17.39 -2.47
N LEU A 123 9.18 17.61 -3.35
CA LEU A 123 8.00 16.77 -3.42
C LEU A 123 8.25 15.73 -4.52
N ILE A 124 8.32 14.46 -4.15
CA ILE A 124 8.51 13.36 -5.13
C ILE A 124 7.24 12.52 -5.17
N PHE A 125 6.61 12.41 -6.34
CA PHE A 125 5.44 11.57 -6.46
C PHE A 125 5.44 10.80 -7.77
N THR A 126 4.61 9.76 -7.83
CA THR A 126 4.49 8.96 -9.02
C THR A 126 3.18 9.27 -9.73
N ARG A 127 3.19 8.98 -11.03
CA ARG A 127 2.03 9.08 -11.90
C ARG A 127 2.09 7.91 -12.85
N ARG A 128 0.99 7.15 -12.98
CA ARG A 128 0.92 6.07 -13.99
C ARG A 128 0.38 6.67 -15.29
N GLU A 129 1.01 6.29 -16.40
CA GLU A 129 0.60 6.69 -17.76
C GLU A 129 0.47 5.46 -18.66
N PRO A 130 -0.38 5.52 -19.71
CA PRO A 130 -0.51 4.33 -20.57
C PRO A 130 0.79 3.92 -21.25
N VAL A 131 0.93 2.61 -21.51
CA VAL A 131 2.06 2.10 -22.29
C VAL A 131 1.94 2.54 -23.74
N GLY A 132 0.70 2.73 -24.19
CA GLY A 132 0.40 3.30 -25.50
C GLY A 132 -0.57 2.39 -26.23
N ILE A 133 -0.05 1.54 -27.10
CA ILE A 133 -0.90 0.55 -27.77
C ILE A 133 -0.73 -0.81 -27.11
N VAL A 134 -1.84 -1.32 -26.59
CA VAL A 134 -1.89 -2.65 -26.00
C VAL A 134 -2.36 -3.63 -27.08
N GLY A 135 -1.55 -4.66 -27.32
CA GLY A 135 -1.92 -5.73 -28.22
C GLY A 135 -2.44 -6.91 -27.40
N ALA A 136 -3.73 -7.21 -27.54
CA ALA A 136 -4.38 -8.24 -26.74
C ALA A 136 -4.70 -9.44 -27.61
N ILE A 137 -4.21 -10.62 -27.23
CA ILE A 137 -4.46 -11.83 -28.00
C ILE A 137 -5.08 -12.82 -27.05
N THR A 138 -6.32 -13.21 -27.36
CA THR A 138 -7.17 -13.91 -26.39
C THR A 138 -7.49 -15.33 -26.87
N PRO A 139 -7.77 -16.24 -25.91
CA PRO A 139 -7.96 -17.65 -26.21
C PRO A 139 -9.43 -18.04 -26.52
N PHE A 140 -9.64 -19.27 -26.99
CA PHE A 140 -11.00 -19.72 -27.33
C PHE A 140 -11.87 -20.09 -26.13
N ASN A 141 -11.24 -20.38 -24.99
CA ASN A 141 -11.94 -21.12 -23.92
C ASN A 141 -12.80 -20.28 -22.98
N PHE A 142 -12.32 -19.08 -22.64
CA PHE A 142 -13.14 -18.11 -21.91
C PHE A 142 -12.98 -16.81 -22.69
N PRO A 143 -13.51 -16.78 -23.93
CA PRO A 143 -13.18 -15.70 -24.86
C PRO A 143 -13.77 -14.37 -24.40
N LEU A 144 -14.84 -14.42 -23.60
CA LEU A 144 -15.49 -13.20 -23.13
C LEU A 144 -14.80 -12.65 -21.88
N ASN A 145 -14.72 -13.44 -20.82
CA ASN A 145 -14.10 -12.92 -19.60
C ASN A 145 -12.60 -12.67 -19.76
N LEU A 146 -11.91 -13.52 -20.52
CA LEU A 146 -10.46 -13.30 -20.72
C LEU A 146 -10.14 -12.11 -21.64
N SER A 147 -11.06 -11.81 -22.58
CA SER A 147 -11.04 -10.53 -23.30
C SER A 147 -11.31 -9.38 -22.33
N ALA A 148 -12.32 -9.50 -21.46
CA ALA A 148 -12.59 -8.48 -20.43
C ALA A 148 -11.35 -8.21 -19.57
N HIS A 149 -10.66 -9.27 -19.19
CA HIS A 149 -9.44 -9.14 -18.37
C HIS A 149 -8.27 -8.39 -19.05
N LYS A 150 -8.32 -8.21 -20.37
CA LYS A 150 -7.30 -7.42 -21.07
C LYS A 150 -7.84 -6.05 -21.47
N ILE A 151 -9.06 -6.03 -22.00
CA ILE A 151 -9.69 -4.81 -22.52
C ILE A 151 -9.99 -3.81 -21.40
N ALA A 152 -10.59 -4.31 -20.32
CA ALA A 152 -11.08 -3.47 -19.22
C ALA A 152 -9.89 -2.70 -18.59
N PRO A 153 -8.82 -3.42 -18.22
CA PRO A 153 -7.67 -2.68 -17.65
C PRO A 153 -6.97 -1.76 -18.64
N ALA A 154 -6.93 -2.15 -19.92
CA ALA A 154 -6.35 -1.31 -20.99
C ALA A 154 -7.05 0.06 -21.12
N ILE A 155 -8.38 0.02 -21.19
CA ILE A 155 -9.20 1.24 -21.24
C ILE A 155 -9.00 2.07 -19.97
N ALA A 156 -8.98 1.38 -18.82
CA ALA A 156 -8.85 2.04 -17.51
C ALA A 156 -7.55 2.85 -17.42
N THR A 157 -6.52 2.39 -18.12
CA THR A 157 -5.18 2.97 -18.03
C THR A 157 -4.84 3.86 -19.23
N GLY A 158 -5.84 4.13 -20.07
CA GLY A 158 -5.72 5.12 -21.15
C GLY A 158 -4.98 4.64 -22.38
N ASN A 159 -5.01 3.31 -22.63
CA ASN A 159 -4.40 2.71 -23.82
C ASN A 159 -5.35 2.58 -25.00
N VAL A 160 -4.78 2.70 -26.21
CA VAL A 160 -5.44 2.16 -27.42
C VAL A 160 -5.24 0.64 -27.48
N ILE A 161 -6.19 -0.06 -28.08
CA ILE A 161 -6.17 -1.54 -28.11
C ILE A 161 -6.27 -2.09 -29.53
N VAL A 162 -5.39 -3.05 -29.85
CA VAL A 162 -5.60 -3.91 -31.01
C VAL A 162 -5.75 -5.32 -30.45
N HIS A 163 -6.84 -5.99 -30.83
CA HIS A 163 -7.23 -7.23 -30.18
C HIS A 163 -7.50 -8.33 -31.21
N HIS A 164 -6.71 -9.41 -31.14
CA HIS A 164 -6.99 -10.59 -31.95
C HIS A 164 -7.62 -11.70 -31.11
N PRO A 165 -8.87 -12.06 -31.41
CA PRO A 165 -9.52 -13.16 -30.68
C PRO A 165 -9.22 -14.50 -31.34
N SER A 166 -9.26 -15.59 -30.56
CA SER A 166 -9.09 -16.91 -31.15
C SER A 166 -10.16 -17.21 -32.22
N SER A 167 -9.70 -17.67 -33.38
CA SER A 167 -10.59 -18.07 -34.47
C SER A 167 -11.47 -19.27 -34.12
N LYS A 168 -11.12 -19.97 -33.05
CA LYS A 168 -11.89 -21.14 -32.64
C LYS A 168 -13.22 -20.81 -31.96
N ALA A 169 -13.35 -19.59 -31.40
CA ALA A 169 -14.63 -19.14 -30.84
C ALA A 169 -14.71 -17.61 -30.85
N PRO A 170 -14.69 -17.01 -32.04
CA PRO A 170 -14.58 -15.56 -32.15
C PRO A 170 -15.91 -14.82 -32.00
N LEU A 171 -17.04 -15.53 -32.05
CA LEU A 171 -18.33 -14.83 -32.15
C LEU A 171 -18.69 -13.94 -30.96
N VAL A 172 -18.40 -14.40 -29.74
CA VAL A 172 -18.72 -13.59 -28.57
C VAL A 172 -17.84 -12.33 -28.54
N CYS A 173 -16.63 -12.41 -29.10
CA CYS A 173 -15.71 -11.26 -29.15
C CYS A 173 -16.18 -10.22 -30.17
N ILE A 174 -16.73 -10.69 -31.29
CA ILE A 174 -17.39 -9.81 -32.24
C ILE A 174 -18.57 -9.09 -31.56
N GLU A 175 -19.35 -9.81 -30.75
CA GLU A 175 -20.43 -9.17 -29.99
C GLU A 175 -19.90 -8.17 -28.95
N LEU A 176 -18.84 -8.54 -28.25
CA LEU A 176 -18.22 -7.60 -27.29
C LEU A 176 -17.68 -6.34 -28.00
N ALA A 177 -17.12 -6.52 -29.19
CA ALA A 177 -16.65 -5.38 -29.99
C ALA A 177 -17.75 -4.38 -30.33
N LYS A 178 -18.95 -4.89 -30.63
CA LYS A 178 -20.11 -4.03 -30.93
C LYS A 178 -20.54 -3.26 -29.67
N ILE A 179 -20.52 -3.97 -28.54
CA ILE A 179 -20.82 -3.37 -27.23
C ILE A 179 -19.82 -2.26 -26.93
N ILE A 180 -18.53 -2.53 -27.14
CA ILE A 180 -17.50 -1.49 -26.95
C ILE A 180 -17.74 -0.27 -27.85
N GLU A 181 -18.03 -0.50 -29.12
CA GLU A 181 -18.38 0.54 -30.09
C GLU A 181 -19.58 1.38 -29.62
N ASN A 182 -20.64 0.73 -29.14
CA ASN A 182 -21.80 1.43 -28.58
C ASN A 182 -21.43 2.36 -27.44
N ALA A 183 -20.58 1.89 -26.52
CA ALA A 183 -20.15 2.69 -25.36
C ALA A 183 -19.29 3.89 -25.77
N LEU A 184 -18.33 3.64 -26.66
CA LEU A 184 -17.50 4.68 -27.24
C LEU A 184 -18.32 5.78 -27.92
N LYS A 185 -19.34 5.38 -28.68
CA LYS A 185 -20.21 6.35 -29.36
C LYS A 185 -21.00 7.16 -28.36
N LYS A 186 -21.53 6.48 -27.34
CA LYS A 186 -22.33 7.13 -26.31
C LYS A 186 -21.56 8.27 -25.63
N TYR A 187 -20.26 8.07 -25.44
CA TYR A 187 -19.42 9.05 -24.74
C TYR A 187 -18.47 9.82 -25.65
N ASN A 188 -18.76 9.81 -26.95
CA ASN A 188 -18.07 10.63 -27.96
C ASN A 188 -16.58 10.40 -28.07
N VAL A 189 -16.21 9.13 -28.07
CA VAL A 189 -14.83 8.71 -28.24
C VAL A 189 -14.72 8.02 -29.58
N PRO A 190 -13.68 8.38 -30.38
CA PRO A 190 -13.43 7.75 -31.66
C PRO A 190 -13.39 6.22 -31.54
N LEU A 191 -13.97 5.54 -32.52
CA LEU A 191 -14.06 4.09 -32.49
C LEU A 191 -12.70 3.43 -32.66
N GLY A 192 -11.78 4.17 -33.26
CA GLY A 192 -10.42 3.71 -33.51
C GLY A 192 -9.58 3.40 -32.28
N VAL A 193 -10.07 3.75 -31.08
CA VAL A 193 -9.33 3.42 -29.85
C VAL A 193 -9.34 1.93 -29.50
N TYR A 194 -10.29 1.17 -30.08
CA TYR A 194 -10.40 -0.27 -29.87
C TYR A 194 -10.64 -0.92 -31.23
N ASN A 195 -9.85 -1.95 -31.53
CA ASN A 195 -9.84 -2.56 -32.85
C ASN A 195 -9.81 -4.08 -32.73
N LEU A 196 -10.89 -4.76 -33.12
CA LEU A 196 -10.93 -6.22 -33.17
C LEU A 196 -10.44 -6.68 -34.54
N LEU A 197 -9.39 -7.50 -34.54
CA LEU A 197 -8.78 -7.97 -35.77
C LEU A 197 -8.86 -9.50 -35.85
N THR A 198 -9.75 -9.98 -36.71
CA THR A 198 -10.00 -11.41 -36.83
C THR A 198 -9.19 -11.96 -37.99
N GLY A 199 -8.87 -13.25 -37.91
CA GLY A 199 -8.16 -13.93 -38.99
C GLY A 199 -7.17 -14.94 -38.41
N ALA A 200 -6.22 -15.38 -39.22
CA ALA A 200 -5.25 -16.35 -38.73
C ALA A 200 -4.33 -15.80 -37.62
N GLY A 201 -4.25 -16.51 -36.51
CA GLY A 201 -3.33 -16.17 -35.42
C GLY A 201 -1.91 -15.87 -35.89
N GLU A 202 -1.37 -16.73 -36.75
CA GLU A 202 0.01 -16.58 -37.22
C GLU A 202 0.21 -15.43 -38.22
N VAL A 203 -0.90 -14.82 -38.65
CA VAL A 203 -0.82 -13.66 -39.54
C VAL A 203 -1.16 -12.40 -38.74
N VAL A 204 -2.40 -12.33 -38.27
CA VAL A 204 -2.89 -11.14 -37.57
C VAL A 204 -2.30 -11.03 -36.17
N GLY A 205 -2.39 -12.11 -35.39
CA GLY A 205 -1.78 -12.12 -34.04
C GLY A 205 -0.28 -11.85 -34.10
N ASP A 206 0.40 -12.52 -35.03
CA ASP A 206 1.83 -12.30 -35.24
C ASP A 206 2.20 -10.84 -35.57
N GLU A 207 1.41 -10.19 -36.42
CA GLU A 207 1.66 -8.79 -36.73
C GLU A 207 1.57 -7.93 -35.47
N ILE A 208 0.58 -8.19 -34.61
CA ILE A 208 0.46 -7.48 -33.33
C ILE A 208 1.71 -7.63 -32.47
N VAL A 209 2.27 -8.84 -32.46
CA VAL A 209 3.46 -9.17 -31.67
C VAL A 209 4.70 -8.48 -32.21
N VAL A 210 4.85 -8.49 -33.53
CA VAL A 210 6.04 -8.01 -34.21
C VAL A 210 6.06 -6.49 -34.46
N ASN A 211 4.88 -5.90 -34.65
CA ASN A 211 4.82 -4.50 -35.06
C ASN A 211 5.48 -3.56 -34.05
N GLU A 212 6.41 -2.73 -34.53
CA GLU A 212 7.15 -1.85 -33.63
C GLU A 212 6.31 -0.72 -33.01
N LYS A 213 5.09 -0.51 -33.52
CA LYS A 213 4.20 0.50 -32.91
C LYS A 213 3.42 -0.03 -31.72
N VAL A 214 3.33 -1.35 -31.59
CA VAL A 214 2.64 -1.94 -30.45
C VAL A 214 3.57 -1.82 -29.24
N ASN A 215 3.03 -1.36 -28.10
CA ASN A 215 3.87 -1.09 -26.92
C ASN A 215 3.92 -2.19 -25.87
N MET A 216 2.88 -3.02 -25.85
CA MET A 216 2.80 -4.12 -24.93
CA MET A 216 2.74 -4.11 -24.90
C MET A 216 2.00 -5.25 -25.55
N ILE A 217 2.44 -6.48 -25.32
CA ILE A 217 1.69 -7.69 -25.73
C ILE A 217 1.15 -8.38 -24.49
N SER A 218 -0.16 -8.62 -24.47
CA SER A 218 -0.77 -9.46 -23.43
C SER A 218 -1.40 -10.66 -24.13
N PHE A 219 -0.84 -11.83 -23.90
CA PHE A 219 -1.25 -13.05 -24.59
C PHE A 219 -1.68 -14.11 -23.59
N THR A 220 -2.84 -14.73 -23.86
CA THR A 220 -3.27 -15.91 -23.13
C THR A 220 -3.47 -17.04 -24.14
N GLY A 221 -2.81 -18.16 -23.91
CA GLY A 221 -2.91 -19.32 -24.80
C GLY A 221 -1.82 -20.36 -24.54
N SER A 222 -1.42 -21.08 -25.59
CA SER A 222 -0.47 -22.19 -25.45
C SER A 222 0.93 -21.72 -25.06
N SER A 223 1.58 -22.50 -24.21
CA SER A 223 2.96 -22.22 -23.78
C SER A 223 3.93 -22.18 -24.96
N LYS A 224 3.72 -23.08 -25.92
CA LYS A 224 4.49 -23.06 -27.14
C LYS A 224 4.45 -21.67 -27.81
N VAL A 225 3.24 -21.13 -28.00
CA VAL A 225 3.09 -19.86 -28.69
C VAL A 225 3.71 -18.75 -27.82
N GLY A 226 3.43 -18.80 -26.51
CA GLY A 226 3.99 -17.83 -25.56
C GLY A 226 5.51 -17.75 -25.60
N GLU A 227 6.17 -18.91 -25.64
CA GLU A 227 7.63 -18.94 -25.76
C GLU A 227 8.12 -18.27 -27.06
N LEU A 228 7.47 -18.58 -28.17
CA LEU A 228 7.71 -17.93 -29.47
C LEU A 228 7.62 -16.41 -29.34
N ILE A 229 6.61 -15.94 -28.60
CA ILE A 229 6.39 -14.51 -28.46
C ILE A 229 7.56 -13.82 -27.77
N THR A 230 8.15 -14.48 -26.78
CA THR A 230 9.31 -13.89 -26.10
C THR A 230 10.50 -13.72 -27.06
N LYS A 231 10.54 -14.57 -28.08
CA LYS A 231 11.62 -14.52 -29.06
C LYS A 231 11.34 -13.58 -30.23
N LYS A 232 10.10 -13.12 -30.37
CA LYS A 232 9.68 -12.33 -31.53
C LYS A 232 9.22 -10.91 -31.22
N ALA A 233 8.86 -10.67 -29.96
CA ALA A 233 8.21 -9.42 -29.56
C ALA A 233 9.14 -8.21 -29.63
N GLY A 234 10.43 -8.41 -29.35
CA GLY A 234 11.39 -7.30 -29.32
C GLY A 234 11.21 -6.41 -28.09
N PHE A 235 11.37 -5.09 -28.30
CA PHE A 235 11.36 -4.09 -27.22
C PHE A 235 9.92 -3.67 -26.90
N LYS A 236 9.22 -4.50 -26.14
CA LYS A 236 7.82 -4.30 -25.75
C LYS A 236 7.69 -4.88 -24.35
N LYS A 237 6.76 -4.35 -23.55
CA LYS A 237 6.34 -5.03 -22.33
C LYS A 237 5.55 -6.27 -22.72
N ILE A 238 5.75 -7.36 -21.98
CA ILE A 238 5.18 -8.66 -22.33
C ILE A 238 4.50 -9.29 -21.12
N ALA A 239 3.22 -9.62 -21.28
CA ALA A 239 2.47 -10.40 -20.28
C ALA A 239 1.95 -11.65 -20.96
N LEU A 240 2.11 -12.79 -20.29
CA LEU A 240 1.79 -14.12 -20.83
C LEU A 240 1.08 -14.93 -19.79
N GLU A 241 -0.07 -15.48 -20.19
CA GLU A 241 -0.84 -16.36 -19.33
CA GLU A 241 -0.89 -16.34 -19.36
C GLU A 241 -0.96 -17.64 -20.12
N LEU A 242 -0.13 -18.63 -19.74
CA LEU A 242 -0.03 -19.84 -20.52
C LEU A 242 -0.68 -21.01 -19.78
N GLY A 243 -0.29 -22.22 -20.09
CA GLY A 243 -0.96 -23.35 -19.42
C GLY A 243 -0.04 -24.07 -18.48
N GLY A 244 -0.35 -25.34 -18.25
CA GLY A 244 0.42 -26.16 -17.35
C GLY A 244 -0.21 -27.53 -17.21
N VAL A 245 0.51 -28.45 -16.60
CA VAL A 245 -0.04 -29.73 -16.18
C VAL A 245 -0.19 -29.61 -14.68
N ASN A 246 -1.36 -29.18 -14.25
CA ASN A 246 -1.56 -28.73 -12.88
C ASN A 246 -1.78 -29.86 -11.89
N PRO A 247 -0.85 -30.05 -10.95
CA PRO A 247 -0.95 -31.16 -10.03
C PRO A 247 -1.85 -30.86 -8.81
N ASN A 248 -2.71 -31.83 -8.51
CA ASN A 248 -3.65 -31.78 -7.41
C ASN A 248 -3.35 -32.95 -6.49
N ILE A 249 -3.02 -32.60 -5.25
CA ILE A 249 -2.44 -33.53 -4.27
C ILE A 249 -3.47 -33.85 -3.19
N VAL A 250 -3.71 -35.14 -2.95
CA VAL A 250 -4.67 -35.56 -1.92
C VAL A 250 -3.91 -36.31 -0.83
N LEU A 251 -3.71 -35.66 0.31
CA LEU A 251 -2.99 -36.28 1.43
C LEU A 251 -3.90 -37.26 2.15
N LYS A 252 -3.30 -38.18 2.91
CA LYS A 252 -4.06 -39.24 3.58
C LYS A 252 -5.15 -38.74 4.55
N ASP A 253 -4.99 -37.52 5.05
CA ASP A 253 -5.91 -36.94 6.02
C ASP A 253 -6.95 -36.01 5.39
N ALA A 254 -7.04 -36.03 4.06
CA ALA A 254 -8.02 -35.19 3.36
C ALA A 254 -9.46 -35.59 3.67
N ASP A 255 -10.37 -34.62 3.58
CA ASP A 255 -11.79 -34.93 3.56
C ASP A 255 -12.10 -35.46 2.17
N LEU A 256 -12.30 -36.77 2.05
CA LEU A 256 -12.41 -37.40 0.74
C LEU A 256 -13.64 -37.00 -0.08
N ASN A 257 -14.81 -36.90 0.55
CA ASN A 257 -16.01 -36.45 -0.15
C ASN A 257 -15.81 -35.05 -0.77
N LYS A 258 -15.25 -34.15 0.02
CA LYS A 258 -14.95 -32.77 -0.44
C LYS A 258 -13.89 -32.75 -1.53
N ALA A 259 -12.85 -33.57 -1.40
CA ALA A 259 -11.77 -33.60 -2.39
C ALA A 259 -12.29 -34.12 -3.73
N VAL A 260 -13.11 -35.17 -3.67
CA VAL A 260 -13.73 -35.73 -4.86
C VAL A 260 -14.60 -34.72 -5.60
N ASN A 261 -15.47 -34.03 -4.85
CA ASN A 261 -16.37 -33.06 -5.45
C ASN A 261 -15.58 -31.91 -6.07
N ALA A 262 -14.55 -31.47 -5.36
CA ALA A 262 -13.73 -30.35 -5.84
C ALA A 262 -12.96 -30.76 -7.09
N LEU A 263 -12.45 -32.00 -7.09
CA LEU A 263 -11.67 -32.51 -8.21
C LEU A 263 -12.51 -32.90 -9.42
N ILE A 264 -13.77 -33.28 -9.20
CA ILE A 264 -14.67 -33.50 -10.34
C ILE A 264 -14.83 -32.19 -11.10
N LYS A 265 -15.04 -31.10 -10.36
CA LYS A 265 -15.20 -29.77 -10.94
C LYS A 265 -13.93 -29.39 -11.70
N GLY A 266 -12.78 -29.54 -11.05
CA GLY A 266 -11.50 -29.14 -11.62
C GLY A 266 -11.06 -29.96 -12.80
N SER A 267 -11.44 -31.25 -12.80
CA SER A 267 -11.11 -32.13 -13.90
C SER A 267 -12.00 -31.91 -15.13
N PHE A 268 -13.29 -31.64 -14.90
CA PHE A 268 -14.26 -31.72 -16.01
C PHE A 268 -15.01 -30.45 -16.41
N ILE A 269 -14.89 -29.38 -15.62
CA ILE A 269 -15.35 -28.06 -16.07
C ILE A 269 -14.78 -27.75 -17.45
N TYR A 270 -15.68 -27.33 -18.33
CA TYR A 270 -15.41 -27.04 -19.75
C TYR A 270 -14.57 -28.12 -20.43
N ALA A 271 -14.91 -29.38 -20.15
CA ALA A 271 -14.24 -30.55 -20.71
C ALA A 271 -12.71 -30.51 -20.52
N GLY A 272 -12.27 -29.94 -19.40
CA GLY A 272 -10.84 -29.80 -19.08
C GLY A 272 -10.06 -28.79 -19.92
N GLN A 273 -10.77 -27.91 -20.64
CA GLN A 273 -10.10 -26.98 -21.55
C GLN A 273 -9.84 -25.65 -20.87
N VAL A 274 -9.17 -25.72 -19.71
CA VAL A 274 -8.87 -24.51 -18.94
C VAL A 274 -7.41 -24.54 -18.56
N CYS A 275 -6.74 -23.40 -18.58
CA CYS A 275 -5.31 -23.41 -18.29
C CYS A 275 -5.01 -23.93 -16.89
N ILE A 276 -5.97 -23.77 -15.97
CA ILE A 276 -5.85 -24.26 -14.60
C ILE A 276 -6.63 -25.55 -14.29
N SER A 277 -7.07 -26.28 -15.33
CA SER A 277 -7.72 -27.59 -15.16
C SER A 277 -6.78 -28.59 -14.49
N VAL A 278 -7.36 -29.55 -13.77
CA VAL A 278 -6.58 -30.66 -13.21
C VAL A 278 -5.79 -31.40 -14.29
N GLY A 279 -4.46 -31.38 -14.17
CA GLY A 279 -3.58 -32.13 -15.09
C GLY A 279 -3.19 -33.51 -14.58
N MET A 280 -3.07 -33.63 -13.25
CA MET A 280 -2.79 -34.91 -12.62
C MET A 280 -3.26 -34.86 -11.17
N ILE A 281 -3.69 -36.02 -10.68
CA ILE A 281 -4.01 -36.17 -9.27
C ILE A 281 -2.99 -37.09 -8.64
N LEU A 282 -2.33 -36.62 -7.59
CA LEU A 282 -1.42 -37.44 -6.79
C LEU A 282 -2.16 -37.79 -5.52
N VAL A 283 -2.29 -39.09 -5.22
CA VAL A 283 -3.06 -39.50 -4.06
C VAL A 283 -2.26 -40.44 -3.16
N ASP A 284 -2.34 -40.22 -1.85
CA ASP A 284 -1.62 -41.09 -0.92
C ASP A 284 -2.04 -42.54 -1.09
N GLU A 285 -1.05 -43.43 -1.12
CA GLU A 285 -1.27 -44.87 -1.24
C GLU A 285 -2.32 -45.44 -0.28
N SER A 286 -2.31 -44.95 0.96
CA SER A 286 -3.22 -45.46 2.01
C SER A 286 -4.71 -45.22 1.73
N ILE A 287 -5.03 -44.25 0.87
CA ILE A 287 -6.41 -43.91 0.55
C ILE A 287 -6.70 -43.98 -0.95
N ALA A 288 -5.71 -44.41 -1.73
CA ALA A 288 -5.84 -44.40 -3.19
C ALA A 288 -7.04 -45.19 -3.70
N ASP A 289 -7.25 -46.40 -3.18
CA ASP A 289 -8.36 -47.23 -3.62
C ASP A 289 -9.71 -46.54 -3.36
N LYS A 290 -9.91 -46.04 -2.14
CA LYS A 290 -11.18 -45.38 -1.75
C LYS A 290 -11.41 -44.13 -2.57
N PHE A 291 -10.34 -43.35 -2.77
CA PHE A 291 -10.44 -42.13 -3.56
C PHE A 291 -10.83 -42.42 -5.01
N ILE A 292 -10.11 -43.35 -5.63
CA ILE A 292 -10.33 -43.69 -7.03
C ILE A 292 -11.77 -44.18 -7.25
N GLU A 293 -12.25 -45.05 -6.36
CA GLU A 293 -13.60 -45.58 -6.47
C GLU A 293 -14.62 -44.44 -6.43
N MET A 294 -14.47 -43.55 -5.46
CA MET A 294 -15.38 -42.41 -5.26
C MET A 294 -15.34 -41.46 -6.45
N PHE A 295 -14.14 -41.18 -6.96
CA PHE A 295 -13.93 -40.26 -8.07
C PHE A 295 -14.51 -40.84 -9.38
N VAL A 296 -14.20 -42.10 -9.66
CA VAL A 296 -14.73 -42.74 -10.88
C VAL A 296 -16.27 -42.76 -10.82
N ASN A 297 -16.83 -43.07 -9.65
CA ASN A 297 -18.29 -43.16 -9.50
C ASN A 297 -18.99 -41.83 -9.75
N LYS A 298 -18.40 -40.73 -9.29
CA LYS A 298 -18.96 -39.40 -9.52
C LYS A 298 -18.79 -39.00 -10.99
N ALA A 299 -17.66 -39.37 -11.59
CA ALA A 299 -17.41 -39.04 -13.01
C ALA A 299 -18.33 -39.81 -13.96
N LYS A 300 -18.66 -41.05 -13.59
CA LYS A 300 -19.57 -41.93 -14.32
C LYS A 300 -20.91 -41.31 -14.69
N VAL A 301 -21.47 -40.55 -13.76
CA VAL A 301 -22.84 -40.05 -13.88
C VAL A 301 -22.92 -38.67 -14.53
N LEU A 302 -21.78 -38.12 -14.93
CA LEU A 302 -21.77 -36.84 -15.64
C LEU A 302 -22.54 -36.96 -16.96
N ASN A 303 -23.35 -35.95 -17.26
CA ASN A 303 -24.08 -35.87 -18.53
C ASN A 303 -23.22 -35.24 -19.62
N VAL A 304 -22.91 -36.06 -20.62
CA VAL A 304 -22.06 -35.69 -21.73
C VAL A 304 -22.93 -35.49 -22.97
N GLY A 305 -22.90 -34.29 -23.53
CA GLY A 305 -23.72 -34.03 -24.70
C GLY A 305 -23.77 -32.58 -25.14
N ASN A 306 -24.94 -32.20 -25.66
CA ASN A 306 -25.16 -30.91 -26.29
C ASN A 306 -25.03 -29.76 -25.28
N PRO A 307 -24.08 -28.83 -25.50
CA PRO A 307 -23.92 -27.73 -24.54
C PRO A 307 -25.16 -26.82 -24.36
N LEU A 308 -26.06 -26.80 -25.35
CA LEU A 308 -27.29 -26.01 -25.23
C LEU A 308 -28.31 -26.60 -24.25
N ASP A 309 -28.15 -27.88 -23.92
CA ASP A 309 -29.04 -28.54 -22.98
C ASP A 309 -28.70 -28.12 -21.54
N GLU A 310 -29.71 -27.71 -20.79
CA GLU A 310 -29.54 -27.34 -19.38
C GLU A 310 -29.00 -28.50 -18.54
N LYS A 311 -29.21 -29.72 -19.01
CA LYS A 311 -28.80 -30.95 -18.32
C LYS A 311 -27.30 -31.22 -18.46
N THR A 312 -26.69 -30.68 -19.51
CA THR A 312 -25.32 -31.06 -19.90
C THR A 312 -24.25 -30.57 -18.92
N ASP A 313 -23.44 -31.53 -18.49
CA ASP A 313 -22.28 -31.26 -17.63
C ASP A 313 -21.02 -31.05 -18.47
N VAL A 314 -20.89 -31.87 -19.51
CA VAL A 314 -19.68 -31.91 -20.33
C VAL A 314 -20.02 -31.82 -21.82
N GLY A 315 -19.54 -30.76 -22.46
CA GLY A 315 -19.71 -30.57 -23.90
C GLY A 315 -18.51 -31.09 -24.67
N PRO A 316 -18.45 -30.82 -26.00
CA PRO A 316 -17.39 -31.26 -26.89
C PRO A 316 -16.08 -30.51 -26.66
N LEU A 317 -14.97 -31.08 -27.13
CA LEU A 317 -13.71 -30.35 -27.28
C LEU A 317 -13.84 -29.39 -28.45
N ILE A 318 -12.91 -28.44 -28.54
CA ILE A 318 -13.08 -27.31 -29.44
C ILE A 318 -12.98 -27.67 -30.93
N SER A 319 -12.33 -28.80 -31.25
CA SER A 319 -12.20 -29.28 -32.62
C SER A 319 -12.06 -30.79 -32.67
N VAL A 320 -12.41 -31.38 -33.82
CA VAL A 320 -12.18 -32.81 -34.08
C VAL A 320 -10.67 -33.07 -34.02
N GLU A 321 -9.92 -32.19 -34.67
CA GLU A 321 -8.45 -32.26 -34.72
C GLU A 321 -7.84 -32.45 -33.32
N HIS A 322 -8.23 -31.62 -32.38
CA HIS A 322 -7.71 -31.75 -31.03
C HIS A 322 -8.18 -33.07 -30.38
N ALA A 323 -9.45 -33.42 -30.54
CA ALA A 323 -9.98 -34.65 -29.98
C ALA A 323 -9.24 -35.89 -30.51
N GLU A 324 -8.91 -35.90 -31.81
CA GLU A 324 -8.13 -36.98 -32.43
C GLU A 324 -6.76 -37.10 -31.78
N TRP A 325 -6.14 -35.96 -31.53
CA TRP A 325 -4.83 -35.91 -30.88
C TRP A 325 -4.86 -36.41 -29.44
N VAL A 326 -5.88 -36.00 -28.65
CA VAL A 326 -6.03 -36.49 -27.28
C VAL A 326 -6.14 -38.02 -27.23
N GLU A 327 -6.93 -38.57 -28.14
CA GLU A 327 -7.13 -40.00 -28.29
C GLU A 327 -5.81 -40.76 -28.48
N LYS A 328 -4.91 -40.21 -29.30
CA LYS A 328 -3.58 -40.79 -29.49
C LYS A 328 -2.72 -40.68 -28.24
N VAL A 329 -2.84 -39.58 -27.52
CA VAL A 329 -2.13 -39.43 -26.25
C VAL A 329 -2.60 -40.47 -25.24
N VAL A 330 -3.91 -40.72 -25.21
CA VAL A 330 -4.51 -41.73 -24.33
C VAL A 330 -4.00 -43.13 -24.70
N GLU A 331 -3.99 -43.44 -26.00
CA GLU A 331 -3.43 -44.70 -26.53
C GLU A 331 -1.99 -44.90 -26.08
N LYS A 332 -1.18 -43.86 -26.26
CA LYS A 332 0.22 -43.85 -25.81
C LYS A 332 0.32 -44.05 -24.29
N ALA A 333 -0.55 -43.37 -23.53
CA ALA A 333 -0.58 -43.55 -22.07
C ALA A 333 -0.87 -45.00 -21.67
N ILE A 334 -1.77 -45.64 -22.41
CA ILE A 334 -2.08 -47.06 -22.18
C ILE A 334 -0.88 -47.95 -22.56
N ASP A 335 -0.31 -47.70 -23.74
CA ASP A 335 0.92 -48.39 -24.19
C ASP A 335 1.97 -48.41 -23.09
N GLU A 336 2.17 -47.26 -22.45
CA GLU A 336 3.18 -47.09 -21.42
C GLU A 336 2.86 -47.83 -20.12
N GLY A 337 1.67 -48.41 -20.03
CA GLY A 337 1.28 -49.17 -18.84
C GLY A 337 0.21 -48.50 -18.00
N GLY A 338 -0.40 -47.44 -18.55
CA GLY A 338 -1.53 -46.78 -17.88
C GLY A 338 -2.72 -47.70 -17.82
N LYS A 339 -3.47 -47.61 -16.72
CA LYS A 339 -4.64 -48.46 -16.50
C LYS A 339 -5.92 -47.65 -16.69
N LEU A 340 -6.65 -47.96 -17.75
CA LEU A 340 -7.91 -47.28 -18.04
C LEU A 340 -9.00 -47.65 -17.03
N LEU A 341 -9.52 -46.63 -16.34
CA LEU A 341 -10.53 -46.80 -15.30
C LEU A 341 -11.91 -46.33 -15.74
N LEU A 342 -11.96 -45.35 -16.64
CA LEU A 342 -13.22 -44.84 -17.18
C LEU A 342 -13.03 -44.15 -18.53
N GLY A 343 -14.03 -44.28 -19.40
CA GLY A 343 -14.13 -43.52 -20.62
C GLY A 343 -13.18 -43.98 -21.72
N GLY A 344 -12.38 -43.04 -22.22
CA GLY A 344 -11.51 -43.29 -23.36
C GLY A 344 -12.27 -43.14 -24.68
N LYS A 345 -13.59 -42.96 -24.58
CA LYS A 345 -14.48 -42.92 -25.73
C LYS A 345 -14.54 -41.52 -26.35
N ARG A 346 -14.70 -41.48 -27.68
CA ARG A 346 -14.79 -40.22 -28.42
C ARG A 346 -15.84 -40.35 -29.52
N ASP A 347 -16.69 -39.33 -29.65
CA ASP A 347 -17.65 -39.21 -30.74
C ASP A 347 -17.45 -37.87 -31.45
N LYS A 348 -16.68 -37.90 -32.54
CA LYS A 348 -16.22 -36.70 -33.23
C LYS A 348 -15.41 -35.84 -32.26
N ALA A 349 -15.88 -34.65 -31.91
CA ALA A 349 -15.17 -33.82 -30.94
C ALA A 349 -15.61 -34.07 -29.49
N LEU A 350 -16.69 -34.84 -29.30
CA LEU A 350 -17.20 -35.13 -27.96
C LEU A 350 -16.34 -36.21 -27.28
N PHE A 351 -15.54 -35.77 -26.33
CA PHE A 351 -14.63 -36.66 -25.61
C PHE A 351 -15.15 -36.93 -24.20
N TYR A 352 -15.36 -38.21 -23.88
CA TYR A 352 -15.95 -38.59 -22.60
C TYR A 352 -14.95 -38.54 -21.46
N PRO A 353 -15.43 -38.24 -20.23
CA PRO A 353 -14.57 -38.21 -19.07
C PRO A 353 -13.75 -39.47 -19.01
N THR A 354 -12.43 -39.29 -18.94
CA THR A 354 -11.50 -40.38 -19.04
C THR A 354 -10.55 -40.35 -17.86
N ILE A 355 -10.38 -41.49 -17.22
CA ILE A 355 -9.56 -41.59 -16.02
C ILE A 355 -8.63 -42.80 -16.14
N LEU A 356 -7.34 -42.57 -15.87
CA LEU A 356 -6.36 -43.65 -15.86
C LEU A 356 -5.56 -43.62 -14.57
N GLU A 357 -5.21 -44.79 -14.04
CA GLU A 357 -4.15 -44.82 -13.03
C GLU A 357 -2.81 -45.03 -13.75
N VAL A 358 -1.86 -44.15 -13.49
CA VAL A 358 -0.54 -44.20 -14.13
C VAL A 358 0.59 -44.05 -13.10
N ASP A 359 1.84 -44.19 -13.55
CA ASP A 359 2.98 -43.83 -12.71
C ASP A 359 3.57 -42.49 -13.15
N ARG A 360 4.45 -41.93 -12.33
CA ARG A 360 5.02 -40.59 -12.57
CA ARG A 360 5.03 -40.59 -12.56
C ARG A 360 5.72 -40.43 -13.92
N ASP A 361 6.07 -41.54 -14.56
CA ASP A 361 6.78 -41.48 -15.84
C ASP A 361 5.88 -41.42 -17.07
N ASN A 362 4.58 -41.58 -16.86
CA ASN A 362 3.61 -41.56 -17.94
C ASN A 362 3.58 -40.24 -18.70
N ILE A 363 3.39 -40.35 -20.01
CA ILE A 363 3.23 -39.20 -20.91
C ILE A 363 2.20 -38.17 -20.39
N LEU A 364 1.15 -38.65 -19.73
CA LEU A 364 0.11 -37.75 -19.20
C LEU A 364 0.61 -36.82 -18.10
N CYS A 365 1.65 -37.25 -17.37
CA CYS A 365 2.18 -36.42 -16.30
C CYS A 365 3.04 -35.25 -16.81
N LYS A 366 3.30 -35.25 -18.11
CA LYS A 366 4.17 -34.24 -18.75
C LYS A 366 3.46 -33.49 -19.88
N THR A 367 2.21 -33.85 -20.16
CA THR A 367 1.49 -33.31 -21.31
C THR A 367 0.20 -32.61 -20.94
N GLU A 368 0.09 -31.35 -21.35
CA GLU A 368 -1.14 -30.59 -21.18
C GLU A 368 -2.10 -30.99 -22.29
N THR A 369 -3.14 -31.73 -21.92
CA THR A 369 -4.05 -32.27 -22.93
C THR A 369 -5.21 -31.34 -23.26
N PHE A 370 -5.56 -30.40 -22.37
CA PHE A 370 -6.76 -29.57 -22.57
C PHE A 370 -7.94 -30.48 -22.92
N ALA A 371 -8.22 -31.42 -22.02
CA ALA A 371 -9.14 -32.52 -22.30
C ALA A 371 -9.64 -33.12 -21.01
N PRO A 372 -10.79 -33.83 -21.04
CA PRO A 372 -11.29 -34.45 -19.82
C PRO A 372 -10.60 -35.79 -19.52
N VAL A 373 -9.27 -35.76 -19.45
CA VAL A 373 -8.46 -36.96 -19.30
C VAL A 373 -7.59 -36.80 -18.06
N ILE A 374 -7.84 -37.64 -17.05
CA ILE A 374 -7.25 -37.45 -15.71
C ILE A 374 -6.35 -38.62 -15.30
N PRO A 375 -5.02 -38.37 -15.25
CA PRO A 375 -4.13 -39.38 -14.72
C PRO A 375 -4.09 -39.32 -13.18
N ILE A 376 -4.16 -40.48 -12.55
CA ILE A 376 -4.08 -40.57 -11.09
C ILE A 376 -2.85 -41.40 -10.72
N ILE A 377 -1.99 -40.84 -9.87
CA ILE A 377 -0.77 -41.50 -9.41
C ILE A 377 -0.87 -41.78 -7.92
N ARG A 378 -0.83 -43.05 -7.53
CA ARG A 378 -0.73 -43.33 -6.11
C ARG A 378 0.73 -43.23 -5.67
N THR A 379 0.95 -42.54 -4.56
CA THR A 379 2.31 -42.26 -4.10
C THR A 379 2.35 -42.04 -2.60
N ASN A 380 3.56 -41.83 -2.06
CA ASN A 380 3.71 -41.44 -0.67
C ASN A 380 4.00 -39.95 -0.58
N GLU A 381 3.79 -39.40 0.61
CA GLU A 381 3.88 -37.96 0.78
C GLU A 381 5.24 -37.38 0.33
N GLU A 382 6.33 -38.04 0.71
CA GLU A 382 7.65 -37.46 0.49
C GLU A 382 8.06 -37.36 -0.96
N GLU A 383 7.30 -38.03 -1.84
CA GLU A 383 7.54 -37.97 -3.28
C GLU A 383 6.67 -36.92 -3.96
N MET A 384 5.65 -36.44 -3.25
CA MET A 384 4.62 -35.57 -3.86
C MET A 384 5.12 -34.21 -4.39
N ILE A 385 5.93 -33.51 -3.61
CA ILE A 385 6.46 -32.21 -4.04
C ILE A 385 7.35 -32.41 -5.26
N ASP A 386 8.17 -33.45 -5.26
CA ASP A 386 9.07 -33.71 -6.39
CA ASP A 386 9.07 -33.75 -6.38
C ASP A 386 8.31 -34.00 -7.69
N ILE A 387 7.25 -34.82 -7.61
CA ILE A 387 6.43 -35.14 -8.78
C ILE A 387 5.73 -33.88 -9.29
N ALA A 388 5.11 -33.15 -8.37
CA ALA A 388 4.40 -31.91 -8.71
C ALA A 388 5.29 -30.88 -9.39
N ASN A 389 6.55 -30.79 -8.98
CA ASN A 389 7.48 -29.77 -9.51
C ASN A 389 8.31 -30.22 -10.71
N SER A 390 8.05 -31.44 -11.17
CA SER A 390 8.88 -32.10 -12.19
C SER A 390 8.59 -31.68 -13.64
N THR A 391 7.62 -30.78 -13.85
CA THR A 391 7.28 -30.34 -15.21
C THR A 391 7.99 -29.02 -15.56
N GLU A 392 7.94 -28.62 -16.83
CA GLU A 392 8.47 -27.33 -17.25
C GLU A 392 7.51 -26.19 -16.91
N TYR A 393 6.34 -26.54 -16.37
CA TYR A 393 5.26 -25.57 -16.13
C TYR A 393 5.16 -25.16 -14.66
N GLY A 394 4.35 -24.15 -14.40
CA GLY A 394 4.21 -23.70 -13.03
C GLY A 394 3.04 -22.75 -12.84
N LEU A 395 1.88 -23.15 -13.35
CA LEU A 395 0.67 -22.32 -13.20
C LEU A 395 0.01 -22.53 -11.82
N HIS A 396 -0.88 -23.52 -11.69
CA HIS A 396 -1.54 -23.77 -10.40
C HIS A 396 -1.27 -25.17 -9.88
N SER A 397 -1.27 -25.30 -8.56
CA SER A 397 -1.18 -26.58 -7.86
C SER A 397 -2.25 -26.57 -6.78
N ALA A 398 -2.63 -27.75 -6.30
CA ALA A 398 -3.58 -27.81 -5.19
C ALA A 398 -3.22 -28.93 -4.24
N ILE A 399 -3.54 -28.75 -2.97
CA ILE A 399 -3.36 -29.78 -1.96
C ILE A 399 -4.59 -29.88 -1.04
N PHE A 400 -5.00 -31.13 -0.78
CA PHE A 400 -6.12 -31.40 0.10
C PHE A 400 -5.57 -32.06 1.34
N THR A 401 -5.76 -31.39 2.48
CA THR A 401 -5.23 -31.82 3.77
C THR A 401 -5.88 -30.99 4.88
N ASN A 402 -5.90 -31.52 6.11
CA ASN A 402 -6.37 -30.84 7.30
CA ASN A 402 -6.35 -30.75 7.26
C ASN A 402 -5.21 -30.46 8.22
N ASP A 403 -3.99 -30.75 7.78
CA ASP A 403 -2.77 -30.60 8.56
C ASP A 403 -2.08 -29.26 8.27
N ILE A 404 -2.04 -28.39 9.28
CA ILE A 404 -1.40 -27.07 9.21
C ILE A 404 0.04 -27.14 8.69
N ASN A 405 0.88 -27.93 9.32
CA ASN A 405 2.30 -27.98 8.96
C ASN A 405 2.52 -28.46 7.53
N LYS A 406 1.82 -29.53 7.15
CA LYS A 406 1.91 -30.06 5.80
C LYS A 406 1.42 -29.06 4.74
N SER A 407 0.29 -28.41 5.02
CA SER A 407 -0.22 -27.40 4.09
C SER A 407 0.76 -26.26 3.88
N LEU A 408 1.39 -25.79 4.97
CA LEU A 408 2.36 -24.70 4.89
C LEU A 408 3.64 -25.11 4.15
N LYS A 409 4.10 -26.34 4.41
CA LYS A 409 5.27 -26.90 3.75
C LYS A 409 5.04 -27.03 2.23
N PHE A 410 3.90 -27.57 1.84
CA PHE A 410 3.58 -27.70 0.43
C PHE A 410 3.40 -26.33 -0.23
N ALA A 411 2.69 -25.42 0.45
CA ALA A 411 2.45 -24.07 -0.09
C ALA A 411 3.76 -23.34 -0.42
N GLU A 412 4.76 -23.50 0.44
CA GLU A 412 6.05 -22.84 0.27
C GLU A 412 6.88 -23.52 -0.83
N ASN A 413 6.80 -24.84 -0.90
CA ASN A 413 7.73 -25.61 -1.75
C ASN A 413 7.21 -25.95 -3.13
N LEU A 414 5.90 -25.81 -3.35
CA LEU A 414 5.33 -25.98 -4.69
C LEU A 414 5.71 -24.81 -5.61
N GLU A 415 6.35 -25.13 -6.73
CA GLU A 415 6.87 -24.11 -7.63
C GLU A 415 5.80 -23.67 -8.63
N PHE A 416 4.83 -22.89 -8.13
CA PHE A 416 3.62 -22.54 -8.86
C PHE A 416 3.20 -21.09 -8.60
N GLY A 417 2.53 -20.49 -9.57
CA GLY A 417 2.00 -19.13 -9.44
C GLY A 417 0.82 -19.10 -8.49
N GLY A 418 0.14 -20.23 -8.37
CA GLY A 418 -0.97 -20.37 -7.43
C GLY A 418 -0.92 -21.68 -6.68
N VAL A 419 -1.23 -21.64 -5.39
CA VAL A 419 -1.36 -22.87 -4.60
C VAL A 419 -2.73 -22.84 -3.92
N VAL A 420 -3.56 -23.84 -4.22
CA VAL A 420 -4.91 -23.89 -3.67
C VAL A 420 -4.97 -24.98 -2.60
N ILE A 421 -5.44 -24.62 -1.41
CA ILE A 421 -5.60 -25.58 -0.31
C ILE A 421 -7.07 -25.92 -0.10
N ASN A 422 -7.38 -27.20 -0.22
CA ASN A 422 -8.73 -27.73 -0.07
C ASN A 422 -9.77 -27.31 -1.10
N ASP A 423 -9.28 -26.90 -2.28
CA ASP A 423 -10.09 -26.83 -3.49
C ASP A 423 -9.10 -27.16 -4.61
N SER A 424 -9.59 -27.44 -5.82
CA SER A 424 -8.73 -27.91 -6.91
C SER A 424 -7.93 -26.76 -7.51
N SER A 425 -7.02 -27.10 -8.42
CA SER A 425 -6.25 -26.12 -9.19
C SER A 425 -7.11 -25.11 -9.98
N LEU A 426 -8.36 -25.49 -10.28
CA LEU A 426 -9.25 -24.69 -11.13
C LEU A 426 -9.70 -23.37 -10.49
N PHE A 427 -9.47 -23.23 -9.18
CA PHE A 427 -9.90 -22.00 -8.50
C PHE A 427 -9.21 -20.71 -8.96
N ARG A 428 -10.01 -19.70 -9.31
CA ARG A 428 -9.50 -18.34 -9.55
C ARG A 428 -10.58 -17.35 -9.14
N GLN A 429 -10.30 -16.57 -8.10
CA GLN A 429 -11.16 -15.42 -7.78
C GLN A 429 -10.71 -14.28 -8.69
N ASP A 430 -11.63 -13.66 -9.43
CA ASP A 430 -11.24 -12.75 -10.50
C ASP A 430 -10.43 -11.55 -9.98
N ASN A 431 -10.62 -11.16 -8.73
CA ASN A 431 -9.88 -10.01 -8.19
C ASN A 431 -8.51 -10.36 -7.56
N MET A 432 -8.10 -11.63 -7.62
CA MET A 432 -6.78 -12.04 -7.08
C MET A 432 -5.69 -11.90 -8.14
N PRO A 433 -4.42 -11.68 -7.72
CA PRO A 433 -3.39 -11.69 -8.76
C PRO A 433 -3.23 -13.11 -9.29
N PHE A 434 -3.20 -13.24 -10.62
CA PHE A 434 -3.29 -14.55 -11.25
C PHE A 434 -2.26 -14.72 -12.36
N GLY A 435 -1.50 -15.81 -12.29
CA GLY A 435 -0.52 -16.11 -13.33
C GLY A 435 0.43 -17.22 -12.93
N GLY A 436 1.42 -17.45 -13.78
CA GLY A 436 2.29 -18.61 -13.64
C GLY A 436 3.77 -18.30 -13.61
N VAL A 437 4.54 -19.25 -13.10
CA VAL A 437 6.00 -19.18 -13.13
C VAL A 437 6.52 -20.26 -14.09
N LYS A 438 7.84 -20.40 -14.18
CA LYS A 438 8.46 -21.31 -15.14
C LYS A 438 7.92 -21.00 -16.54
N LYS A 439 7.57 -22.02 -17.33
CA LYS A 439 7.07 -21.74 -18.69
C LYS A 439 5.56 -21.43 -18.77
N SER A 440 4.94 -21.16 -17.62
CA SER A 440 3.51 -20.87 -17.55
C SER A 440 3.13 -19.38 -17.65
N GLY A 441 4.11 -18.49 -17.63
CA GLY A 441 3.72 -17.07 -17.73
C GLY A 441 4.75 -16.03 -17.42
N LEU A 442 4.33 -14.79 -17.66
CA LEU A 442 5.02 -13.58 -17.24
C LEU A 442 3.93 -12.62 -16.84
N GLY A 443 4.09 -11.98 -15.69
CA GLY A 443 3.16 -10.95 -15.22
C GLY A 443 1.93 -11.58 -14.59
N ARG A 444 1.09 -10.71 -14.02
CA ARG A 444 -0.14 -11.16 -13.40
C ARG A 444 -1.34 -10.42 -13.98
N GLU A 445 -2.44 -11.16 -14.08
CA GLU A 445 -3.76 -10.61 -14.42
C GLU A 445 -4.66 -10.52 -13.19
N GLY A 446 -5.92 -10.12 -13.42
CA GLY A 446 -6.74 -9.51 -12.39
C GLY A 446 -6.59 -8.02 -12.61
N VAL A 447 -7.72 -7.31 -12.62
CA VAL A 447 -7.76 -5.96 -13.16
C VAL A 447 -6.70 -5.01 -12.57
N LYS A 448 -6.57 -4.94 -11.26
CA LYS A 448 -5.61 -4.03 -10.62
C LYS A 448 -4.16 -4.34 -11.08
N TYR A 449 -3.86 -5.63 -11.20
CA TYR A 449 -2.52 -6.13 -11.58
C TYR A 449 -2.26 -5.89 -13.06
N ALA A 450 -3.26 -6.09 -13.89
CA ALA A 450 -3.11 -5.86 -15.33
C ALA A 450 -2.93 -4.37 -15.58
N MET A 451 -3.66 -3.55 -14.83
CA MET A 451 -3.50 -2.07 -14.95
C MET A 451 -2.06 -1.62 -14.71
N GLU A 452 -1.38 -2.24 -13.74
CA GLU A 452 0.04 -1.98 -13.48
C GLU A 452 0.96 -2.41 -14.65
N GLU A 453 0.67 -3.58 -15.24
CA GLU A 453 1.43 -4.06 -16.41
C GLU A 453 1.21 -3.14 -17.62
N MET A 454 0.01 -2.58 -17.72
CA MET A 454 -0.41 -1.81 -18.90
C MET A 454 -0.16 -0.30 -18.71
N SER A 455 0.55 0.06 -17.65
CA SER A 455 1.01 1.44 -17.50
C SER A 455 2.52 1.52 -17.21
N ASN A 456 3.09 2.70 -17.46
CA ASN A 456 4.45 3.01 -17.01
C ASN A 456 4.41 4.06 -15.91
N ILE A 457 5.35 3.94 -14.97
CA ILE A 457 5.46 4.91 -13.89
C ILE A 457 6.21 6.14 -14.43
N LYS A 458 5.72 7.33 -14.07
CA LYS A 458 6.46 8.56 -14.21
C LYS A 458 6.74 9.07 -12.80
N THR A 459 8.00 9.37 -12.51
CA THR A 459 8.39 9.97 -11.23
C THR A 459 8.56 11.45 -11.46
N ILE A 460 7.86 12.25 -10.66
CA ILE A 460 7.87 13.70 -10.80
C ILE A 460 8.49 14.26 -9.53
N ILE A 461 9.47 15.14 -9.70
CA ILE A 461 10.23 15.68 -8.58
C ILE A 461 10.12 17.19 -8.61
N ILE A 462 9.52 17.78 -7.59
CA ILE A 462 9.42 19.24 -7.52
C ILE A 462 10.43 19.71 -6.49
N SER A 463 11.44 20.44 -6.95
CA SER A 463 12.54 20.90 -6.09
C SER A 463 12.22 22.24 -5.47
N LYS A 464 12.20 22.28 -4.14
CA LYS A 464 11.83 23.51 -3.43
C LYS A 464 13.05 24.33 -3.10
N TRP B 8 41.35 -20.04 -12.46
CA TRP B 8 41.17 -18.86 -13.36
C TRP B 8 41.34 -17.53 -12.64
N ILE B 9 41.19 -17.56 -11.32
CA ILE B 9 41.31 -16.35 -10.49
C ILE B 9 42.70 -15.71 -10.63
N ASN B 10 43.71 -16.53 -10.90
CA ASN B 10 45.08 -16.04 -11.03
C ASN B 10 45.44 -15.51 -12.43
N ARG B 11 44.54 -15.69 -13.39
CA ARG B 11 44.83 -15.33 -14.79
C ARG B 11 44.94 -13.84 -15.00
N GLU B 12 45.91 -13.45 -15.83
CA GLU B 12 46.09 -12.07 -16.23
C GLU B 12 45.85 -11.99 -17.74
N ASP B 13 44.57 -11.95 -18.13
CA ASP B 13 44.14 -12.02 -19.53
C ASP B 13 43.86 -10.67 -20.18
N MET B 14 43.26 -9.76 -19.44
CA MET B 14 42.66 -8.57 -20.04
C MET B 14 43.19 -7.31 -19.36
N ASP B 15 43.65 -6.36 -20.16
CA ASP B 15 44.17 -5.09 -19.65
C ASP B 15 43.06 -4.26 -19.01
N VAL B 16 43.38 -3.62 -17.90
CA VAL B 16 42.49 -2.65 -17.27
C VAL B 16 43.24 -1.32 -17.28
N ILE B 17 42.62 -0.30 -17.86
CA ILE B 17 43.29 0.96 -18.17
C ILE B 17 42.88 2.09 -17.22
N ASN B 18 43.86 2.92 -16.85
CA ASN B 18 43.56 4.21 -16.19
C ASN B 18 43.22 5.21 -17.29
N PRO B 19 41.98 5.73 -17.31
CA PRO B 19 41.62 6.55 -18.49
C PRO B 19 42.30 7.92 -18.55
N TYR B 20 42.91 8.35 -17.44
CA TYR B 20 43.61 9.64 -17.41
C TYR B 20 45.05 9.51 -17.91
N SER B 21 45.75 8.50 -17.45
CA SER B 21 47.16 8.30 -17.81
C SER B 21 47.32 7.35 -19.00
N LEU B 22 46.27 6.56 -19.26
CA LEU B 22 46.27 5.52 -20.30
C LEU B 22 47.21 4.35 -19.98
N GLU B 23 47.72 4.34 -18.76
CA GLU B 23 48.53 3.23 -18.24
C GLU B 23 47.67 2.02 -17.92
N VAL B 24 48.25 0.85 -18.13
CA VAL B 24 47.63 -0.41 -17.70
C VAL B 24 47.80 -0.50 -16.19
N ILE B 25 46.68 -0.50 -15.47
CA ILE B 25 46.68 -0.60 -14.00
C ILE B 25 47.01 -2.04 -13.62
N LYS B 26 46.30 -2.98 -14.24
CA LYS B 26 46.56 -4.39 -14.07
C LYS B 26 45.86 -5.23 -15.12
N LYS B 27 46.05 -6.54 -15.03
CA LYS B 27 45.43 -7.48 -15.93
C LYS B 27 44.56 -8.43 -15.11
N ILE B 28 43.36 -8.69 -15.60
CA ILE B 28 42.40 -9.51 -14.88
C ILE B 28 41.93 -10.69 -15.74
N PRO B 29 41.23 -11.66 -15.12
CA PRO B 29 40.78 -12.80 -15.91
C PRO B 29 39.69 -12.43 -16.93
N ALA B 30 39.75 -13.08 -18.10
CA ALA B 30 38.66 -13.01 -19.06
C ALA B 30 38.15 -14.42 -19.30
N LEU B 31 36.95 -14.68 -18.82
CA LEU B 31 36.33 -15.99 -18.92
C LEU B 31 35.91 -16.29 -20.35
N SER B 32 36.11 -17.54 -20.75
CA SER B 32 35.57 -18.04 -22.01
C SER B 32 34.07 -18.27 -21.87
N ARG B 33 33.38 -18.41 -23.00
CA ARG B 33 31.95 -18.75 -22.99
C ARG B 33 31.72 -20.04 -22.20
N GLU B 34 32.65 -20.99 -22.34
CA GLU B 34 32.53 -22.28 -21.66
CA GLU B 34 32.56 -22.28 -21.66
C GLU B 34 32.72 -22.12 -20.15
N GLU B 35 33.58 -21.20 -19.74
CA GLU B 35 33.77 -20.92 -18.31
C GLU B 35 32.55 -20.20 -17.75
N ALA B 36 31.98 -19.29 -18.56
CA ALA B 36 30.71 -18.63 -18.22
C ALA B 36 29.59 -19.65 -18.03
N LYS B 37 29.47 -20.61 -18.98
CA LYS B 37 28.50 -21.71 -18.88
C LYS B 37 28.66 -22.49 -17.58
N GLU B 38 29.90 -22.82 -17.22
CA GLU B 38 30.20 -23.56 -15.99
C GLU B 38 29.82 -22.77 -14.73
N ALA B 39 30.11 -21.47 -14.73
CA ALA B 39 29.73 -20.61 -13.62
C ALA B 39 28.21 -20.59 -13.43
N ILE B 40 27.46 -20.60 -14.53
CA ILE B 40 26.00 -20.57 -14.48
C ILE B 40 25.46 -21.92 -13.99
N ASP B 41 26.02 -23.01 -14.50
CA ASP B 41 25.67 -24.37 -14.06
C ASP B 41 25.87 -24.53 -12.57
N THR B 42 27.01 -24.04 -12.09
CA THR B 42 27.32 -24.08 -10.67
C THR B 42 26.39 -23.20 -9.81
N ALA B 43 26.13 -21.97 -10.26
CA ALA B 43 25.15 -21.09 -9.63
C ALA B 43 23.78 -21.77 -9.46
N GLU B 44 23.37 -22.50 -10.50
CA GLU B 44 22.10 -23.23 -10.51
CA GLU B 44 22.09 -23.19 -10.48
C GLU B 44 21.99 -24.15 -9.30
N LYS B 45 23.13 -24.76 -8.92
CA LYS B 45 23.18 -25.73 -7.82
C LYS B 45 22.88 -25.08 -6.47
N TYR B 46 23.00 -23.74 -6.40
CA TYR B 46 22.77 -23.05 -5.13
C TYR B 46 21.45 -22.30 -5.03
N LYS B 47 20.58 -22.51 -6.01
CA LYS B 47 19.25 -21.84 -6.03
C LYS B 47 18.41 -22.18 -4.82
N GLU B 48 18.42 -23.44 -4.41
CA GLU B 48 17.67 -23.86 -3.22
C GLU B 48 18.20 -23.25 -1.93
N VAL B 49 19.52 -23.22 -1.78
CA VAL B 49 20.17 -22.59 -0.63
C VAL B 49 19.78 -21.12 -0.48
N MET B 50 19.89 -20.34 -1.57
CA MET B 50 19.51 -18.93 -1.55
C MET B 50 18.01 -18.72 -1.31
N LYS B 51 17.18 -19.52 -1.97
CA LYS B 51 15.72 -19.42 -1.84
C LYS B 51 15.26 -19.62 -0.39
N ASN B 52 16.00 -20.43 0.34
CA ASN B 52 15.62 -20.76 1.72
C ASN B 52 16.40 -20.04 2.79
N LEU B 53 17.28 -19.14 2.41
CA LEU B 53 18.02 -18.36 3.39
C LEU B 53 17.05 -17.52 4.22
N PRO B 54 17.14 -17.61 5.55
CA PRO B 54 16.24 -16.84 6.40
C PRO B 54 16.39 -15.33 6.22
N ILE B 55 15.32 -14.61 6.55
CA ILE B 55 15.33 -13.15 6.56
C ILE B 55 16.49 -12.60 7.36
N THR B 56 16.71 -13.15 8.57
CA THR B 56 17.76 -12.66 9.46
C THR B 56 19.14 -12.79 8.80
N LYS B 57 19.35 -13.92 8.11
CA LYS B 57 20.61 -14.16 7.40
C LYS B 57 20.84 -13.16 6.24
N ARG B 58 19.82 -12.98 5.39
CA ARG B 58 19.88 -11.97 4.33
C ARG B 58 20.15 -10.57 4.89
N TYR B 59 19.42 -10.21 5.94
CA TYR B 59 19.60 -8.92 6.59
C TYR B 59 21.06 -8.77 7.05
N ASN B 60 21.56 -9.78 7.74
CA ASN B 60 22.93 -9.74 8.26
C ASN B 60 23.98 -9.59 7.17
N ILE B 61 23.80 -10.35 6.08
CA ILE B 61 24.73 -10.31 4.94
C ILE B 61 24.73 -8.92 4.32
N LEU B 62 23.53 -8.37 4.10
CA LEU B 62 23.42 -7.03 3.50
C LEU B 62 24.06 -5.95 4.41
N MET B 63 23.78 -6.01 5.71
CA MET B 63 24.36 -5.05 6.65
C MET B 63 25.89 -5.17 6.72
N ASN B 64 26.40 -6.39 6.64
CA ASN B 64 27.84 -6.59 6.70
C ASN B 64 28.54 -6.11 5.45
N ILE B 65 27.89 -6.26 4.30
CA ILE B 65 28.43 -5.70 3.05
C ILE B 65 28.53 -4.18 3.21
N ALA B 66 27.46 -3.56 3.71
CA ALA B 66 27.47 -2.12 3.95
C ALA B 66 28.60 -1.73 4.91
N LYS B 67 28.77 -2.51 5.98
CA LYS B 67 29.80 -2.22 6.95
C LYS B 67 31.19 -2.26 6.31
N GLN B 68 31.46 -3.29 5.53
CA GLN B 68 32.76 -3.40 4.85
C GLN B 68 33.06 -2.27 3.86
N ILE B 69 32.04 -1.87 3.10
CA ILE B 69 32.18 -0.76 2.14
C ILE B 69 32.52 0.51 2.90
N LYS B 70 31.82 0.75 4.01
CA LYS B 70 32.10 1.90 4.86
C LYS B 70 33.54 1.88 5.39
N GLU B 71 34.02 0.72 5.81
CA GLU B 71 35.39 0.61 6.36
C GLU B 71 36.48 0.78 5.29
N LYS B 72 36.10 0.55 4.03
CA LYS B 72 37.00 0.66 2.89
C LYS B 72 36.68 1.86 2.00
N LYS B 73 35.94 2.83 2.55
CA LYS B 73 35.42 3.94 1.75
C LYS B 73 36.48 4.66 0.90
N GLU B 74 37.56 5.11 1.54
CA GLU B 74 38.59 5.88 0.82
C GLU B 74 39.27 5.06 -0.27
N GLU B 75 39.65 3.84 0.07
CA GLU B 75 40.24 2.90 -0.88
C GLU B 75 39.34 2.70 -2.10
N LEU B 76 38.04 2.48 -1.85
CA LEU B 76 37.12 2.24 -2.96
C LEU B 76 36.96 3.50 -3.81
N ALA B 77 36.92 4.66 -3.16
CA ALA B 77 36.84 5.94 -3.87
C ALA B 77 38.05 6.15 -4.78
N LYS B 78 39.24 5.78 -4.31
CA LYS B 78 40.48 5.90 -5.10
C LYS B 78 40.45 5.01 -6.33
N ILE B 79 39.93 3.79 -6.16
CA ILE B 79 39.78 2.87 -7.28
C ILE B 79 38.86 3.48 -8.35
N LEU B 80 37.75 4.10 -7.94
CA LEU B 80 36.88 4.78 -8.89
C LEU B 80 37.63 5.88 -9.66
N ALA B 81 38.44 6.65 -8.94
CA ALA B 81 39.21 7.73 -9.56
C ALA B 81 40.19 7.18 -10.59
N ILE B 82 40.94 6.15 -10.20
CA ILE B 82 41.99 5.59 -11.04
C ILE B 82 41.43 4.78 -12.22
N ASP B 83 40.40 3.98 -11.96
CA ASP B 83 39.89 3.02 -12.95
C ASP B 83 38.79 3.61 -13.83
N ALA B 84 37.86 4.32 -13.22
CA ALA B 84 36.73 4.91 -13.94
C ALA B 84 36.99 6.37 -14.34
N GLY B 85 38.11 6.93 -13.89
CA GLY B 85 38.42 8.34 -14.16
C GLY B 85 37.52 9.32 -13.44
N LYS B 86 36.93 8.89 -12.33
CA LYS B 86 35.92 9.68 -11.63
C LYS B 86 36.57 10.60 -10.61
N PRO B 87 36.36 11.93 -10.74
CA PRO B 87 36.92 12.83 -9.74
C PRO B 87 36.68 12.33 -8.32
N ILE B 88 37.72 12.41 -7.51
CA ILE B 88 37.72 11.80 -6.17
C ILE B 88 36.54 12.24 -5.28
N LYS B 89 36.19 13.53 -5.33
CA LYS B 89 35.02 14.01 -4.59
C LYS B 89 33.70 13.31 -5.01
N GLN B 90 33.54 13.09 -6.31
CA GLN B 90 32.38 12.37 -6.84
C GLN B 90 32.45 10.87 -6.55
N ALA B 91 33.67 10.32 -6.53
CA ALA B 91 33.87 8.92 -6.16
C ALA B 91 33.40 8.65 -4.75
N ARG B 92 33.68 9.57 -3.83
CA ARG B 92 33.29 9.42 -2.42
C ARG B 92 31.78 9.38 -2.27
N VAL B 93 31.11 10.28 -2.98
CA VAL B 93 29.66 10.31 -3.06
C VAL B 93 29.08 8.98 -3.57
N GLU B 94 29.62 8.44 -4.66
CA GLU B 94 29.15 7.12 -5.13
C GLU B 94 29.29 6.03 -4.04
N VAL B 95 30.45 6.01 -3.38
CA VAL B 95 30.69 5.01 -2.32
C VAL B 95 29.66 5.15 -1.20
N GLU B 96 29.41 6.38 -0.77
CA GLU B 96 28.42 6.67 0.28
C GLU B 96 27.01 6.18 -0.15
N ARG B 97 26.63 6.42 -1.40
CA ARG B 97 25.34 5.93 -1.92
C ARG B 97 25.25 4.40 -1.84
N SER B 98 26.33 3.72 -2.23
CA SER B 98 26.34 2.25 -2.24
C SER B 98 26.11 1.66 -0.85
N ILE B 99 26.65 2.32 0.18
CA ILE B 99 26.43 1.91 1.58
C ILE B 99 24.93 1.98 1.85
N GLY B 100 24.33 3.10 1.47
CA GLY B 100 22.89 3.31 1.63
C GLY B 100 22.02 2.28 0.91
N THR B 101 22.43 1.90 -0.30
CA THR B 101 21.69 0.93 -1.09
C THR B 101 21.67 -0.46 -0.42
N PHE B 102 22.83 -0.89 0.06
CA PHE B 102 22.87 -2.17 0.80
C PHE B 102 22.05 -2.11 2.08
N LYS B 103 22.13 -1.00 2.81
CA LYS B 103 21.34 -0.86 4.04
C LYS B 103 19.82 -0.83 3.81
N LEU B 104 19.39 -0.19 2.74
CA LEU B 104 17.98 -0.13 2.40
C LEU B 104 17.45 -1.50 2.01
N ALA B 105 18.26 -2.27 1.29
CA ALA B 105 17.86 -3.64 0.97
C ALA B 105 17.68 -4.47 2.26
N ALA B 106 18.61 -4.32 3.21
CA ALA B 106 18.49 -4.97 4.53
C ALA B 106 17.15 -4.66 5.20
N PHE B 107 16.77 -3.38 5.20
CA PHE B 107 15.51 -3.07 5.86
CA PHE B 107 15.49 -2.88 5.76
C PHE B 107 14.30 -3.57 5.08
N TYR B 108 14.34 -3.56 3.76
CA TYR B 108 13.25 -4.14 2.98
C TYR B 108 13.13 -5.68 3.07
N VAL B 109 14.22 -6.39 3.38
CA VAL B 109 14.07 -7.83 3.62
C VAL B 109 13.12 -8.05 4.80
N LYS B 110 13.22 -7.15 5.77
CA LYS B 110 12.42 -7.23 6.97
C LYS B 110 11.03 -6.61 6.83
N GLU B 111 10.93 -5.56 6.01
CA GLU B 111 9.71 -4.75 5.95
C GLU B 111 8.81 -4.90 4.74
N HIS B 112 9.29 -5.51 3.65
CA HIS B 112 8.48 -5.63 2.44
CA HIS B 112 8.47 -5.61 2.44
C HIS B 112 7.15 -6.31 2.78
N ARG B 113 6.06 -5.77 2.27
CA ARG B 113 4.73 -6.27 2.60
C ARG B 113 4.08 -7.09 1.49
N ASP B 114 3.43 -8.18 1.89
CA ASP B 114 2.55 -8.92 1.00
CA ASP B 114 2.55 -8.89 0.99
C ASP B 114 1.11 -8.54 1.37
N GLU B 115 0.14 -9.04 0.62
CA GLU B 115 -1.25 -8.64 0.85
C GLU B 115 -2.20 -9.81 1.07
N VAL B 116 -3.35 -9.51 1.67
CA VAL B 116 -4.46 -10.44 1.84
C VAL B 116 -5.65 -9.88 1.07
N ILE B 117 -6.30 -10.72 0.28
CA ILE B 117 -7.47 -10.29 -0.52
C ILE B 117 -8.76 -10.86 0.08
N PRO B 118 -9.79 -10.02 0.27
CA PRO B 118 -11.03 -10.48 0.88
C PRO B 118 -11.66 -11.60 0.09
N SER B 119 -12.23 -12.56 0.82
CA SER B 119 -12.97 -13.64 0.23
C SER B 119 -13.88 -14.24 1.28
N ASP B 120 -15.09 -14.61 0.88
CA ASP B 120 -15.98 -15.37 1.77
C ASP B 120 -15.47 -16.80 1.91
N ASP B 121 -15.20 -17.22 3.13
CA ASP B 121 -14.73 -18.59 3.42
C ASP B 121 -13.46 -19.01 2.65
N ARG B 122 -12.62 -18.04 2.27
CA ARG B 122 -11.28 -18.34 1.77
C ARG B 122 -10.31 -17.32 2.31
N LEU B 123 -9.12 -17.75 2.71
CA LEU B 123 -8.01 -16.84 3.01
C LEU B 123 -7.13 -16.77 1.77
N ILE B 124 -7.07 -15.61 1.14
CA ILE B 124 -6.23 -15.42 -0.04
C ILE B 124 -5.09 -14.46 0.26
N PHE B 125 -3.85 -14.92 0.11
CA PHE B 125 -2.73 -14.03 0.38
C PHE B 125 -1.59 -14.25 -0.61
N THR B 126 -0.69 -13.28 -0.69
CA THR B 126 0.44 -13.36 -1.62
C THR B 126 1.74 -13.63 -0.89
N ARG B 127 2.72 -14.14 -1.64
CA ARG B 127 4.05 -14.42 -1.14
C ARG B 127 4.98 -14.12 -2.32
N ARG B 128 6.07 -13.40 -2.07
CA ARG B 128 7.06 -13.14 -3.11
C ARG B 128 8.13 -14.24 -2.99
N GLU B 129 8.56 -14.80 -4.11
CA GLU B 129 9.63 -15.81 -4.15
C GLU B 129 10.67 -15.42 -5.20
N PRO B 130 11.93 -15.88 -5.04
CA PRO B 130 12.92 -15.46 -6.06
C PRO B 130 12.62 -15.89 -7.49
N VAL B 131 13.05 -15.08 -8.44
CA VAL B 131 12.97 -15.48 -9.85
C VAL B 131 13.89 -16.65 -10.16
N GLY B 132 15.01 -16.76 -9.43
CA GLY B 132 15.94 -17.87 -9.57
C GLY B 132 17.36 -17.33 -9.69
N ILE B 133 17.92 -17.41 -10.89
CA ILE B 133 19.22 -16.82 -11.17
C ILE B 133 19.02 -15.45 -11.81
N VAL B 134 19.52 -14.42 -11.14
CA VAL B 134 19.54 -13.06 -11.65
C VAL B 134 20.87 -12.85 -12.36
N GLY B 135 20.78 -12.52 -13.65
CA GLY B 135 21.96 -12.12 -14.43
C GLY B 135 22.06 -10.61 -14.42
N ALA B 136 23.03 -10.09 -13.66
CA ALA B 136 23.24 -8.65 -13.52
C ALA B 136 24.37 -8.22 -14.44
N ILE B 137 24.13 -7.21 -15.26
CA ILE B 137 25.15 -6.71 -16.17
C ILE B 137 25.26 -5.21 -15.90
N THR B 138 26.42 -4.78 -15.41
CA THR B 138 26.56 -3.45 -14.83
C THR B 138 27.52 -2.59 -15.65
N PRO B 139 27.36 -1.26 -15.57
CA PRO B 139 28.04 -0.33 -16.44
C PRO B 139 29.34 0.21 -15.84
N PHE B 140 30.15 0.88 -16.66
CA PHE B 140 31.43 1.39 -16.23
C PHE B 140 31.32 2.66 -15.36
N ASN B 141 30.19 3.37 -15.44
CA ASN B 141 30.13 4.76 -14.97
C ASN B 141 29.86 4.97 -13.48
N PHE B 142 28.94 4.17 -12.92
CA PHE B 142 28.74 4.11 -11.48
C PHE B 142 28.80 2.61 -11.13
N PRO B 143 29.99 2.00 -11.34
CA PRO B 143 30.12 0.55 -11.21
C PRO B 143 29.88 0.02 -9.81
N LEU B 144 30.08 0.85 -8.79
CA LEU B 144 29.86 0.38 -7.43
C LEU B 144 28.38 0.51 -7.06
N ASN B 145 27.83 1.72 -7.13
CA ASN B 145 26.42 1.88 -6.76
C ASN B 145 25.42 1.20 -7.72
N LEU B 146 25.71 1.20 -9.03
CA LEU B 146 24.80 0.54 -9.94
C LEU B 146 24.88 -0.99 -9.84
N SER B 147 26.03 -1.53 -9.42
CA SER B 147 26.11 -2.94 -8.99
C SER B 147 25.29 -3.16 -7.71
N ALA B 148 25.39 -2.24 -6.76
CA ALA B 148 24.66 -2.36 -5.49
C ALA B 148 23.14 -2.38 -5.76
N HIS B 149 22.71 -1.59 -6.73
CA HIS B 149 21.28 -1.50 -7.08
C HIS B 149 20.74 -2.78 -7.72
N LYS B 150 21.62 -3.70 -8.13
CA LYS B 150 21.18 -5.01 -8.61
C LYS B 150 21.45 -6.12 -7.60
N ILE B 151 22.67 -6.15 -7.06
CA ILE B 151 23.07 -7.14 -6.06
C ILE B 151 22.23 -7.09 -4.77
N ALA B 152 22.09 -5.90 -4.19
CA ALA B 152 21.38 -5.77 -2.92
C ALA B 152 19.92 -6.29 -3.01
N PRO B 153 19.12 -5.81 -3.98
CA PRO B 153 17.77 -6.40 -4.11
C PRO B 153 17.74 -7.90 -4.47
N ALA B 154 18.71 -8.37 -5.27
CA ALA B 154 18.79 -9.79 -5.60
C ALA B 154 18.99 -10.68 -4.38
N ILE B 155 19.95 -10.29 -3.53
CA ILE B 155 20.19 -11.01 -2.27
C ILE B 155 18.94 -10.94 -1.37
N ALA B 156 18.38 -9.75 -1.27
CA ALA B 156 17.19 -9.54 -0.44
C ALA B 156 16.01 -10.45 -0.81
N THR B 157 15.89 -10.78 -2.09
CA THR B 157 14.77 -11.57 -2.61
C THR B 157 15.12 -13.06 -2.83
N GLY B 158 16.30 -13.49 -2.36
CA GLY B 158 16.65 -14.93 -2.35
C GLY B 158 17.12 -15.52 -3.67
N ASN B 159 17.70 -14.69 -4.51
CA ASN B 159 18.22 -15.08 -5.81
C ASN B 159 19.69 -15.40 -5.77
N VAL B 160 20.10 -16.36 -6.59
CA VAL B 160 21.50 -16.55 -6.95
C VAL B 160 21.85 -15.50 -8.01
N ILE B 161 23.09 -15.02 -7.99
CA ILE B 161 23.52 -13.98 -8.91
C ILE B 161 24.73 -14.38 -9.78
N VAL B 162 24.63 -14.14 -11.09
CA VAL B 162 25.80 -14.11 -11.97
C VAL B 162 25.94 -12.70 -12.51
N HIS B 163 27.11 -12.12 -12.32
CA HIS B 163 27.28 -10.68 -12.47
C HIS B 163 28.46 -10.39 -13.37
N HIS B 164 28.18 -9.79 -14.53
CA HIS B 164 29.24 -9.27 -15.40
C HIS B 164 29.39 -7.75 -15.28
N PRO B 165 30.55 -7.29 -14.77
CA PRO B 165 30.82 -5.86 -14.67
C PRO B 165 31.47 -5.37 -15.97
N SER B 166 31.28 -4.09 -16.31
CA SER B 166 31.92 -3.54 -17.48
C SER B 166 33.45 -3.65 -17.37
N SER B 167 34.09 -4.11 -18.44
CA SER B 167 35.54 -4.22 -18.48
C SER B 167 36.26 -2.87 -18.53
N LYS B 168 35.50 -1.80 -18.70
CA LYS B 168 36.07 -0.46 -18.76
C LYS B 168 36.42 0.09 -17.38
N ALA B 169 35.78 -0.46 -16.34
CA ALA B 169 36.09 -0.09 -14.96
C ALA B 169 35.70 -1.20 -13.98
N PRO B 170 36.32 -2.38 -14.11
CA PRO B 170 35.94 -3.57 -13.32
C PRO B 170 36.51 -3.64 -11.90
N LEU B 171 37.52 -2.84 -11.58
CA LEU B 171 38.27 -3.08 -10.34
C LEU B 171 37.47 -2.88 -9.05
N VAL B 172 36.57 -1.91 -9.04
CA VAL B 172 35.76 -1.70 -7.85
C VAL B 172 34.80 -2.88 -7.67
N CYS B 173 34.38 -3.50 -8.79
CA CYS B 173 33.48 -4.67 -8.76
C CYS B 173 34.17 -5.91 -8.24
N ILE B 174 35.46 -6.03 -8.57
CA ILE B 174 36.28 -7.11 -8.02
C ILE B 174 36.41 -6.92 -6.50
N GLU B 175 36.58 -5.67 -6.07
CA GLU B 175 36.62 -5.35 -4.64
C GLU B 175 35.31 -5.65 -3.94
N LEU B 176 34.19 -5.30 -4.59
CA LEU B 176 32.87 -5.56 -4.02
C LEU B 176 32.64 -7.07 -3.89
N ALA B 177 33.09 -7.84 -4.88
CA ALA B 177 32.95 -9.30 -4.89
C ALA B 177 33.67 -9.95 -3.70
N LYS B 178 34.89 -9.49 -3.43
CA LYS B 178 35.64 -9.90 -2.23
C LYS B 178 34.84 -9.57 -0.95
N ILE B 179 34.29 -8.36 -0.89
CA ILE B 179 33.43 -7.94 0.23
C ILE B 179 32.20 -8.85 0.40
N ILE B 180 31.53 -9.17 -0.70
CA ILE B 180 30.38 -10.09 -0.68
C ILE B 180 30.84 -11.48 -0.20
N GLU B 181 31.95 -11.97 -0.76
CA GLU B 181 32.55 -13.23 -0.32
C GLU B 181 32.80 -13.26 1.21
N ASN B 182 33.35 -12.18 1.75
CA ASN B 182 33.59 -12.08 3.21
C ASN B 182 32.30 -12.20 4.02
N ALA B 183 31.24 -11.53 3.56
CA ALA B 183 29.94 -11.57 4.22
C ALA B 183 29.32 -12.95 4.17
N LEU B 184 29.42 -13.59 3.02
CA LEU B 184 28.89 -14.95 2.85
C LEU B 184 29.61 -15.93 3.79
N LYS B 185 30.92 -15.85 3.83
CA LYS B 185 31.73 -16.69 4.73
C LYS B 185 31.35 -16.50 6.19
N LYS B 186 31.22 -15.23 6.59
CA LYS B 186 30.87 -14.87 7.97
C LYS B 186 29.56 -15.54 8.43
N TYR B 187 28.59 -15.65 7.52
CA TYR B 187 27.27 -16.17 7.87
C TYR B 187 26.99 -17.57 7.30
N ASN B 188 28.07 -18.26 6.93
CA ASN B 188 28.06 -19.67 6.50
CA ASN B 188 28.03 -19.67 6.53
C ASN B 188 27.19 -19.98 5.28
N VAL B 189 27.25 -19.10 4.29
CA VAL B 189 26.55 -19.31 3.04
C VAL B 189 27.59 -19.65 1.98
N PRO B 190 27.30 -20.66 1.14
CA PRO B 190 28.24 -21.01 0.06
C PRO B 190 28.55 -19.82 -0.82
N LEU B 191 29.81 -19.72 -1.24
CA LEU B 191 30.27 -18.62 -2.09
C LEU B 191 29.61 -18.63 -3.46
N GLY B 192 29.16 -19.81 -3.87
CA GLY B 192 28.53 -20.01 -5.19
C GLY B 192 27.21 -19.28 -5.43
N VAL B 193 26.64 -18.68 -4.39
CA VAL B 193 25.41 -17.90 -4.53
C VAL B 193 25.62 -16.56 -5.27
N TYR B 194 26.85 -16.04 -5.24
CA TYR B 194 27.21 -14.83 -5.98
C TYR B 194 28.48 -15.07 -6.80
N ASN B 195 28.42 -14.74 -8.08
CA ASN B 195 29.51 -15.04 -9.01
C ASN B 195 29.86 -13.84 -9.89
N LEU B 196 31.04 -13.28 -9.68
CA LEU B 196 31.52 -12.21 -10.55
C LEU B 196 32.24 -12.83 -11.75
N LEU B 197 31.75 -12.51 -12.93
CA LEU B 197 32.26 -13.07 -14.19
C LEU B 197 32.84 -11.95 -15.07
N THR B 198 34.18 -11.84 -15.06
CA THR B 198 34.87 -10.81 -15.82
C THR B 198 35.22 -11.31 -17.21
N GLY B 199 35.33 -10.38 -18.16
CA GLY B 199 35.74 -10.72 -19.52
C GLY B 199 35.01 -9.88 -20.55
N ALA B 200 35.04 -10.35 -21.78
CA ALA B 200 34.46 -9.62 -22.90
C ALA B 200 32.94 -9.65 -22.80
N GLY B 201 32.33 -8.47 -22.84
CA GLY B 201 30.88 -8.35 -22.79
C GLY B 201 30.22 -9.22 -23.85
N GLU B 202 30.82 -9.28 -25.03
CA GLU B 202 30.22 -10.04 -26.13
C GLU B 202 30.41 -11.57 -25.99
N VAL B 203 31.17 -11.99 -24.99
CA VAL B 203 31.32 -13.40 -24.64
C VAL B 203 30.55 -13.70 -23.34
N VAL B 204 30.98 -13.07 -22.25
CA VAL B 204 30.48 -13.35 -20.91
C VAL B 204 29.08 -12.74 -20.71
N GLY B 205 28.95 -11.45 -21.05
CA GLY B 205 27.64 -10.78 -21.01
C GLY B 205 26.64 -11.48 -21.90
N ASP B 206 27.05 -11.79 -23.13
CA ASP B 206 26.19 -12.50 -24.09
C ASP B 206 25.71 -13.86 -23.55
N GLU B 207 26.61 -14.63 -22.94
CA GLU B 207 26.25 -15.93 -22.39
C GLU B 207 25.22 -15.80 -21.26
N ILE B 208 25.35 -14.77 -20.41
CA ILE B 208 24.38 -14.55 -19.35
C ILE B 208 22.99 -14.25 -19.91
N VAL B 209 22.96 -13.47 -20.98
CA VAL B 209 21.70 -13.09 -21.64
C VAL B 209 21.01 -14.26 -22.31
N VAL B 210 21.80 -15.09 -23.01
CA VAL B 210 21.24 -16.20 -23.80
C VAL B 210 21.02 -17.51 -23.04
N ASN B 211 21.79 -17.73 -21.96
CA ASN B 211 21.72 -19.00 -21.23
C ASN B 211 20.33 -19.28 -20.65
N GLU B 212 19.77 -20.44 -20.98
CA GLU B 212 18.39 -20.75 -20.59
C GLU B 212 18.20 -21.02 -19.09
N LYS B 213 19.30 -21.19 -18.36
CA LYS B 213 19.25 -21.35 -16.90
C LYS B 213 19.09 -20.02 -16.16
N VAL B 214 19.45 -18.93 -16.82
CA VAL B 214 19.31 -17.61 -16.20
C VAL B 214 17.84 -17.23 -16.26
N ASN B 215 17.27 -16.76 -15.14
CA ASN B 215 15.83 -16.51 -15.06
C ASN B 215 15.42 -15.07 -15.33
N MET B 216 16.37 -14.16 -15.15
CA MET B 216 16.11 -12.73 -15.28
CA MET B 216 16.11 -12.74 -15.27
C MET B 216 17.39 -12.02 -15.67
N ILE B 217 17.25 -11.02 -16.55
CA ILE B 217 18.37 -10.16 -16.93
C ILE B 217 18.05 -8.76 -16.44
N SER B 218 19.03 -8.18 -15.74
CA SER B 218 18.97 -6.79 -15.34
C SER B 218 20.24 -6.14 -15.86
N PHE B 219 20.05 -5.26 -16.84
CA PHE B 219 21.15 -4.65 -17.59
C PHE B 219 21.05 -3.14 -17.47
N THR B 220 22.19 -2.49 -17.19
CA THR B 220 22.29 -1.02 -17.25
C THR B 220 23.43 -0.70 -18.21
N GLY B 221 23.16 0.16 -19.20
CA GLY B 221 24.13 0.49 -20.24
C GLY B 221 23.50 1.15 -21.44
N SER B 222 24.12 1.01 -22.61
CA SER B 222 23.63 1.70 -23.80
C SER B 222 22.30 1.16 -24.34
N SER B 223 21.48 2.06 -24.89
CA SER B 223 20.19 1.67 -25.45
C SER B 223 20.35 0.68 -26.59
N LYS B 224 21.42 0.81 -27.36
CA LYS B 224 21.68 -0.13 -28.47
C LYS B 224 21.86 -1.56 -27.96
N VAL B 225 22.60 -1.71 -26.88
CA VAL B 225 22.83 -3.04 -26.29
C VAL B 225 21.53 -3.55 -25.66
N GLY B 226 20.80 -2.64 -25.00
CA GLY B 226 19.50 -2.98 -24.41
C GLY B 226 18.54 -3.55 -25.43
N GLU B 227 18.47 -2.90 -26.59
CA GLU B 227 17.58 -3.34 -27.68
C GLU B 227 17.95 -4.77 -28.13
N LEU B 228 19.24 -5.04 -28.29
CA LEU B 228 19.71 -6.37 -28.67
C LEU B 228 19.38 -7.42 -27.59
N ILE B 229 19.47 -7.03 -26.32
CA ILE B 229 19.06 -7.94 -25.23
C ILE B 229 17.61 -8.39 -25.42
N THR B 230 16.71 -7.45 -25.73
CA THR B 230 15.29 -7.80 -25.96
C THR B 230 15.11 -8.84 -27.07
N LYS B 231 16.03 -8.86 -28.03
CA LYS B 231 15.98 -9.80 -29.17
C LYS B 231 16.67 -11.14 -28.91
N LYS B 232 17.46 -11.22 -27.84
CA LYS B 232 18.26 -12.42 -27.58
C LYS B 232 17.95 -13.14 -26.26
N ALA B 233 17.28 -12.44 -25.33
CA ALA B 233 17.07 -12.98 -23.99
C ALA B 233 16.14 -14.19 -23.95
N GLY B 234 15.12 -14.21 -24.81
CA GLY B 234 14.15 -15.30 -24.81
C GLY B 234 13.22 -15.22 -23.62
N PHE B 235 12.82 -16.38 -23.11
CA PHE B 235 11.85 -16.47 -22.02
C PHE B 235 12.52 -16.18 -20.65
N LYS B 236 12.73 -14.89 -20.38
CA LYS B 236 13.32 -14.42 -19.15
C LYS B 236 12.57 -13.16 -18.79
N LYS B 237 12.54 -12.83 -17.49
CA LYS B 237 12.16 -11.48 -17.04
C LYS B 237 13.29 -10.55 -17.43
N ILE B 238 12.94 -9.35 -17.88
CA ILE B 238 13.94 -8.38 -18.37
C ILE B 238 13.74 -7.02 -17.75
N ALA B 239 14.80 -6.49 -17.15
CA ALA B 239 14.85 -5.11 -16.69
C ALA B 239 16.01 -4.40 -17.39
N LEU B 240 15.73 -3.22 -17.94
CA LEU B 240 16.72 -2.44 -18.70
C LEU B 240 16.74 -1.01 -18.21
N GLU B 241 17.95 -0.52 -17.94
CA GLU B 241 18.14 0.89 -17.57
C GLU B 241 19.15 1.42 -18.57
N LEU B 242 18.66 2.23 -19.51
CA LEU B 242 19.46 2.59 -20.66
C LEU B 242 19.70 4.09 -20.60
N GLY B 243 19.97 4.71 -21.74
CA GLY B 243 20.28 6.12 -21.69
C GLY B 243 19.24 6.96 -22.38
N GLY B 244 19.68 8.14 -22.81
CA GLY B 244 18.80 9.07 -23.51
C GLY B 244 19.49 10.38 -23.80
N VAL B 245 18.81 11.24 -24.57
CA VAL B 245 19.27 12.61 -24.78
C VAL B 245 18.34 13.47 -23.95
N ASN B 246 18.70 13.75 -22.70
CA ASN B 246 17.71 14.23 -21.73
C ASN B 246 17.47 15.75 -21.82
N PRO B 247 16.25 16.15 -22.20
CA PRO B 247 16.02 17.59 -22.43
C PRO B 247 15.76 18.33 -21.15
N ASN B 248 16.41 19.50 -21.02
CA ASN B 248 16.25 20.35 -19.86
C ASN B 248 15.74 21.68 -20.36
N ILE B 249 14.60 22.12 -19.84
CA ILE B 249 13.82 23.23 -20.41
C ILE B 249 13.87 24.41 -19.45
N VAL B 250 14.21 25.58 -19.97
CA VAL B 250 14.30 26.77 -19.12
C VAL B 250 13.28 27.75 -19.64
N LEU B 251 12.19 27.94 -18.89
CA LEU B 251 11.15 28.90 -19.28
C LEU B 251 11.56 30.33 -18.93
N LYS B 252 10.90 31.32 -19.52
CA LYS B 252 11.32 32.72 -19.34
C LYS B 252 11.16 33.23 -17.91
N ASP B 253 10.34 32.55 -17.10
CA ASP B 253 10.18 32.97 -15.70
C ASP B 253 11.09 32.23 -14.72
N ALA B 254 12.01 31.41 -15.23
CA ALA B 254 12.93 30.64 -14.38
C ALA B 254 13.87 31.53 -13.57
N ASP B 255 14.19 31.10 -12.35
CA ASP B 255 15.29 31.70 -11.60
C ASP B 255 16.61 31.31 -12.30
N LEU B 256 17.22 32.25 -13.00
CA LEU B 256 18.36 31.95 -13.89
C LEU B 256 19.63 31.51 -13.17
N ASN B 257 19.93 32.16 -12.05
CA ASN B 257 21.06 31.78 -11.20
C ASN B 257 20.97 30.30 -10.79
N LYS B 258 19.79 29.91 -10.29
CA LYS B 258 19.53 28.53 -9.85
C LYS B 258 19.57 27.55 -11.02
N ALA B 259 18.97 27.94 -12.14
CA ALA B 259 18.93 27.09 -13.31
C ALA B 259 20.37 26.83 -13.83
N VAL B 260 21.17 27.89 -13.90
CA VAL B 260 22.55 27.75 -14.33
C VAL B 260 23.35 26.82 -13.42
N ASN B 261 23.26 27.04 -12.11
CA ASN B 261 23.96 26.17 -11.18
C ASN B 261 23.53 24.71 -11.32
N ALA B 262 22.21 24.50 -11.41
CA ALA B 262 21.68 23.13 -11.53
C ALA B 262 22.12 22.50 -12.83
N LEU B 263 22.16 23.30 -13.91
CA LEU B 263 22.49 22.75 -15.23
C LEU B 263 23.98 22.54 -15.42
N ILE B 264 24.80 23.33 -14.73
CA ILE B 264 26.25 23.10 -14.71
C ILE B 264 26.54 21.71 -14.11
N LYS B 265 25.93 21.39 -12.98
CA LYS B 265 26.05 20.05 -12.38
C LYS B 265 25.56 18.97 -13.34
N GLY B 266 24.34 19.14 -13.85
CA GLY B 266 23.70 18.14 -14.70
C GLY B 266 24.46 17.90 -16.01
N SER B 267 25.09 18.96 -16.51
CA SER B 267 25.87 18.89 -17.73
C SER B 267 27.23 18.24 -17.55
N PHE B 268 27.86 18.49 -16.40
CA PHE B 268 29.29 18.21 -16.31
C PHE B 268 29.75 17.23 -15.24
N ILE B 269 28.86 16.87 -14.30
CA ILE B 269 29.14 15.75 -13.41
C ILE B 269 29.58 14.51 -14.22
N TYR B 270 30.65 13.86 -13.73
CA TYR B 270 31.30 12.71 -14.38
C TYR B 270 31.48 12.90 -15.89
N ALA B 271 31.87 14.12 -16.28
CA ALA B 271 32.15 14.45 -17.68
C ALA B 271 30.97 14.12 -18.62
N GLY B 272 29.75 14.20 -18.08
CA GLY B 272 28.56 13.89 -18.86
C GLY B 272 28.29 12.40 -19.12
N GLN B 273 29.05 11.52 -18.46
CA GLN B 273 28.91 10.08 -18.67
C GLN B 273 27.88 9.49 -17.70
N VAL B 274 26.69 10.09 -17.66
CA VAL B 274 25.61 9.59 -16.82
C VAL B 274 24.37 9.40 -17.70
N CYS B 275 23.61 8.32 -17.46
CA CYS B 275 22.45 8.09 -18.32
C CYS B 275 21.45 9.24 -18.25
N ILE B 276 21.45 9.97 -17.13
CA ILE B 276 20.54 11.11 -16.95
C ILE B 276 21.22 12.50 -17.06
N SER B 277 22.45 12.52 -17.57
CA SER B 277 23.16 13.76 -17.90
C SER B 277 22.34 14.63 -18.85
N VAL B 278 22.53 15.93 -18.73
CA VAL B 278 21.87 16.89 -19.60
C VAL B 278 22.29 16.60 -21.04
N GLY B 279 21.29 16.38 -21.90
CA GLY B 279 21.51 16.08 -23.34
C GLY B 279 21.25 17.27 -24.23
N MET B 280 20.32 18.13 -23.82
CA MET B 280 20.08 19.39 -24.55
C MET B 280 19.42 20.36 -23.60
N ILE B 281 19.64 21.66 -23.83
CA ILE B 281 18.95 22.69 -23.05
C ILE B 281 18.10 23.45 -24.04
N LEU B 282 16.79 23.51 -23.76
CA LEU B 282 15.86 24.37 -24.49
C LEU B 282 15.62 25.61 -23.63
N VAL B 283 15.83 26.79 -24.22
CA VAL B 283 15.71 28.03 -23.46
C VAL B 283 14.84 29.02 -24.22
N ASP B 284 13.95 29.70 -23.49
CA ASP B 284 13.10 30.71 -24.11
C ASP B 284 13.92 31.78 -24.82
N GLU B 285 13.52 32.12 -26.04
CA GLU B 285 14.17 33.17 -26.84
C GLU B 285 14.44 34.43 -26.04
N SER B 286 13.46 34.79 -25.21
CA SER B 286 13.49 36.07 -24.51
C SER B 286 14.63 36.14 -23.49
N ILE B 287 15.10 35.00 -23.01
CA ILE B 287 16.16 34.98 -21.98
C ILE B 287 17.43 34.24 -22.41
N ALA B 288 17.48 33.83 -23.68
CA ALA B 288 18.51 32.94 -24.20
C ALA B 288 19.92 33.54 -24.09
N ASP B 289 20.07 34.79 -24.51
CA ASP B 289 21.38 35.45 -24.41
C ASP B 289 21.90 35.53 -22.99
N LYS B 290 21.05 35.92 -22.04
CA LYS B 290 21.48 36.05 -20.65
C LYS B 290 21.83 34.70 -20.08
N PHE B 291 20.99 33.70 -20.37
CA PHE B 291 21.24 32.36 -19.86
C PHE B 291 22.54 31.80 -20.43
N ILE B 292 22.72 31.90 -21.74
CA ILE B 292 23.93 31.39 -22.37
C ILE B 292 25.20 32.04 -21.79
N GLU B 293 25.21 33.36 -21.65
CA GLU B 293 26.35 34.05 -21.08
C GLU B 293 26.66 33.54 -19.67
N MET B 294 25.63 33.43 -18.83
CA MET B 294 25.82 32.95 -17.45
C MET B 294 26.34 31.50 -17.44
N PHE B 295 25.78 30.66 -18.31
CA PHE B 295 26.11 29.24 -18.35
C PHE B 295 27.54 28.99 -18.85
N VAL B 296 27.92 29.64 -19.95
CA VAL B 296 29.29 29.57 -20.46
C VAL B 296 30.31 30.04 -19.41
N ASN B 297 30.01 31.18 -18.76
CA ASN B 297 30.91 31.75 -17.75
C ASN B 297 31.19 30.83 -16.57
N LYS B 298 30.18 30.11 -16.12
CA LYS B 298 30.34 29.15 -15.02
C LYS B 298 31.06 27.90 -15.50
N ALA B 299 30.82 27.51 -16.75
CA ALA B 299 31.48 26.32 -17.31
C ALA B 299 32.97 26.56 -17.55
N LYS B 300 33.32 27.80 -17.90
CA LYS B 300 34.70 28.26 -18.11
C LYS B 300 35.66 28.01 -16.96
N VAL B 301 35.16 28.10 -15.73
CA VAL B 301 36.01 28.08 -14.55
C VAL B 301 36.12 26.69 -13.92
N LEU B 302 35.51 25.69 -14.57
CA LEU B 302 35.63 24.30 -14.12
C LEU B 302 37.07 23.81 -14.23
N ASN B 303 37.52 23.05 -13.23
CA ASN B 303 38.84 22.47 -13.27
C ASN B 303 38.82 21.10 -13.93
N VAL B 304 39.47 21.04 -15.08
CA VAL B 304 39.53 19.85 -15.90
C VAL B 304 40.91 19.23 -15.71
N GLY B 305 40.96 17.98 -15.29
CA GLY B 305 42.26 17.36 -15.03
C GLY B 305 42.22 16.01 -14.34
N ASN B 306 43.28 15.73 -13.58
CA ASN B 306 43.51 14.45 -12.91
C ASN B 306 42.42 14.19 -11.87
N PRO B 307 41.68 13.07 -12.01
CA PRO B 307 40.60 12.75 -11.08
C PRO B 307 41.05 12.54 -9.64
N LEU B 308 42.35 12.24 -9.45
CA LEU B 308 42.90 12.08 -8.09
C LEU B 308 43.09 13.40 -7.34
N ASP B 309 43.13 14.51 -8.09
CA ASP B 309 43.28 15.84 -7.50
C ASP B 309 41.96 16.26 -6.86
N GLU B 310 42.05 16.66 -5.59
CA GLU B 310 40.88 17.12 -4.83
C GLU B 310 40.19 18.31 -5.50
N LYS B 311 40.94 19.06 -6.30
CA LYS B 311 40.40 20.26 -6.94
C LYS B 311 39.67 19.98 -8.27
N THR B 312 39.84 18.77 -8.82
CA THR B 312 39.32 18.46 -10.16
C THR B 312 37.79 18.40 -10.17
N ASP B 313 37.19 19.13 -11.12
CA ASP B 313 35.74 19.11 -11.32
C ASP B 313 35.37 18.12 -12.40
N VAL B 314 36.20 18.02 -13.44
CA VAL B 314 35.95 17.19 -14.62
C VAL B 314 37.17 16.35 -14.98
N GLY B 315 37.01 15.03 -14.92
CA GLY B 315 38.07 14.11 -15.35
C GLY B 315 37.90 13.68 -16.80
N PRO B 316 38.67 12.66 -17.21
CA PRO B 316 38.61 12.20 -18.60
C PRO B 316 37.36 11.37 -18.92
N LEU B 317 37.07 11.24 -20.22
CA LEU B 317 36.13 10.24 -20.71
C LEU B 317 36.76 8.85 -20.56
N ILE B 318 35.93 7.81 -20.65
CA ILE B 318 36.35 6.46 -20.26
C ILE B 318 37.39 5.85 -21.20
N SER B 319 37.49 6.36 -22.43
CA SER B 319 38.44 5.85 -23.41
C SER B 319 38.79 6.91 -24.44
N VAL B 320 39.98 6.78 -25.04
CA VAL B 320 40.39 7.63 -26.15
C VAL B 320 39.45 7.43 -27.34
N GLU B 321 39.10 6.17 -27.60
CA GLU B 321 38.16 5.78 -28.66
C GLU B 321 36.86 6.60 -28.58
N HIS B 322 36.29 6.66 -27.38
CA HIS B 322 35.05 7.39 -27.21
C HIS B 322 35.27 8.88 -27.42
N ALA B 323 36.34 9.42 -26.85
CA ALA B 323 36.68 10.84 -26.98
C ALA B 323 36.84 11.25 -28.45
N GLU B 324 37.46 10.38 -29.24
CA GLU B 324 37.67 10.62 -30.68
C GLU B 324 36.34 10.65 -31.41
N TRP B 325 35.46 9.71 -31.06
CA TRP B 325 34.12 9.68 -31.62
C TRP B 325 33.38 10.97 -31.27
N VAL B 326 33.45 11.39 -30.01
CA VAL B 326 32.77 12.62 -29.55
C VAL B 326 33.26 13.84 -30.34
N GLU B 327 34.56 13.89 -30.57
CA GLU B 327 35.21 14.92 -31.37
C GLU B 327 34.58 15.02 -32.76
N LYS B 328 34.37 13.85 -33.38
CA LYS B 328 33.76 13.76 -34.70
C LYS B 328 32.32 14.24 -34.72
N VAL B 329 31.58 13.93 -33.65
CA VAL B 329 30.20 14.34 -33.53
C VAL B 329 30.12 15.86 -33.38
N VAL B 330 31.01 16.42 -32.57
CA VAL B 330 31.07 17.88 -32.42
C VAL B 330 31.37 18.55 -33.78
N GLU B 331 32.36 18.02 -34.49
CA GLU B 331 32.69 18.49 -35.84
C GLU B 331 31.48 18.49 -36.78
N LYS B 332 30.73 17.38 -36.78
CA LYS B 332 29.48 17.26 -37.53
C LYS B 332 28.47 18.33 -37.10
N ALA B 333 28.28 18.48 -35.79
CA ALA B 333 27.36 19.47 -35.25
C ALA B 333 27.67 20.88 -35.76
N ILE B 334 28.97 21.18 -35.85
CA ILE B 334 29.44 22.48 -36.36
C ILE B 334 29.21 22.58 -37.87
N ASP B 335 29.50 21.50 -38.60
CA ASP B 335 29.24 21.38 -40.04
C ASP B 335 27.80 21.69 -40.38
N GLU B 336 26.89 21.24 -39.50
CA GLU B 336 25.45 21.44 -39.67
C GLU B 336 25.00 22.85 -39.30
N GLY B 337 25.94 23.66 -38.83
CA GLY B 337 25.66 25.06 -38.54
C GLY B 337 25.66 25.42 -37.07
N GLY B 338 26.00 24.45 -36.21
CA GLY B 338 26.13 24.70 -34.78
C GLY B 338 27.23 25.72 -34.48
N LYS B 339 26.93 26.61 -33.54
CA LYS B 339 27.87 27.66 -33.15
C LYS B 339 28.59 27.25 -31.88
N LEU B 340 29.92 27.10 -31.98
CA LEU B 340 30.74 26.73 -30.84
C LEU B 340 30.92 27.91 -29.90
N LEU B 341 30.51 27.72 -28.64
CA LEU B 341 30.58 28.78 -27.63
C LEU B 341 31.68 28.57 -26.61
N LEU B 342 32.06 27.32 -26.38
CA LEU B 342 33.11 26.97 -25.43
C LEU B 342 33.66 25.58 -25.74
N GLY B 343 34.95 25.40 -25.53
CA GLY B 343 35.56 24.07 -25.55
C GLY B 343 35.77 23.53 -26.93
N GLY B 344 35.27 22.33 -27.16
CA GLY B 344 35.43 21.63 -28.43
C GLY B 344 36.87 21.14 -28.61
N LYS B 345 37.54 20.90 -27.50
CA LYS B 345 38.95 20.51 -27.47
C LYS B 345 39.15 19.22 -26.65
N ARG B 346 40.18 18.47 -27.03
CA ARG B 346 40.44 17.13 -26.50
C ARG B 346 41.94 17.00 -26.21
N ASP B 347 42.28 16.33 -25.11
CA ASP B 347 43.66 15.96 -24.84
C ASP B 347 43.65 14.48 -24.49
N LYS B 348 43.92 13.64 -25.48
CA LYS B 348 43.67 12.20 -25.40
C LYS B 348 42.21 11.97 -25.01
N ALA B 349 41.95 11.32 -23.88
CA ALA B 349 40.57 11.09 -23.47
C ALA B 349 39.97 12.24 -22.65
N LEU B 350 40.80 13.22 -22.29
CA LEU B 350 40.34 14.37 -21.51
C LEU B 350 39.58 15.35 -22.42
N PHE B 351 38.26 15.36 -22.27
CA PHE B 351 37.41 16.18 -23.13
C PHE B 351 36.92 17.39 -22.37
N TYR B 352 37.17 18.58 -22.92
CA TYR B 352 36.85 19.81 -22.20
C TYR B 352 35.37 20.17 -22.31
N PRO B 353 34.81 20.80 -21.25
CA PRO B 353 33.44 21.29 -21.31
C PRO B 353 33.18 22.04 -22.62
N THR B 354 32.17 21.58 -23.34
CA THR B 354 31.87 22.03 -24.70
C THR B 354 30.41 22.45 -24.80
N ILE B 355 30.17 23.63 -25.34
CA ILE B 355 28.83 24.20 -25.40
C ILE B 355 28.63 24.77 -26.79
N LEU B 356 27.50 24.44 -27.42
CA LEU B 356 27.17 24.97 -28.72
C LEU B 356 25.74 25.47 -28.72
N GLU B 357 25.48 26.54 -29.48
CA GLU B 357 24.11 26.89 -29.77
C GLU B 357 23.75 26.24 -31.10
N VAL B 358 22.63 25.52 -31.12
CA VAL B 358 22.21 24.78 -32.31
C VAL B 358 20.71 24.94 -32.57
N ASP B 359 20.24 24.45 -33.72
CA ASP B 359 18.80 24.38 -33.92
C ASP B 359 18.28 22.97 -33.66
N ARG B 360 16.95 22.83 -33.59
CA ARG B 360 16.32 21.56 -33.22
CA ARG B 360 16.32 21.56 -33.22
C ARG B 360 16.68 20.38 -34.12
N ASP B 361 17.17 20.67 -35.32
CA ASP B 361 17.52 19.60 -36.28
C ASP B 361 18.96 19.10 -36.17
N ASN B 362 19.75 19.73 -35.30
CA ASN B 362 21.16 19.38 -35.14
C ASN B 362 21.36 17.95 -34.64
N ILE B 363 22.42 17.30 -35.12
CA ILE B 363 22.78 15.94 -34.72
C ILE B 363 22.83 15.74 -33.19
N LEU B 364 23.26 16.76 -32.45
CA LEU B 364 23.37 16.66 -30.99
C LEU B 364 22.02 16.47 -30.30
N CYS B 365 20.96 16.96 -30.92
CA CYS B 365 19.60 16.81 -30.37
C CYS B 365 19.07 15.37 -30.48
N LYS B 366 19.78 14.52 -31.23
CA LYS B 366 19.33 13.16 -31.45
C LYS B 366 20.35 12.14 -30.97
N THR B 367 21.50 12.60 -30.49
CA THR B 367 22.62 11.72 -30.22
C THR B 367 23.03 11.77 -28.75
N GLU B 368 22.99 10.61 -28.09
CA GLU B 368 23.53 10.50 -26.73
C GLU B 368 25.05 10.40 -26.82
N THR B 369 25.75 11.44 -26.38
CA THR B 369 27.21 11.50 -26.54
C THR B 369 27.97 10.97 -25.31
N PHE B 370 27.31 10.86 -24.16
CA PHE B 370 28.02 10.48 -22.92
C PHE B 370 29.32 11.29 -22.81
N ALA B 371 29.17 12.60 -22.86
CA ALA B 371 30.32 13.50 -22.95
C ALA B 371 29.92 14.88 -22.47
N PRO B 372 30.91 15.73 -22.14
CA PRO B 372 30.57 17.05 -21.62
C PRO B 372 30.29 18.05 -22.75
N VAL B 373 29.35 17.69 -23.61
CA VAL B 373 28.98 18.45 -24.82
C VAL B 373 27.50 18.81 -24.73
N ILE B 374 27.22 20.12 -24.64
CA ILE B 374 25.88 20.62 -24.39
C ILE B 374 25.36 21.51 -25.52
N PRO B 375 24.37 21.00 -26.29
CA PRO B 375 23.66 21.84 -27.25
C PRO B 375 22.58 22.65 -26.55
N ILE B 376 22.50 23.92 -26.92
CA ILE B 376 21.50 24.83 -26.40
C ILE B 376 20.68 25.31 -27.60
N ILE B 377 19.35 25.22 -27.48
CA ILE B 377 18.45 25.60 -28.56
C ILE B 377 17.53 26.68 -28.04
N ARG B 378 17.55 27.85 -28.67
CA ARG B 378 16.62 28.90 -28.26
C ARG B 378 15.32 28.74 -29.03
N THR B 379 14.20 28.85 -28.33
CA THR B 379 12.91 28.60 -28.96
C THR B 379 11.77 29.30 -28.21
N ASN B 380 10.56 29.18 -28.73
CA ASN B 380 9.40 29.65 -27.99
C ASN B 380 8.78 28.56 -27.14
N GLU B 381 8.05 28.97 -26.11
CA GLU B 381 7.52 28.01 -25.15
C GLU B 381 6.71 26.88 -25.82
N GLU B 382 5.87 27.24 -26.79
CA GLU B 382 4.97 26.25 -27.38
C GLU B 382 5.61 25.18 -28.24
N GLU B 383 6.90 25.36 -28.54
CA GLU B 383 7.66 24.38 -29.33
C GLU B 383 8.36 23.35 -28.44
N MET B 384 8.46 23.67 -27.16
CA MET B 384 9.39 22.98 -26.26
C MET B 384 9.02 21.52 -26.00
N ILE B 385 7.74 21.25 -25.78
CA ILE B 385 7.30 19.89 -25.47
C ILE B 385 7.55 19.00 -26.69
N ASP B 386 7.23 19.51 -27.89
CA ASP B 386 7.46 18.74 -29.12
C ASP B 386 8.95 18.46 -29.33
N ILE B 387 9.81 19.46 -29.12
CA ILE B 387 11.27 19.21 -29.26
C ILE B 387 11.73 18.19 -28.21
N ALA B 388 11.33 18.39 -26.96
CA ALA B 388 11.70 17.48 -25.87
C ALA B 388 11.29 16.04 -26.15
N ASN B 389 10.11 15.84 -26.75
CA ASN B 389 9.56 14.50 -27.00
C ASN B 389 9.97 13.89 -28.33
N SER B 390 10.83 14.58 -29.07
CA SER B 390 11.11 14.21 -30.45
C SER B 390 12.16 13.10 -30.65
N THR B 391 12.70 12.55 -29.56
CA THR B 391 13.73 11.51 -29.66
C THR B 391 13.12 10.13 -29.48
N GLU B 392 13.94 9.12 -29.74
CA GLU B 392 13.54 7.73 -29.54
C GLU B 392 13.63 7.33 -28.07
N TYR B 393 14.17 8.23 -27.24
CA TYR B 393 14.44 7.93 -25.83
C TYR B 393 13.40 8.58 -24.91
N GLY B 394 13.46 8.25 -23.63
CA GLY B 394 12.52 8.80 -22.68
C GLY B 394 12.92 8.51 -21.24
N LEU B 395 14.15 8.83 -20.89
CA LEU B 395 14.62 8.64 -19.52
C LEU B 395 14.23 9.81 -18.59
N HIS B 396 15.04 10.87 -18.50
CA HIS B 396 14.68 12.02 -17.68
C HIS B 396 14.54 13.31 -18.49
N SER B 397 13.68 14.21 -17.99
CA SER B 397 13.55 15.55 -18.53
C SER B 397 13.49 16.51 -17.35
N ALA B 398 13.68 17.80 -17.61
CA ALA B 398 13.60 18.78 -16.53
C ALA B 398 13.02 20.05 -17.07
N ILE B 399 12.39 20.80 -16.17
CA ILE B 399 11.84 22.11 -16.48
C ILE B 399 12.10 23.10 -15.34
N PHE B 400 12.55 24.29 -15.70
CA PHE B 400 12.81 25.34 -14.74
C PHE B 400 11.76 26.40 -14.97
N THR B 401 10.94 26.66 -13.95
CA THR B 401 9.86 27.64 -14.02
C THR B 401 9.35 27.86 -12.60
N ASN B 402 8.72 29.02 -12.39
CA ASN B 402 8.04 29.33 -11.13
CA ASN B 402 8.03 29.28 -11.11
C ASN B 402 6.51 29.28 -11.28
N ASP B 403 6.04 28.86 -12.45
CA ASP B 403 4.61 28.88 -12.80
C ASP B 403 3.94 27.52 -12.52
N ILE B 404 2.98 27.50 -11.60
CA ILE B 404 2.28 26.26 -11.24
C ILE B 404 1.71 25.54 -12.46
N ASN B 405 0.91 26.28 -13.23
CA ASN B 405 0.16 25.70 -14.34
C ASN B 405 1.09 25.14 -15.42
N LYS B 406 2.13 25.91 -15.74
CA LYS B 406 3.09 25.45 -16.74
C LYS B 406 3.86 24.23 -16.26
N SER B 407 4.26 24.20 -15.00
CA SER B 407 5.03 23.05 -14.48
C SER B 407 4.23 21.75 -14.61
N LEU B 408 2.93 21.84 -14.29
CA LEU B 408 2.06 20.67 -14.35
C LEU B 408 1.78 20.23 -15.77
N LYS B 409 1.57 21.20 -16.66
CA LYS B 409 1.36 20.92 -18.09
C LYS B 409 2.57 20.18 -18.63
N PHE B 410 3.76 20.72 -18.40
CA PHE B 410 5.00 20.08 -18.88
C PHE B 410 5.19 18.72 -18.23
N ALA B 411 4.98 18.64 -16.91
CA ALA B 411 5.16 17.36 -16.20
C ALA B 411 4.28 16.25 -16.75
N GLU B 412 3.04 16.58 -17.10
CA GLU B 412 2.13 15.57 -17.61
CA GLU B 412 2.08 15.62 -17.64
C GLU B 412 2.42 15.21 -19.06
N ASN B 413 2.87 16.18 -19.85
CA ASN B 413 3.03 15.97 -21.28
C ASN B 413 4.40 15.55 -21.76
N LEU B 414 5.41 15.67 -20.91
CA LEU B 414 6.75 15.16 -21.22
C LEU B 414 6.76 13.64 -21.14
N GLU B 415 7.18 13.01 -22.24
CA GLU B 415 7.14 11.56 -22.40
C GLU B 415 8.42 10.93 -21.84
N PHE B 416 8.55 10.96 -20.51
CA PHE B 416 9.77 10.53 -19.83
C PHE B 416 9.45 9.73 -18.58
N GLY B 417 10.38 8.87 -18.19
CA GLY B 417 10.28 8.15 -16.92
C GLY B 417 10.41 9.02 -15.68
N GLY B 418 11.12 10.14 -15.83
CA GLY B 418 11.26 11.12 -14.75
C GLY B 418 11.16 12.53 -15.27
N VAL B 419 10.48 13.38 -14.50
CA VAL B 419 10.41 14.80 -14.80
C VAL B 419 10.84 15.56 -13.57
N VAL B 420 11.89 16.37 -13.71
CA VAL B 420 12.43 17.12 -12.58
C VAL B 420 12.06 18.60 -12.76
N ILE B 421 11.47 19.20 -11.72
CA ILE B 421 11.07 20.61 -11.77
C ILE B 421 12.04 21.40 -10.89
N ASN B 422 12.69 22.38 -11.50
CA ASN B 422 13.66 23.26 -10.85
C ASN B 422 14.96 22.61 -10.34
N ASP B 423 15.29 21.45 -10.92
CA ASP B 423 16.64 20.88 -10.85
C ASP B 423 16.85 20.19 -12.19
N SER B 424 18.08 19.83 -12.54
CA SER B 424 18.35 19.27 -13.87
C SER B 424 17.89 17.81 -13.95
N SER B 425 17.96 17.24 -15.15
CA SER B 425 17.64 15.83 -15.37
C SER B 425 18.49 14.87 -14.55
N LEU B 426 19.66 15.35 -14.11
CA LEU B 426 20.61 14.49 -13.35
C LEU B 426 20.11 14.01 -11.98
N PHE B 427 19.03 14.59 -11.50
CA PHE B 427 18.54 14.22 -10.18
C PHE B 427 18.05 12.77 -10.06
N ARG B 428 18.56 12.05 -9.07
CA ARG B 428 17.98 10.75 -8.70
C ARG B 428 18.13 10.54 -7.19
N GLN B 429 17.02 10.47 -6.47
CA GLN B 429 17.07 10.13 -5.06
C GLN B 429 17.08 8.61 -5.04
N ASP B 430 18.04 7.99 -4.35
CA ASP B 430 18.22 6.54 -4.53
C ASP B 430 16.98 5.71 -4.17
N ASN B 431 16.15 6.21 -3.26
CA ASN B 431 14.94 5.46 -2.86
C ASN B 431 13.68 5.69 -3.72
N MET B 432 13.83 6.43 -4.83
CA MET B 432 12.68 6.70 -5.72
C MET B 432 12.62 5.64 -6.83
N PRO B 433 11.42 5.36 -7.37
CA PRO B 433 11.43 4.44 -8.53
C PRO B 433 12.10 5.14 -9.69
N PHE B 434 13.02 4.45 -10.36
CA PHE B 434 13.87 5.10 -11.34
C PHE B 434 13.94 4.30 -12.64
N GLY B 435 13.68 4.96 -13.75
CA GLY B 435 13.81 4.28 -15.04
C GLY B 435 13.19 5.03 -16.19
N GLY B 436 13.21 4.41 -17.37
CA GLY B 436 12.85 5.11 -18.62
C GLY B 436 11.69 4.48 -19.40
N VAL B 437 11.08 5.29 -20.28
CA VAL B 437 10.09 4.80 -21.24
C VAL B 437 10.69 4.88 -22.63
N LYS B 438 9.91 4.58 -23.66
CA LYS B 438 10.43 4.51 -25.03
C LYS B 438 11.64 3.59 -25.07
N LYS B 439 12.71 3.98 -25.77
CA LYS B 439 13.90 3.13 -25.86
C LYS B 439 14.84 3.24 -24.66
N SER B 440 14.40 3.88 -23.58
CA SER B 440 15.31 4.11 -22.48
C SER B 440 15.22 3.09 -21.36
N GLY B 441 14.25 2.18 -21.43
CA GLY B 441 14.18 1.16 -20.38
C GLY B 441 13.01 0.23 -20.34
N LEU B 442 13.12 -0.74 -19.44
CA LEU B 442 12.02 -1.59 -19.00
C LEU B 442 12.19 -1.77 -17.52
N GLY B 443 11.11 -1.63 -16.76
CA GLY B 443 11.19 -1.80 -15.30
C GLY B 443 11.75 -0.61 -14.55
N ARG B 444 11.71 -0.69 -13.23
CA ARG B 444 12.20 0.40 -12.38
C ARG B 444 13.20 -0.11 -11.35
N GLU B 445 14.25 0.65 -11.11
CA GLU B 445 15.20 0.39 -10.04
C GLU B 445 14.99 1.33 -8.85
N GLY B 446 15.87 1.26 -7.86
CA GLY B 446 15.48 1.67 -6.50
C GLY B 446 15.19 0.34 -5.82
N VAL B 447 15.81 0.11 -4.67
CA VAL B 447 15.79 -1.21 -4.00
C VAL B 447 14.42 -1.86 -3.93
N LYS B 448 13.42 -1.12 -3.45
CA LYS B 448 12.09 -1.68 -3.25
C LYS B 448 11.48 -2.14 -4.58
N TYR B 449 11.74 -1.36 -5.62
CA TYR B 449 11.19 -1.61 -6.94
C TYR B 449 11.91 -2.75 -7.63
N ALA B 450 13.25 -2.79 -7.50
CA ALA B 450 14.03 -3.89 -8.07
C ALA B 450 13.65 -5.23 -7.39
N MET B 451 13.39 -5.19 -6.09
CA MET B 451 13.00 -6.40 -5.37
C MET B 451 11.73 -7.00 -5.98
N GLU B 452 10.78 -6.12 -6.30
CA GLU B 452 9.56 -6.57 -6.96
C GLU B 452 9.81 -7.21 -8.34
N GLU B 453 10.73 -6.63 -9.13
CA GLU B 453 11.12 -7.15 -10.45
C GLU B 453 11.83 -8.50 -10.29
N MET B 454 12.61 -8.62 -9.22
CA MET B 454 13.46 -9.79 -8.98
C MET B 454 12.77 -10.93 -8.20
N SER B 455 11.45 -10.79 -8.02
CA SER B 455 10.70 -11.87 -7.42
C SER B 455 9.45 -12.16 -8.23
N ASN B 456 8.87 -13.33 -7.99
CA ASN B 456 7.59 -13.70 -8.59
C ASN B 456 6.54 -13.79 -7.50
N ILE B 457 5.31 -13.41 -7.84
CA ILE B 457 4.20 -13.54 -6.90
C ILE B 457 3.71 -14.99 -6.87
N LYS B 458 3.38 -15.46 -5.67
CA LYS B 458 2.66 -16.72 -5.49
C LYS B 458 1.40 -16.34 -4.74
N THR B 459 0.26 -16.76 -5.29
CA THR B 459 -1.03 -16.54 -4.63
C THR B 459 -1.45 -17.83 -3.97
N ILE B 460 -1.72 -17.78 -2.67
CA ILE B 460 -2.05 -18.96 -1.89
C ILE B 460 -3.49 -18.80 -1.43
N ILE B 461 -4.30 -19.83 -1.64
CA ILE B 461 -5.74 -19.76 -1.31
C ILE B 461 -6.04 -20.88 -0.35
N ILE B 462 -6.48 -20.55 0.87
CA ILE B 462 -6.88 -21.57 1.83
C ILE B 462 -8.41 -21.59 1.87
N SER B 463 -9.01 -22.69 1.42
CA SER B 463 -10.47 -22.76 1.33
C SER B 463 -11.00 -23.25 2.66
N LYS B 464 -11.93 -22.49 3.26
CA LYS B 464 -12.51 -22.84 4.56
C LYS B 464 -13.80 -23.63 4.40
N ALA B 465 -14.13 -24.45 5.40
CA ALA B 465 -15.30 -25.33 5.35
C ALA B 465 -16.60 -24.62 5.74
N ARG C 11 -45.68 7.46 16.40
CA ARG C 11 -46.03 8.68 17.18
C ARG C 11 -45.74 9.96 16.39
N GLU C 12 -46.39 11.04 16.77
CA GLU C 12 -46.16 12.36 16.18
C GLU C 12 -45.78 13.37 17.26
N ASP C 13 -44.51 13.39 17.65
CA ASP C 13 -44.01 14.19 18.77
C ASP C 13 -43.44 15.55 18.41
N MET C 14 -42.63 15.59 17.35
CA MET C 14 -41.72 16.73 17.10
C MET C 14 -42.03 17.35 15.75
N ASP C 15 -42.20 18.68 15.73
CA ASP C 15 -42.45 19.41 14.49
C ASP C 15 -41.20 19.38 13.61
N VAL C 16 -41.40 19.11 12.32
CA VAL C 16 -40.37 19.25 11.30
C VAL C 16 -40.79 20.45 10.45
N ILE C 17 -39.87 21.39 10.26
CA ILE C 17 -40.18 22.70 9.68
C ILE C 17 -39.52 22.87 8.30
N ASN C 18 -40.26 23.50 7.40
CA ASN C 18 -39.71 23.98 6.13
C ASN C 18 -39.09 25.34 6.42
N PRO C 19 -37.76 25.48 6.28
CA PRO C 19 -37.08 26.72 6.69
C PRO C 19 -37.38 27.92 5.79
N TYR C 20 -37.91 27.68 4.59
CA TYR C 20 -38.30 28.77 3.71
C TYR C 20 -39.69 29.34 4.05
N SER C 21 -40.70 28.48 4.07
CA SER C 21 -42.08 28.90 4.35
C SER C 21 -42.39 28.98 5.85
N LEU C 22 -41.61 28.24 6.63
CA LEU C 22 -41.77 28.13 8.09
C LEU C 22 -42.98 27.28 8.51
N GLU C 23 -43.59 26.60 7.54
CA GLU C 23 -44.67 25.65 7.81
C GLU C 23 -44.13 24.37 8.44
N VAL C 24 -44.97 23.78 9.29
CA VAL C 24 -44.72 22.43 9.79
C VAL C 24 -45.03 21.46 8.66
N ILE C 25 -44.01 20.76 8.19
CA ILE C 25 -44.13 19.80 7.10
C ILE C 25 -44.82 18.54 7.63
N LYS C 26 -44.38 18.07 8.80
CA LYS C 26 -45.02 16.95 9.49
C LYS C 26 -44.46 16.79 10.91
N LYS C 27 -44.93 15.76 11.60
CA LYS C 27 -44.50 15.48 12.97
C LYS C 27 -43.94 14.06 13.06
N ILE C 28 -42.79 13.93 13.73
CA ILE C 28 -42.09 12.66 13.80
C ILE C 28 -41.87 12.22 15.25
N PRO C 29 -41.48 10.95 15.48
CA PRO C 29 -41.25 10.53 16.86
C PRO C 29 -40.06 11.21 17.53
N ALA C 30 -40.18 11.52 18.82
CA ALA C 30 -39.04 11.99 19.60
C ALA C 30 -38.83 11.01 20.74
N LEU C 31 -37.80 10.19 20.60
CA LEU C 31 -37.59 9.07 21.51
C LEU C 31 -37.10 9.58 22.87
N SER C 32 -37.62 8.97 23.94
CA SER C 32 -37.09 9.24 25.29
C SER C 32 -35.71 8.59 25.46
N ARG C 33 -35.00 8.98 26.53
CA ARG C 33 -33.71 8.36 26.82
C ARG C 33 -33.88 6.85 27.06
N GLU C 34 -34.98 6.46 27.71
CA GLU C 34 -35.22 5.03 27.94
C GLU C 34 -35.48 4.26 26.65
N GLU C 35 -36.19 4.88 25.70
CA GLU C 35 -36.40 4.29 24.39
C GLU C 35 -35.08 4.17 23.60
N ALA C 36 -34.23 5.19 23.72
CA ALA C 36 -32.90 5.15 23.10
C ALA C 36 -32.06 4.00 23.67
N LYS C 37 -32.12 3.81 24.99
CA LYS C 37 -31.45 2.69 25.66
C LYS C 37 -31.97 1.34 25.18
N GLU C 38 -33.29 1.24 25.03
CA GLU C 38 -33.93 0.03 24.50
C GLU C 38 -33.43 -0.28 23.10
N ALA C 39 -33.36 0.73 22.23
CA ALA C 39 -32.87 0.51 20.87
C ALA C 39 -31.42 0.04 20.87
N ILE C 40 -30.62 0.56 21.80
CA ILE C 40 -29.20 0.17 21.86
C ILE C 40 -29.09 -1.29 22.32
N ASP C 41 -29.92 -1.68 23.29
CA ASP C 41 -29.97 -3.08 23.76
C ASP C 41 -30.31 -4.04 22.64
N THR C 42 -31.32 -3.67 21.86
CA THR C 42 -31.70 -4.40 20.64
C THR C 42 -30.55 -4.50 19.64
N ALA C 43 -29.88 -3.38 19.38
CA ALA C 43 -28.75 -3.35 18.47
C ALA C 43 -27.66 -4.34 18.88
N GLU C 44 -27.41 -4.43 20.20
CA GLU C 44 -26.38 -5.31 20.77
CA GLU C 44 -26.36 -5.30 20.73
C GLU C 44 -26.63 -6.79 20.43
N LYS C 45 -27.91 -7.16 20.40
CA LYS C 45 -28.33 -8.53 20.12
C LYS C 45 -28.00 -8.97 18.70
N TYR C 46 -27.82 -8.01 17.79
CA TYR C 46 -27.56 -8.31 16.38
C TYR C 46 -26.09 -8.17 15.96
N LYS C 47 -25.21 -7.88 16.92
CA LYS C 47 -23.78 -7.70 16.64
C LYS C 47 -23.20 -8.92 15.95
N GLU C 48 -23.53 -10.11 16.45
CA GLU C 48 -23.05 -11.37 15.85
C GLU C 48 -23.49 -11.60 14.41
N VAL C 49 -24.77 -11.34 14.12
CA VAL C 49 -25.30 -11.43 12.76
C VAL C 49 -24.55 -10.51 11.78
N MET C 50 -24.37 -9.25 12.16
CA MET C 50 -23.64 -8.28 11.32
C MET C 50 -22.18 -8.67 11.13
N LYS C 51 -21.54 -9.14 12.19
CA LYS C 51 -20.10 -9.47 12.18
C LYS C 51 -19.81 -10.63 11.21
N ASN C 52 -20.79 -11.49 11.05
CA ASN C 52 -20.63 -12.70 10.28
C ASN C 52 -21.23 -12.62 8.90
N LEU C 53 -21.79 -11.46 8.57
CA LEU C 53 -22.42 -11.28 7.28
C LEU C 53 -21.35 -11.40 6.19
N PRO C 54 -21.59 -12.26 5.19
CA PRO C 54 -20.57 -12.42 4.15
C PRO C 54 -20.33 -11.12 3.37
N ILE C 55 -19.14 -11.00 2.80
CA ILE C 55 -18.80 -9.95 1.84
C ILE C 55 -19.85 -9.77 0.75
N THR C 56 -20.30 -10.86 0.14
CA THR C 56 -21.25 -10.79 -0.97
C THR C 56 -22.57 -10.14 -0.52
N LYS C 57 -23.01 -10.52 0.67
CA LYS C 57 -24.23 -9.94 1.27
C LYS C 57 -24.07 -8.45 1.57
N ARG C 58 -22.95 -8.04 2.17
CA ARG C 58 -22.72 -6.60 2.40
C ARG C 58 -22.66 -5.84 1.08
N TYR C 59 -21.97 -6.42 0.10
CA TYR C 59 -21.91 -5.84 -1.24
C TYR C 59 -23.32 -5.65 -1.80
N ASN C 60 -24.13 -6.71 -1.76
CA ASN C 60 -25.48 -6.67 -2.30
C ASN C 60 -26.35 -5.61 -1.64
N ILE C 61 -26.27 -5.53 -0.31
CA ILE C 61 -27.03 -4.55 0.48
C ILE C 61 -26.65 -3.14 0.08
N LEU C 62 -25.35 -2.86 0.04
CA LEU C 62 -24.84 -1.53 -0.31
C LEU C 62 -25.23 -1.14 -1.74
N MET C 63 -25.10 -2.08 -2.67
CA MET C 63 -25.47 -1.82 -4.07
C MET C 63 -26.97 -1.57 -4.22
N ASN C 64 -27.79 -2.28 -3.43
CA ASN C 64 -29.24 -2.13 -3.52
C ASN C 64 -29.70 -0.81 -2.91
N ILE C 65 -29.03 -0.39 -1.84
CA ILE C 65 -29.25 0.93 -1.27
C ILE C 65 -28.99 2.02 -2.33
N ALA C 66 -27.86 1.92 -3.04
CA ALA C 66 -27.52 2.88 -4.09
C ALA C 66 -28.57 2.86 -5.21
N LYS C 67 -29.04 1.66 -5.58
CA LYS C 67 -30.08 1.48 -6.60
C LYS C 67 -31.40 2.18 -6.25
N GLN C 68 -31.84 2.05 -5.00
CA GLN C 68 -33.07 2.69 -4.54
C GLN C 68 -32.94 4.21 -4.49
N ILE C 69 -31.79 4.70 -4.02
CA ILE C 69 -31.54 6.16 -4.00
C ILE C 69 -31.60 6.74 -5.42
N LYS C 70 -30.94 6.07 -6.37
CA LYS C 70 -30.97 6.47 -7.78
C LYS C 70 -32.40 6.50 -8.33
N GLU C 71 -33.18 5.50 -7.96
CA GLU C 71 -34.55 5.37 -8.44
C GLU C 71 -35.46 6.47 -7.87
N LYS C 72 -35.17 6.92 -6.66
CA LYS C 72 -35.95 7.97 -6.02
C LYS C 72 -35.22 9.30 -5.96
N LYS C 73 -34.29 9.52 -6.90
CA LYS C 73 -33.39 10.69 -6.87
C LYS C 73 -34.12 12.03 -6.79
N GLU C 74 -35.07 12.27 -7.69
CA GLU C 74 -35.80 13.55 -7.69
C GLU C 74 -36.64 13.73 -6.41
N GLU C 75 -37.28 12.66 -5.96
CA GLU C 75 -38.06 12.67 -4.72
C GLU C 75 -37.19 13.05 -3.52
N LEU C 76 -36.00 12.45 -3.42
CA LEU C 76 -35.05 12.77 -2.36
C LEU C 76 -34.51 14.21 -2.43
N ALA C 77 -34.18 14.65 -3.64
CA ALA C 77 -33.75 16.04 -3.85
C ALA C 77 -34.83 17.03 -3.41
N LYS C 78 -36.09 16.77 -3.76
CA LYS C 78 -37.22 17.61 -3.33
C LYS C 78 -37.30 17.68 -1.81
N ILE C 79 -37.12 16.53 -1.13
CA ILE C 79 -37.12 16.49 0.33
C ILE C 79 -35.99 17.38 0.91
N LEU C 80 -34.80 17.30 0.34
CA LEU C 80 -33.72 18.20 0.75
C LEU C 80 -34.10 19.68 0.55
N ALA C 81 -34.75 20.00 -0.55
CA ALA C 81 -35.14 21.40 -0.80
C ALA C 81 -36.16 21.88 0.24
N ILE C 82 -37.19 21.08 0.48
CA ILE C 82 -38.27 21.46 1.39
C ILE C 82 -37.86 21.48 2.87
N ASP C 83 -37.09 20.48 3.28
CA ASP C 83 -36.76 20.26 4.69
C ASP C 83 -35.44 20.95 5.09
N ALA C 84 -34.40 20.81 4.27
CA ALA C 84 -33.12 21.43 4.60
C ALA C 84 -32.95 22.84 4.01
N GLY C 85 -33.89 23.27 3.19
CA GLY C 85 -33.80 24.57 2.53
C GLY C 85 -32.76 24.63 1.44
N LYS C 86 -32.40 23.48 0.89
CA LYS C 86 -31.31 23.38 -0.06
C LYS C 86 -31.81 23.62 -1.48
N PRO C 87 -31.21 24.58 -2.22
CA PRO C 87 -31.60 24.82 -3.61
C PRO C 87 -31.60 23.51 -4.39
N ILE C 88 -32.67 23.30 -5.16
CA ILE C 88 -32.94 22.01 -5.80
C ILE C 88 -31.77 21.51 -6.66
N LYS C 89 -31.07 22.40 -7.35
CA LYS C 89 -29.90 21.99 -8.13
C LYS C 89 -28.80 21.42 -7.22
N GLN C 90 -28.60 22.04 -6.06
CA GLN C 90 -27.61 21.58 -5.08
C GLN C 90 -28.04 20.27 -4.42
N ALA C 91 -29.35 20.16 -4.17
CA ALA C 91 -29.93 18.95 -3.59
C ALA C 91 -29.68 17.75 -4.50
N ARG C 92 -29.87 17.93 -5.82
CA ARG C 92 -29.64 16.85 -6.78
C ARG C 92 -28.18 16.36 -6.75
N VAL C 93 -27.25 17.30 -6.63
CA VAL C 93 -25.82 16.99 -6.49
C VAL C 93 -25.57 16.14 -5.24
N GLU C 94 -26.15 16.55 -4.10
CA GLU C 94 -25.98 15.77 -2.87
C GLU C 94 -26.53 14.35 -3.02
N VAL C 95 -27.68 14.22 -3.66
CA VAL C 95 -28.23 12.88 -3.92
C VAL C 95 -27.29 12.02 -4.78
N GLU C 96 -26.85 12.57 -5.91
CA GLU C 96 -25.88 11.89 -6.75
C GLU C 96 -24.64 11.45 -5.95
N ARG C 97 -24.12 12.32 -5.08
CA ARG C 97 -22.94 11.96 -4.27
C ARG C 97 -23.23 10.79 -3.33
N SER C 98 -24.44 10.75 -2.76
CA SER C 98 -24.81 9.69 -1.82
C SER C 98 -24.86 8.34 -2.53
N ILE C 99 -25.29 8.35 -3.80
CA ILE C 99 -25.26 7.14 -4.62
C ILE C 99 -23.83 6.63 -4.75
N GLY C 100 -22.91 7.54 -5.10
CA GLY C 100 -21.47 7.23 -5.20
C GLY C 100 -20.90 6.67 -3.91
N THR C 101 -21.31 7.22 -2.77
CA THR C 101 -20.79 6.81 -1.47
C THR C 101 -21.16 5.35 -1.16
N PHE C 102 -22.43 4.98 -1.38
CA PHE C 102 -22.83 3.59 -1.15
C PHE C 102 -22.14 2.66 -2.12
N LYS C 103 -21.97 3.11 -3.36
CA LYS C 103 -21.35 2.25 -4.36
C LYS C 103 -19.88 2.01 -4.04
N LEU C 104 -19.21 3.05 -3.55
CA LEU C 104 -17.79 2.95 -3.24
C LEU C 104 -17.54 2.03 -2.05
N ALA C 105 -18.41 2.11 -1.03
CA ALA C 105 -18.36 1.17 0.07
C ALA C 105 -18.56 -0.28 -0.40
N ALA C 106 -19.44 -0.50 -1.38
CA ALA C 106 -19.64 -1.84 -1.94
C ALA C 106 -18.34 -2.34 -2.56
N PHE C 107 -17.67 -1.48 -3.33
CA PHE C 107 -16.35 -1.77 -3.92
CA PHE C 107 -16.40 -1.91 -3.90
C PHE C 107 -15.33 -2.18 -2.85
N TYR C 108 -15.28 -1.38 -1.78
CA TYR C 108 -14.28 -1.63 -0.75
C TYR C 108 -14.54 -2.87 0.12
N VAL C 109 -15.79 -3.32 0.25
CA VAL C 109 -16.06 -4.60 0.92
CA VAL C 109 -16.00 -4.59 0.95
C VAL C 109 -15.26 -5.71 0.21
N LYS C 110 -15.25 -5.63 -1.10
CA LYS C 110 -14.58 -6.65 -1.92
C LYS C 110 -13.07 -6.40 -2.03
N GLU C 111 -12.66 -5.13 -2.01
CA GLU C 111 -11.27 -4.78 -2.37
C GLU C 111 -10.33 -4.38 -1.24
N HIS C 112 -10.88 -4.06 -0.07
CA HIS C 112 -10.02 -3.58 0.99
C HIS C 112 -8.95 -4.64 1.28
N ARG C 113 -7.70 -4.20 1.41
CA ARG C 113 -6.56 -5.10 1.54
C ARG C 113 -6.06 -5.19 2.97
N ASP C 114 -5.74 -6.40 3.43
CA ASP C 114 -4.99 -6.58 4.67
C ASP C 114 -3.54 -6.89 4.29
N GLU C 115 -2.66 -7.09 5.27
CA GLU C 115 -1.24 -7.20 4.97
C GLU C 115 -0.60 -8.43 5.58
N VAL C 116 0.52 -8.85 5.01
CA VAL C 116 1.37 -9.91 5.54
C VAL C 116 2.72 -9.28 5.89
N ILE C 117 3.25 -9.62 7.05
CA ILE C 117 4.52 -9.08 7.53
C ILE C 117 5.57 -10.19 7.54
N PRO C 118 6.76 -9.93 6.97
CA PRO C 118 7.77 -10.99 6.87
C PRO C 118 8.21 -11.50 8.23
N SER C 119 8.43 -12.81 8.30
CA SER C 119 8.91 -13.45 9.53
C SER C 119 9.55 -14.79 9.20
N ASP C 120 10.68 -15.09 9.82
CA ASP C 120 11.28 -16.42 9.68
C ASP C 120 10.42 -17.46 10.41
N ASP C 121 9.93 -18.44 9.66
CA ASP C 121 9.15 -19.55 10.23
C ASP C 121 7.82 -19.13 10.86
N ARG C 122 7.32 -17.96 10.51
CA ARG C 122 5.96 -17.58 10.92
C ARG C 122 5.25 -16.89 9.77
N LEU C 123 3.95 -17.13 9.66
CA LEU C 123 3.09 -16.32 8.80
C LEU C 123 2.36 -15.31 9.68
N ILE C 124 2.64 -14.02 9.47
CA ILE C 124 2.01 -12.96 10.26
C ILE C 124 1.13 -12.15 9.31
N PHE C 125 -0.17 -12.08 9.60
CA PHE C 125 -1.04 -11.31 8.73
C PHE C 125 -2.09 -10.58 9.56
N THR C 126 -2.73 -9.60 8.94
CA THR C 126 -3.77 -8.83 9.61
C THR C 126 -5.15 -9.19 9.11
N ARG C 127 -6.14 -8.88 9.92
CA ARG C 127 -7.55 -9.07 9.61
C ARG C 127 -8.28 -7.91 10.24
N ARG C 128 -9.21 -7.31 9.53
CA ARG C 128 -10.02 -6.25 10.14
CA ARG C 128 -10.02 -6.24 10.14
C ARG C 128 -11.38 -6.81 10.58
N GLU C 129 -11.83 -6.39 11.76
CA GLU C 129 -13.09 -6.86 12.32
C GLU C 129 -13.88 -5.65 12.82
N PRO C 130 -15.23 -5.76 12.86
CA PRO C 130 -16.02 -4.59 13.28
C PRO C 130 -15.69 -4.13 14.70
N VAL C 131 -15.77 -2.82 14.91
CA VAL C 131 -15.72 -2.28 16.27
C VAL C 131 -16.92 -2.70 17.12
N GLY C 132 -18.07 -2.95 16.50
CA GLY C 132 -19.25 -3.47 17.16
C GLY C 132 -20.48 -2.64 16.85
N ILE C 133 -20.91 -1.83 17.81
CA ILE C 133 -21.98 -0.87 17.54
C ILE C 133 -21.37 0.48 17.24
N VAL C 134 -21.70 1.00 16.06
CA VAL C 134 -21.34 2.34 15.63
C VAL C 134 -22.51 3.29 15.93
N GLY C 135 -22.20 4.34 16.68
CA GLY C 135 -23.15 5.42 16.95
C GLY C 135 -22.87 6.55 15.98
N ALA C 136 -23.80 6.74 15.05
CA ALA C 136 -23.64 7.73 14.00
C ALA C 136 -24.55 8.91 14.28
N ILE C 137 -23.97 10.10 14.34
CA ILE C 137 -24.73 11.31 14.66
C ILE C 137 -24.45 12.30 13.55
N THR C 138 -25.50 12.59 12.78
CA THR C 138 -25.35 13.27 11.49
C THR C 138 -25.98 14.66 11.52
N PRO C 139 -25.47 15.57 10.66
CA PRO C 139 -25.87 16.97 10.67
C PRO C 139 -27.04 17.30 9.74
N PHE C 140 -27.57 18.51 9.85
CA PHE C 140 -28.72 18.95 9.06
C PHE C 140 -28.37 19.34 7.63
N ASN C 141 -27.10 19.67 7.38
CA ASN C 141 -26.72 20.39 6.16
C ASN C 141 -26.57 19.54 4.90
N PHE C 142 -25.96 18.36 5.04
CA PHE C 142 -25.89 17.34 3.98
C PHE C 142 -26.36 16.04 4.60
N PRO C 143 -27.65 15.99 4.97
CA PRO C 143 -28.12 14.91 5.83
C PRO C 143 -28.11 13.57 5.12
N LEU C 144 -28.15 13.59 3.79
CA LEU C 144 -28.17 12.35 3.02
C LEU C 144 -26.75 11.85 2.77
N ASN C 145 -25.88 12.66 2.17
CA ASN C 145 -24.51 12.18 1.88
C ASN C 145 -23.68 12.00 3.14
N LEU C 146 -23.89 12.87 4.13
CA LEU C 146 -23.13 12.72 5.38
C LEU C 146 -23.59 11.52 6.20
N SER C 147 -24.87 11.16 6.09
CA SER C 147 -25.33 9.88 6.63
C SER C 147 -24.72 8.72 5.85
N ALA C 148 -24.70 8.83 4.53
CA ALA C 148 -24.09 7.79 3.67
C ALA C 148 -22.60 7.57 4.05
N HIS C 149 -21.89 8.66 4.34
CA HIS C 149 -20.48 8.60 4.74
C HIS C 149 -20.20 7.91 6.08
N LYS C 150 -21.21 7.73 6.92
CA LYS C 150 -21.09 6.92 8.13
C LYS C 150 -21.71 5.52 7.95
N ILE C 151 -22.92 5.48 7.38
CA ILE C 151 -23.67 4.22 7.28
C ILE C 151 -22.99 3.23 6.33
N ALA C 152 -22.58 3.73 5.17
CA ALA C 152 -21.98 2.87 4.15
C ALA C 152 -20.69 2.19 4.68
N PRO C 153 -19.73 2.95 5.22
CA PRO C 153 -18.55 2.23 5.74
C PRO C 153 -18.86 1.34 6.93
N ALA C 154 -19.85 1.74 7.76
CA ALA C 154 -20.24 0.93 8.92
C ALA C 154 -20.77 -0.45 8.49
N ILE C 155 -21.68 -0.48 7.52
CA ILE C 155 -22.20 -1.74 6.97
C ILE C 155 -21.04 -2.55 6.33
N ALA C 156 -20.19 -1.84 5.58
CA ALA C 156 -19.07 -2.47 4.87
C ALA C 156 -18.15 -3.25 5.81
N THR C 157 -18.04 -2.77 7.05
CA THR C 157 -17.12 -3.33 8.05
C THR C 157 -17.82 -4.21 9.10
N GLY C 158 -19.09 -4.52 8.88
CA GLY C 158 -19.81 -5.50 9.71
C GLY C 158 -20.25 -5.01 11.06
N ASN C 159 -20.48 -3.70 11.15
CA ASN C 159 -20.99 -3.09 12.37
C ASN C 159 -22.51 -3.00 12.39
N VAL C 160 -23.05 -3.09 13.60
CA VAL C 160 -24.44 -2.67 13.86
C VAL C 160 -24.44 -1.14 14.04
N ILE C 161 -25.55 -0.49 13.66
CA ILE C 161 -25.64 0.98 13.68
C ILE C 161 -26.80 1.50 14.54
N VAL C 162 -26.49 2.48 15.38
CA VAL C 162 -27.53 3.35 15.96
C VAL C 162 -27.26 4.78 15.47
N HIS C 163 -28.25 5.34 14.79
CA HIS C 163 -28.07 6.58 14.04
C HIS C 163 -29.08 7.63 14.48
N HIS C 164 -28.57 8.75 15.00
CA HIS C 164 -29.39 9.91 15.29
C HIS C 164 -29.17 11.01 14.26
N PRO C 165 -30.22 11.34 13.48
CA PRO C 165 -30.07 12.45 12.53
C PRO C 165 -30.47 13.78 13.17
N SER C 166 -29.96 14.87 12.61
CA SER C 166 -30.37 16.20 13.07
C SER C 166 -31.88 16.39 12.94
N SER C 167 -32.50 16.86 14.03
CA SER C 167 -33.92 17.17 14.01
C SER C 167 -34.28 18.35 13.09
N LYS C 168 -33.27 19.09 12.65
CA LYS C 168 -33.48 20.28 11.81
C LYS C 168 -33.78 19.92 10.36
N ALA C 169 -33.38 18.71 9.93
CA ALA C 169 -33.72 18.18 8.59
C ALA C 169 -33.71 16.64 8.55
N PRO C 170 -34.59 16.00 9.32
CA PRO C 170 -34.57 14.55 9.49
C PRO C 170 -35.24 13.75 8.36
N LEU C 171 -36.05 14.41 7.53
CA LEU C 171 -36.95 13.69 6.62
C LEU C 171 -36.21 12.82 5.59
N VAL C 172 -35.11 13.32 5.02
CA VAL C 172 -34.36 12.51 4.05
C VAL C 172 -33.75 11.26 4.72
N CYS C 173 -33.40 11.38 6.01
CA CYS C 173 -32.84 10.27 6.77
C CYS C 173 -33.89 9.21 7.06
N ILE C 174 -35.13 9.65 7.26
CA ILE C 174 -36.25 8.73 7.43
C ILE C 174 -36.44 7.95 6.13
N GLU C 175 -36.35 8.64 4.99
CA GLU C 175 -36.43 7.97 3.69
C GLU C 175 -35.27 7.01 3.48
N LEU C 176 -34.08 7.43 3.88
CA LEU C 176 -32.90 6.54 3.77
C LEU C 176 -33.06 5.31 4.66
N ALA C 177 -33.61 5.49 5.86
CA ALA C 177 -33.81 4.36 6.75
C ALA C 177 -34.76 3.32 6.13
N LYS C 178 -35.84 3.78 5.50
CA LYS C 178 -36.77 2.90 4.78
C LYS C 178 -36.05 2.15 3.66
N ILE C 179 -35.24 2.88 2.89
CA ILE C 179 -34.40 2.32 1.84
C ILE C 179 -33.48 1.21 2.38
N ILE C 180 -32.82 1.49 3.51
CA ILE C 180 -31.95 0.51 4.16
C ILE C 180 -32.76 -0.71 4.61
N GLU C 181 -33.91 -0.47 5.23
CA GLU C 181 -34.82 -1.54 5.65
C GLU C 181 -35.21 -2.47 4.49
N ASN C 182 -35.55 -1.88 3.34
CA ASN C 182 -35.84 -2.62 2.11
C ASN C 182 -34.70 -3.53 1.64
N ALA C 183 -33.48 -2.98 1.68
CA ALA C 183 -32.29 -3.72 1.25
C ALA C 183 -32.05 -4.87 2.20
N LEU C 184 -32.21 -4.62 3.50
CA LEU C 184 -32.03 -5.66 4.52
C LEU C 184 -33.04 -6.80 4.39
N LYS C 185 -34.30 -6.44 4.16
CA LYS C 185 -35.37 -7.42 3.91
C LYS C 185 -35.06 -8.26 2.68
N LYS C 186 -34.63 -7.60 1.60
CA LYS C 186 -34.34 -8.26 0.33
C LYS C 186 -33.31 -9.37 0.47
N TYR C 187 -32.30 -9.14 1.31
CA TYR C 187 -31.20 -10.08 1.50
C TYR C 187 -31.26 -10.85 2.83
N ASN C 188 -32.45 -10.87 3.43
CA ASN C 188 -32.76 -11.70 4.60
C ASN C 188 -31.91 -11.40 5.84
N VAL C 189 -31.68 -10.12 6.10
CA VAL C 189 -30.93 -9.67 7.28
C VAL C 189 -31.92 -8.99 8.21
N PRO C 190 -31.88 -9.33 9.51
CA PRO C 190 -32.77 -8.72 10.49
C PRO C 190 -32.67 -7.20 10.49
N LEU C 191 -33.80 -6.52 10.61
CA LEU C 191 -33.84 -5.05 10.55
C LEU C 191 -33.12 -4.35 11.69
N GLY C 192 -32.89 -5.07 12.79
CA GLY C 192 -32.25 -4.53 13.99
C GLY C 192 -30.78 -4.18 13.85
N VAL C 193 -30.16 -4.54 12.71
CA VAL C 193 -28.77 -4.17 12.47
C VAL C 193 -28.58 -2.67 12.22
N TYR C 194 -29.65 -1.99 11.78
CA TYR C 194 -29.65 -0.55 11.55
C TYR C 194 -30.85 0.10 12.25
N ASN C 195 -30.58 1.15 13.03
CA ASN C 195 -31.63 1.77 13.83
C ASN C 195 -31.58 3.27 13.74
N LEU C 196 -32.59 3.87 13.11
CA LEU C 196 -32.71 5.32 13.11
C LEU C 196 -33.43 5.80 14.37
N LEU C 197 -32.73 6.59 15.17
CA LEU C 197 -33.28 7.15 16.41
C LEU C 197 -33.48 8.66 16.35
N THR C 198 -34.73 9.09 16.16
CA THR C 198 -35.03 10.54 16.10
C THR C 198 -35.45 11.11 17.43
N GLY C 199 -35.21 12.40 17.61
CA GLY C 199 -35.59 13.08 18.85
C GLY C 199 -34.59 14.17 19.20
N ALA C 200 -34.68 14.69 20.42
CA ALA C 200 -33.78 15.75 20.86
C ALA C 200 -32.34 15.22 20.93
N GLY C 201 -31.42 16.00 20.34
CA GLY C 201 -29.98 15.68 20.38
C GLY C 201 -29.47 15.48 21.80
N GLU C 202 -29.91 16.35 22.71
CA GLU C 202 -29.44 16.32 24.10
C GLU C 202 -30.01 15.15 24.93
N VAL C 203 -30.95 14.42 24.33
CA VAL C 203 -31.49 13.19 24.91
C VAL C 203 -31.00 11.94 24.13
N VAL C 204 -31.37 11.83 22.85
CA VAL C 204 -31.09 10.63 22.05
C VAL C 204 -29.61 10.59 21.63
N GLY C 205 -29.13 11.72 21.10
CA GLY C 205 -27.73 11.87 20.73
C GLY C 205 -26.83 11.65 21.93
N ASP C 206 -27.18 12.31 23.03
CA ASP C 206 -26.48 12.15 24.29
C ASP C 206 -26.40 10.69 24.75
N GLU C 207 -27.51 9.96 24.69
CA GLU C 207 -27.52 8.56 25.10
C GLU C 207 -26.59 7.69 24.27
N ILE C 208 -26.55 7.91 22.95
CA ILE C 208 -25.64 7.18 22.08
C ILE C 208 -24.17 7.42 22.50
N VAL C 209 -23.85 8.67 22.81
CA VAL C 209 -22.50 9.04 23.24
C VAL C 209 -22.12 8.38 24.56
N VAL C 210 -23.05 8.38 25.52
CA VAL C 210 -22.78 8.01 26.89
C VAL C 210 -22.86 6.50 27.15
N ASN C 211 -23.75 5.82 26.41
CA ASN C 211 -24.03 4.41 26.61
C ASN C 211 -22.81 3.49 26.45
N GLU C 212 -22.56 2.66 27.46
CA GLU C 212 -21.36 1.79 27.48
C GLU C 212 -21.41 0.62 26.49
N LYS C 213 -22.57 0.42 25.86
CA LYS C 213 -22.71 -0.65 24.86
C LYS C 213 -22.27 -0.19 23.47
N VAL C 214 -22.25 1.12 23.24
CA VAL C 214 -21.81 1.67 21.97
C VAL C 214 -20.28 1.64 21.92
N ASN C 215 -19.73 1.17 20.81
CA ASN C 215 -18.30 0.95 20.72
C ASN C 215 -17.53 2.09 20.08
N MET C 216 -18.24 2.88 19.29
CA MET C 216 -17.65 3.99 18.56
CA MET C 216 -17.66 4.04 18.62
C MET C 216 -18.68 5.09 18.31
N ILE C 217 -18.24 6.35 18.46
CA ILE C 217 -19.03 7.51 18.08
C ILE C 217 -18.42 8.14 16.83
N SER C 218 -19.25 8.33 15.81
CA SER C 218 -18.86 9.11 14.65
C SER C 218 -19.83 10.27 14.53
N PHE C 219 -19.33 11.47 14.78
CA PHE C 219 -20.18 12.66 14.90
C PHE C 219 -19.70 13.70 13.92
N THR C 220 -20.64 14.29 13.18
CA THR C 220 -20.38 15.46 12.34
C THR C 220 -21.32 16.59 12.77
N GLY C 221 -20.74 17.76 13.04
CA GLY C 221 -21.54 18.88 13.54
C GLY C 221 -20.70 19.96 14.19
N SER C 222 -21.26 20.68 15.17
CA SER C 222 -20.56 21.83 15.74
C SER C 222 -19.35 21.44 16.58
N SER C 223 -18.31 22.25 16.51
CA SER C 223 -17.09 22.07 17.29
C SER C 223 -17.33 22.02 18.80
N LYS C 224 -18.25 22.85 19.27
CA LYS C 224 -18.64 22.87 20.68
C LYS C 224 -19.15 21.49 21.12
N VAL C 225 -20.12 20.94 20.37
CA VAL C 225 -20.69 19.62 20.68
C VAL C 225 -19.60 18.53 20.60
N GLY C 226 -18.75 18.61 19.58
CA GLY C 226 -17.64 17.66 19.40
C GLY C 226 -16.75 17.64 20.62
N GLU C 227 -16.38 18.83 21.10
CA GLU C 227 -15.54 18.93 22.30
C GLU C 227 -16.19 18.27 23.51
N LEU C 228 -17.49 18.51 23.68
CA LEU C 228 -18.27 17.92 24.76
C LEU C 228 -18.28 16.40 24.70
N ILE C 229 -18.36 15.87 23.47
CA ILE C 229 -18.33 14.42 23.25
C ILE C 229 -17.03 13.79 23.78
N THR C 230 -15.90 14.46 23.54
CA THR C 230 -14.60 13.93 23.99
C THR C 230 -14.58 13.78 25.52
N LYS C 231 -15.38 14.60 26.19
CA LYS C 231 -15.43 14.59 27.65
C LYS C 231 -16.41 13.57 28.24
N LYS C 232 -17.38 13.14 27.43
CA LYS C 232 -18.48 12.31 27.90
C LYS C 232 -18.51 10.89 27.31
N ALA C 233 -17.76 10.68 26.24
CA ALA C 233 -17.82 9.41 25.50
C ALA C 233 -17.21 8.21 26.22
N GLY C 234 -16.18 8.42 27.05
CA GLY C 234 -15.53 7.33 27.77
C GLY C 234 -14.72 6.41 26.87
N PHE C 235 -14.70 5.11 27.17
CA PHE C 235 -13.84 4.15 26.48
C PHE C 235 -14.49 3.70 25.17
N LYS C 236 -14.42 4.57 24.17
CA LYS C 236 -14.97 4.34 22.84
C LYS C 236 -13.99 4.88 21.81
N LYS C 237 -14.01 4.33 20.59
CA LYS C 237 -13.34 4.98 19.46
C LYS C 237 -14.16 6.20 19.09
N ILE C 238 -13.49 7.28 18.72
CA ILE C 238 -14.15 8.55 18.45
C ILE C 238 -13.69 9.17 17.14
N ALA C 239 -14.65 9.47 16.27
CA ALA C 239 -14.38 10.23 15.06
C ALA C 239 -15.24 11.47 15.07
N LEU C 240 -14.62 12.63 14.81
CA LEU C 240 -15.31 13.93 14.83
C LEU C 240 -15.01 14.72 13.57
N GLU C 241 -16.07 15.22 12.94
CA GLU C 241 -15.93 16.05 11.75
C GLU C 241 -16.64 17.33 12.10
N LEU C 242 -15.87 18.36 12.42
CA LEU C 242 -16.47 19.54 13.02
C LEU C 242 -16.35 20.68 12.00
N GLY C 243 -16.32 21.91 12.48
CA GLY C 243 -16.32 23.04 11.56
C GLY C 243 -15.06 23.86 11.72
N GLY C 244 -15.13 25.10 11.24
CA GLY C 244 -14.03 26.04 11.42
C GLY C 244 -14.32 27.36 10.73
N VAL C 245 -13.40 28.30 10.85
CA VAL C 245 -13.47 29.57 10.14
C VAL C 245 -12.39 29.50 9.06
N ASN C 246 -12.78 29.00 7.91
CA ASN C 246 -11.83 28.54 6.91
C ASN C 246 -11.22 29.68 6.10
N PRO C 247 -9.91 29.95 6.25
CA PRO C 247 -9.32 31.09 5.59
C PRO C 247 -8.98 30.79 4.12
N ASN C 248 -9.31 31.72 3.25
CA ASN C 248 -9.06 31.64 1.82
C ASN C 248 -8.18 32.81 1.43
N ILE C 249 -6.99 32.51 0.92
CA ILE C 249 -5.95 33.52 0.71
C ILE C 249 -5.80 33.84 -0.78
N VAL C 250 -5.81 35.12 -1.13
CA VAL C 250 -5.64 35.52 -2.52
C VAL C 250 -4.35 36.32 -2.64
N LEU C 251 -3.33 35.71 -3.25
CA LEU C 251 -2.03 36.37 -3.44
C LEU C 251 -2.09 37.35 -4.61
N LYS C 252 -1.13 38.25 -4.68
CA LYS C 252 -1.18 39.35 -5.66
C LYS C 252 -1.10 38.88 -7.10
N ASP C 253 -0.57 37.66 -7.32
CA ASP C 253 -0.44 37.10 -8.66
C ASP C 253 -1.59 36.17 -9.05
N ALA C 254 -2.61 36.03 -8.21
CA ALA C 254 -3.72 35.13 -8.52
C ALA C 254 -4.45 35.56 -9.79
N ASP C 255 -4.98 34.58 -10.52
CA ASP C 255 -5.98 34.84 -11.56
C ASP C 255 -7.25 35.33 -10.86
N LEU C 256 -7.51 36.63 -10.97
CA LEU C 256 -8.59 37.24 -10.18
C LEU C 256 -9.99 36.81 -10.58
N ASN C 257 -10.26 36.71 -11.87
CA ASN C 257 -11.56 36.24 -12.32
C ASN C 257 -11.87 34.82 -11.81
N LYS C 258 -10.87 33.95 -11.88
CA LYS C 258 -11.07 32.56 -11.44
C LYS C 258 -11.19 32.47 -9.92
N ALA C 259 -10.41 33.27 -9.21
CA ALA C 259 -10.49 33.33 -7.74
C ALA C 259 -11.87 33.84 -7.29
N VAL C 260 -12.37 34.88 -7.96
CA VAL C 260 -13.68 35.40 -7.66
C VAL C 260 -14.77 34.34 -7.86
N ASN C 261 -14.83 33.72 -9.03
CA ASN C 261 -15.79 32.66 -9.28
C ASN C 261 -15.72 31.53 -8.23
N ALA C 262 -14.51 31.04 -7.95
CA ALA C 262 -14.31 29.99 -6.93
C ALA C 262 -14.80 30.44 -5.56
N LEU C 263 -14.51 31.70 -5.23
CA LEU C 263 -14.85 32.20 -3.90
C LEU C 263 -16.33 32.55 -3.75
N ILE C 264 -16.99 32.93 -4.84
CA ILE C 264 -18.46 33.04 -4.84
C ILE C 264 -19.09 31.69 -4.47
N LYS C 265 -18.64 30.61 -5.11
CA LYS C 265 -19.12 29.26 -4.79
C LYS C 265 -18.83 28.92 -3.32
N GLY C 266 -17.57 29.09 -2.91
CA GLY C 266 -17.14 28.67 -1.57
C GLY C 266 -17.82 29.47 -0.46
N SER C 267 -18.15 30.72 -0.79
CA SER C 267 -18.84 31.60 0.14
C SER C 267 -20.33 31.30 0.27
N PHE C 268 -20.99 31.02 -0.86
CA PHE C 268 -22.45 31.07 -0.88
C PHE C 268 -23.21 29.78 -1.16
N ILE C 269 -22.49 28.71 -1.51
CA ILE C 269 -23.11 27.39 -1.64
C ILE C 269 -23.80 27.05 -0.31
N TYR C 270 -25.01 26.52 -0.43
CA TYR C 270 -25.91 26.21 0.69
C TYR C 270 -25.93 27.31 1.77
N ALA C 271 -25.95 28.56 1.30
CA ALA C 271 -26.00 29.74 2.15
C ALA C 271 -24.88 29.77 3.22
N GLY C 272 -23.73 29.17 2.92
CA GLY C 272 -22.62 29.18 3.86
C GLY C 272 -22.72 28.17 4.99
N GLN C 273 -23.70 27.27 4.91
CA GLN C 273 -23.93 26.30 5.98
C GLN C 273 -23.17 25.01 5.71
N VAL C 274 -21.87 25.14 5.46
CA VAL C 274 -21.01 23.97 5.20
C VAL C 274 -19.79 24.09 6.09
N CYS C 275 -19.35 22.97 6.67
CA CYS C 275 -18.21 23.02 7.58
C CYS C 275 -16.96 23.59 6.92
N ILE C 276 -16.87 23.42 5.59
CA ILE C 276 -15.75 23.94 4.81
C ILE C 276 -16.07 25.22 4.01
N SER C 277 -17.16 25.90 4.35
CA SER C 277 -17.52 27.18 3.69
C SER C 277 -16.43 28.22 3.94
N VAL C 278 -16.29 29.18 3.03
CA VAL C 278 -15.37 30.31 3.23
C VAL C 278 -15.72 31.07 4.52
N GLY C 279 -14.76 31.18 5.44
CA GLY C 279 -14.98 31.90 6.71
C GLY C 279 -14.33 33.27 6.71
N MET C 280 -13.25 33.43 5.96
CA MET C 280 -12.59 34.73 5.79
C MET C 280 -11.77 34.70 4.51
N ILE C 281 -11.71 35.84 3.83
CA ILE C 281 -10.85 36.00 2.66
C ILE C 281 -9.74 36.97 3.03
N LEU C 282 -8.50 36.52 2.87
CA LEU C 282 -7.32 37.37 3.04
C LEU C 282 -6.81 37.73 1.67
N VAL C 283 -6.75 39.02 1.35
CA VAL C 283 -6.36 39.44 0.02
C VAL C 283 -5.20 40.41 0.08
N ASP C 284 -4.21 40.20 -0.77
CA ASP C 284 -3.08 41.13 -0.85
C ASP C 284 -3.57 42.56 -1.05
N GLU C 285 -2.99 43.47 -0.28
CA GLU C 285 -3.32 44.90 -0.35
C GLU C 285 -3.26 45.48 -1.76
N SER C 286 -2.29 45.04 -2.56
CA SER C 286 -2.10 45.60 -3.90
C SER C 286 -3.27 45.30 -4.86
N ILE C 287 -4.03 44.25 -4.59
CA ILE C 287 -5.14 43.86 -5.46
C ILE C 287 -6.49 43.87 -4.75
N ALA C 288 -6.49 44.33 -3.49
CA ALA C 288 -7.67 44.26 -2.65
C ALA C 288 -8.87 45.02 -3.23
N ASP C 289 -8.64 46.26 -3.69
CA ASP C 289 -9.71 47.07 -4.29
C ASP C 289 -10.39 46.38 -5.46
N LYS C 290 -9.59 45.90 -6.43
CA LYS C 290 -10.09 45.20 -7.62
C LYS C 290 -10.84 43.93 -7.26
N PHE C 291 -10.25 43.13 -6.37
CA PHE C 291 -10.87 41.89 -5.95
C PHE C 291 -12.24 42.16 -5.33
N ILE C 292 -12.26 43.08 -4.36
CA ILE C 292 -13.47 43.41 -3.63
C ILE C 292 -14.58 43.87 -4.55
N GLU C 293 -14.26 44.76 -5.49
CA GLU C 293 -15.25 45.22 -6.47
C GLU C 293 -15.81 44.05 -7.30
N MET C 294 -14.92 43.20 -7.83
CA MET C 294 -15.33 42.05 -8.63
C MET C 294 -16.19 41.06 -7.85
N PHE C 295 -15.81 40.81 -6.59
CA PHE C 295 -16.46 39.82 -5.74
C PHE C 295 -17.86 40.30 -5.32
N VAL C 296 -17.96 41.56 -4.89
CA VAL C 296 -19.25 42.18 -4.54
C VAL C 296 -20.20 42.18 -5.75
N ASN C 297 -19.68 42.56 -6.92
CA ASN C 297 -20.50 42.61 -8.12
C ASN C 297 -21.05 41.24 -8.54
N LYS C 298 -20.25 40.19 -8.36
CA LYS C 298 -20.73 38.83 -8.65
C LYS C 298 -21.73 38.37 -7.60
N ALA C 299 -21.50 38.74 -6.34
CA ALA C 299 -22.41 38.36 -5.25
C ALA C 299 -23.78 39.05 -5.36
N LYS C 300 -23.80 40.26 -5.91
CA LYS C 300 -25.04 41.04 -6.09
C LYS C 300 -26.09 40.31 -6.92
N VAL C 301 -25.62 39.58 -7.93
CA VAL C 301 -26.50 39.05 -8.95
C VAL C 301 -27.01 37.62 -8.65
N LEU C 302 -26.64 37.09 -7.48
CA LEU C 302 -27.14 35.79 -7.07
C LEU C 302 -28.66 35.83 -6.83
N ASN C 303 -29.35 34.78 -7.25
CA ASN C 303 -30.78 34.65 -7.00
C ASN C 303 -31.04 34.06 -5.61
N VAL C 304 -31.65 34.88 -4.76
CA VAL C 304 -31.92 34.52 -3.38
C VAL C 304 -33.43 34.26 -3.21
N GLY C 305 -33.79 33.07 -2.74
CA GLY C 305 -35.21 32.75 -2.56
C GLY C 305 -35.55 31.28 -2.40
N ASN C 306 -36.69 30.90 -2.98
CA ASN C 306 -37.28 29.58 -2.80
C ASN C 306 -36.37 28.46 -3.31
N PRO C 307 -35.96 27.54 -2.41
CA PRO C 307 -35.08 26.43 -2.82
C PRO C 307 -35.71 25.54 -3.89
N LEU C 308 -37.04 25.48 -3.96
CA LEU C 308 -37.70 24.67 -4.97
C LEU C 308 -37.60 25.23 -6.40
N ASP C 309 -37.36 26.54 -6.52
CA ASP C 309 -37.18 27.19 -7.82
C ASP C 309 -35.86 26.81 -8.46
N GLU C 310 -35.91 26.41 -9.74
CA GLU C 310 -34.71 26.01 -10.48
C GLU C 310 -33.67 27.14 -10.57
N LYS C 311 -34.12 28.39 -10.56
CA LYS C 311 -33.22 29.53 -10.73
C LYS C 311 -32.54 30.00 -9.44
N THR C 312 -32.99 29.48 -8.31
CA THR C 312 -32.50 29.90 -6.99
C THR C 312 -31.04 29.46 -6.77
N ASP C 313 -30.21 30.44 -6.42
CA ASP C 313 -28.80 30.22 -6.06
C ASP C 313 -28.61 30.05 -4.56
N VAL C 314 -29.32 30.87 -3.78
CA VAL C 314 -29.17 30.92 -2.32
C VAL C 314 -30.55 30.79 -1.68
N GLY C 315 -30.71 29.74 -0.87
CA GLY C 315 -31.91 29.55 -0.07
C GLY C 315 -31.76 30.04 1.36
N PRO C 316 -32.73 29.72 2.23
CA PRO C 316 -32.76 30.21 3.61
C PRO C 316 -31.76 29.51 4.52
N LEU C 317 -31.44 30.14 5.65
CA LEU C 317 -30.73 29.46 6.73
C LEU C 317 -31.68 28.45 7.38
N ILE C 318 -31.14 27.51 8.14
CA ILE C 318 -31.91 26.37 8.65
C ILE C 318 -33.01 26.74 9.65
N SER C 319 -32.87 27.88 10.32
CA SER C 319 -33.85 28.35 11.31
C SER C 319 -33.86 29.87 11.40
N VAL C 320 -34.98 30.42 11.88
CA VAL C 320 -35.03 31.85 12.19
C VAL C 320 -34.08 32.20 13.35
N GLU C 321 -34.04 31.33 14.37
CA GLU C 321 -33.19 31.52 15.55
C GLU C 321 -31.73 31.68 15.14
N HIS C 322 -31.26 30.85 14.22
CA HIS C 322 -29.90 30.99 13.72
C HIS C 322 -29.71 32.29 12.92
N ALA C 323 -30.67 32.58 12.04
CA ALA C 323 -30.63 33.81 11.24
C ALA C 323 -30.60 35.07 12.14
N GLU C 324 -31.36 35.04 13.22
CA GLU C 324 -31.36 36.12 14.20
C GLU C 324 -30.00 36.27 14.87
N TRP C 325 -29.39 35.13 15.22
CA TRP C 325 -28.04 35.13 15.80
C TRP C 325 -27.00 35.71 14.84
N VAL C 326 -27.08 35.34 13.56
CA VAL C 326 -26.16 35.86 12.53
C VAL C 326 -26.27 37.39 12.42
N GLU C 327 -27.50 37.88 12.42
CA GLU C 327 -27.78 39.32 12.37
C GLU C 327 -27.05 40.08 13.48
N LYS C 328 -27.13 39.56 14.71
CA LYS C 328 -26.42 40.17 15.84
C LYS C 328 -24.90 40.13 15.67
N VAL C 329 -24.38 39.05 15.11
CA VAL C 329 -22.95 38.94 14.84
C VAL C 329 -22.50 39.99 13.82
N VAL C 330 -23.28 40.16 12.76
CA VAL C 330 -22.99 41.16 11.73
C VAL C 330 -23.09 42.57 12.34
N GLU C 331 -24.07 42.77 13.20
CA GLU C 331 -24.19 44.04 13.93
C GLU C 331 -22.95 44.31 14.79
N LYS C 332 -22.49 43.29 15.51
CA LYS C 332 -21.28 43.38 16.33
C LYS C 332 -20.04 43.66 15.48
N ALA C 333 -19.94 42.98 14.33
CA ALA C 333 -18.84 43.18 13.38
C ALA C 333 -18.78 44.63 12.86
N ILE C 334 -19.94 45.22 12.59
CA ILE C 334 -20.01 46.62 12.15
C ILE C 334 -19.63 47.55 13.30
N ASP C 335 -20.07 47.22 14.51
CA ASP C 335 -19.71 47.98 15.71
C ASP C 335 -18.21 48.02 16.01
N GLU C 336 -17.51 46.95 15.67
CA GLU C 336 -16.06 46.88 15.83
C GLU C 336 -15.32 47.60 14.69
N GLY C 337 -16.06 48.13 13.72
CA GLY C 337 -15.45 48.92 12.65
C GLY C 337 -15.45 48.24 11.29
N GLY C 338 -16.09 47.07 11.22
CA GLY C 338 -16.32 46.40 9.94
C GLY C 338 -17.13 47.29 9.01
N LYS C 339 -16.73 47.30 7.74
CA LYS C 339 -17.38 48.09 6.70
C LYS C 339 -18.31 47.22 5.86
N LEU C 340 -19.61 47.51 5.91
CA LEU C 340 -20.58 46.74 5.13
C LEU C 340 -20.56 47.10 3.65
N LEU C 341 -20.26 46.10 2.81
CA LEU C 341 -20.15 46.30 1.37
C LEU C 341 -21.34 45.71 0.61
N LEU C 342 -22.03 44.75 1.21
CA LEU C 342 -23.20 44.15 0.61
C LEU C 342 -24.05 43.45 1.65
N GLY C 343 -25.37 43.59 1.51
CA GLY C 343 -26.32 42.77 2.25
C GLY C 343 -26.52 43.20 3.67
N GLY C 344 -26.35 42.26 4.60
CA GLY C 344 -26.65 42.51 6.01
C GLY C 344 -28.15 42.54 6.26
N LYS C 345 -28.92 42.11 5.26
CA LYS C 345 -30.38 42.08 5.36
C LYS C 345 -30.88 40.64 5.51
N ARG C 346 -32.06 40.53 6.13
CA ARG C 346 -32.65 39.24 6.49
C ARG C 346 -34.18 39.31 6.34
N ASP C 347 -34.74 38.25 5.75
CA ASP C 347 -36.19 38.08 5.62
C ASP C 347 -36.58 36.75 6.27
N LYS C 348 -36.98 36.82 7.54
CA LYS C 348 -37.17 35.64 8.39
C LYS C 348 -35.86 34.83 8.47
N ALA C 349 -35.83 33.65 7.85
CA ALA C 349 -34.61 32.83 7.85
C ALA C 349 -33.78 33.02 6.58
N LEU C 350 -34.35 33.71 5.60
CA LEU C 350 -33.62 34.00 4.36
C LEU C 350 -32.61 35.12 4.60
N PHE C 351 -31.34 34.75 4.63
CA PHE C 351 -30.27 35.71 4.88
C PHE C 351 -29.55 36.01 3.59
N TYR C 352 -29.44 37.30 3.30
CA TYR C 352 -28.87 37.74 2.03
C TYR C 352 -27.34 37.73 2.07
N PRO C 353 -26.71 37.42 0.92
CA PRO C 353 -25.25 37.45 0.82
C PRO C 353 -24.71 38.75 1.40
N THR C 354 -23.79 38.61 2.34
CA THR C 354 -23.35 39.74 3.14
C THR C 354 -21.83 39.77 3.13
N ILE C 355 -21.27 40.92 2.74
CA ILE C 355 -19.81 41.07 2.61
C ILE C 355 -19.35 42.31 3.38
N LEU C 356 -18.30 42.13 4.18
CA LEU C 356 -17.70 43.24 4.92
C LEU C 356 -16.18 43.28 4.74
N GLU C 357 -15.62 44.48 4.74
CA GLU C 357 -14.18 44.60 4.95
C GLU C 357 -13.92 44.82 6.43
N VAL C 358 -13.04 44.01 7.00
CA VAL C 358 -12.74 44.06 8.43
C VAL C 358 -11.22 43.94 8.65
N ASP C 359 -10.78 44.17 9.88
CA ASP C 359 -9.39 43.86 10.21
C ASP C 359 -9.32 42.51 10.94
N ARG C 360 -8.10 42.03 11.16
CA ARG C 360 -7.87 40.69 11.69
CA ARG C 360 -7.84 40.69 11.70
C ARG C 360 -8.44 40.45 13.09
N ASP C 361 -8.75 41.55 13.79
CA ASP C 361 -9.28 41.47 15.15
C ASP C 361 -10.80 41.40 15.20
N ASN C 362 -11.44 41.48 14.04
CA ASN C 362 -12.89 41.46 13.98
C ASN C 362 -13.49 40.15 14.47
N ILE C 363 -14.67 40.22 15.10
CA ILE C 363 -15.38 39.03 15.56
C ILE C 363 -15.54 37.95 14.47
N LEU C 364 -15.73 38.38 13.22
CA LEU C 364 -15.97 37.44 12.13
C LEU C 364 -14.76 36.57 11.82
N CYS C 365 -13.57 37.03 12.21
CA CYS C 365 -12.34 36.25 11.99
C CYS C 365 -12.17 35.13 13.00
N LYS C 366 -13.01 35.12 14.04
CA LYS C 366 -12.92 34.14 15.12
C LYS C 366 -14.21 33.34 15.31
N THR C 367 -15.22 33.63 14.49
CA THR C 367 -16.55 33.04 14.67
C THR C 367 -17.04 32.29 13.44
N GLU C 368 -17.38 31.02 13.62
CA GLU C 368 -18.02 30.25 12.56
C GLU C 368 -19.51 30.60 12.54
N THR C 369 -19.93 31.30 11.49
CA THR C 369 -21.30 31.80 11.42
C THR C 369 -22.28 30.85 10.74
N PHE C 370 -21.77 29.88 9.98
CA PHE C 370 -22.67 29.02 9.20
C PHE C 370 -23.73 29.88 8.49
N ALA C 371 -23.23 30.87 7.75
CA ALA C 371 -24.07 31.92 7.16
C ALA C 371 -23.38 32.51 5.93
N PRO C 372 -24.15 33.17 5.04
CA PRO C 372 -23.52 33.76 3.85
C PRO C 372 -22.92 35.13 4.18
N VAL C 373 -22.00 35.15 5.14
CA VAL C 373 -21.40 36.36 5.68
C VAL C 373 -19.89 36.25 5.57
N ILE C 374 -19.31 37.14 4.76
CA ILE C 374 -17.91 36.99 4.32
C ILE C 374 -17.09 38.21 4.71
N PRO C 375 -16.17 38.04 5.68
CA PRO C 375 -15.24 39.10 6.01
C PRO C 375 -14.03 39.07 5.10
N ILE C 376 -13.64 40.24 4.61
CA ILE C 376 -12.45 40.36 3.76
C ILE C 376 -11.40 41.20 4.48
N ILE C 377 -10.18 40.68 4.58
CA ILE C 377 -9.08 41.37 5.23
C ILE C 377 -8.01 41.67 4.20
N ARG C 378 -7.73 42.95 3.97
CA ARG C 378 -6.59 43.29 3.13
C ARG C 378 -5.30 43.24 3.95
N THR C 379 -4.27 42.63 3.38
CA THR C 379 -3.08 42.34 4.15
C THR C 379 -1.84 42.21 3.27
N ASN C 380 -0.66 42.22 3.89
CA ASN C 380 0.56 41.90 3.19
C ASN C 380 0.82 40.40 3.28
N GLU C 381 1.64 39.90 2.37
CA GLU C 381 1.90 38.46 2.30
C GLU C 381 2.49 37.90 3.61
N GLU C 382 3.32 38.72 4.27
CA GLU C 382 4.04 38.32 5.47
C GLU C 382 3.14 38.06 6.68
N GLU C 383 1.91 38.59 6.64
CA GLU C 383 0.98 38.46 7.76
C GLU C 383 -0.08 37.37 7.55
N MET C 384 -0.15 36.82 6.34
CA MET C 384 -1.26 35.95 5.95
C MET C 384 -1.26 34.62 6.69
N ILE C 385 -0.11 33.96 6.72
CA ILE C 385 -0.04 32.67 7.42
C ILE C 385 -0.41 32.84 8.89
N ASP C 386 0.08 33.91 9.53
CA ASP C 386 -0.21 34.13 10.93
CA ASP C 386 -0.20 34.19 10.94
C ASP C 386 -1.69 34.37 11.19
N ILE C 387 -2.34 35.16 10.35
CA ILE C 387 -3.80 35.36 10.46
C ILE C 387 -4.56 34.06 10.19
N ALA C 388 -4.18 33.36 9.13
CA ALA C 388 -4.83 32.09 8.78
C ALA C 388 -4.80 31.06 9.91
N ASN C 389 -3.66 30.98 10.60
CA ASN C 389 -3.43 30.00 11.67
C ASN C 389 -3.90 30.44 13.05
N SER C 390 -4.48 31.63 13.13
CA SER C 390 -4.72 32.27 14.42
C SER C 390 -5.96 31.78 15.15
N THR C 391 -6.72 30.85 14.57
CA THR C 391 -7.98 30.39 15.18
C THR C 391 -7.77 29.08 15.93
N GLU C 392 -8.75 28.69 16.75
CA GLU C 392 -8.71 27.40 17.41
C GLU C 392 -9.07 26.23 16.50
N TYR C 393 -9.45 26.53 15.26
CA TYR C 393 -9.89 25.50 14.31
C TYR C 393 -8.79 25.18 13.29
N GLY C 394 -9.06 24.17 12.45
CA GLY C 394 -8.07 23.77 11.45
C GLY C 394 -8.66 22.78 10.48
N LEU C 395 -9.81 23.10 9.90
CA LEU C 395 -10.43 22.24 8.89
C LEU C 395 -9.83 22.44 7.50
N HIS C 396 -10.33 23.39 6.73
CA HIS C 396 -9.79 23.64 5.37
C HIS C 396 -9.27 25.07 5.22
N SER C 397 -8.27 25.23 4.38
CA SER C 397 -7.77 26.54 3.99
C SER C 397 -7.53 26.50 2.49
N ALA C 398 -7.35 27.69 1.89
CA ALA C 398 -7.12 27.77 0.46
C ALA C 398 -6.20 28.92 0.10
N ILE C 399 -5.48 28.75 -1.00
CA ILE C 399 -4.60 29.78 -1.52
C ILE C 399 -4.73 29.87 -3.05
N PHE C 400 -4.83 31.10 -3.54
CA PHE C 400 -4.91 31.37 -4.96
C PHE C 400 -3.63 32.09 -5.35
N THR C 401 -2.84 31.45 -6.21
CA THR C 401 -1.55 31.95 -6.67
C THR C 401 -1.11 31.12 -7.86
N ASN C 402 -0.22 31.67 -8.67
CA ASN C 402 0.43 30.93 -9.77
C ASN C 402 1.88 30.61 -9.48
N ASP C 403 2.32 30.91 -8.26
CA ASP C 403 3.71 30.84 -7.87
C ASP C 403 4.01 29.52 -7.17
N ILE C 404 4.90 28.72 -7.76
CA ILE C 404 5.21 27.39 -7.22
C ILE C 404 5.75 27.48 -5.80
N ASN C 405 6.77 28.29 -5.59
CA ASN C 405 7.40 28.37 -4.28
C ASN C 405 6.43 28.82 -3.18
N LYS C 406 5.64 29.85 -3.48
CA LYS C 406 4.68 30.37 -2.51
C LYS C 406 3.61 29.35 -2.21
N SER C 407 3.09 28.68 -3.24
CA SER C 407 2.01 27.70 -3.01
C SER C 407 2.46 26.58 -2.08
N LEU C 408 3.69 26.08 -2.27
CA LEU C 408 4.22 24.99 -1.44
C LEU C 408 4.53 25.43 -0.01
N LYS C 409 5.04 26.64 0.15
CA LYS C 409 5.33 27.24 1.45
C LYS C 409 4.05 27.42 2.26
N PHE C 410 3.03 27.98 1.62
CA PHE C 410 1.71 28.08 2.24
C PHE C 410 1.13 26.70 2.55
N ALA C 411 1.23 25.76 1.61
CA ALA C 411 0.68 24.44 1.84
C ALA C 411 1.30 23.76 3.05
N GLU C 412 2.61 23.93 3.22
CA GLU C 412 3.32 23.32 4.35
C GLU C 412 2.96 23.96 5.67
N ASN C 413 2.79 25.27 5.66
CA ASN C 413 2.72 26.03 6.90
C ASN C 413 1.31 26.31 7.41
N LEU C 414 0.32 26.08 6.56
CA LEU C 414 -1.08 26.25 6.96
C LEU C 414 -1.50 25.08 7.86
N GLU C 415 -1.97 25.39 9.06
CA GLU C 415 -2.28 24.38 10.08
C GLU C 415 -3.71 23.87 9.91
N PHE C 416 -3.91 23.08 8.86
CA PHE C 416 -5.23 22.64 8.41
C PHE C 416 -5.24 21.19 7.93
N GLY C 417 -6.40 20.57 8.05
CA GLY C 417 -6.61 19.22 7.59
C GLY C 417 -6.63 19.16 6.07
N GLY C 418 -6.98 20.28 5.43
CA GLY C 418 -6.95 20.33 3.98
C GLY C 418 -6.47 21.68 3.50
N VAL C 419 -5.66 21.67 2.44
CA VAL C 419 -5.22 22.92 1.80
C VAL C 419 -5.54 22.84 0.31
N VAL C 420 -6.31 23.81 -0.19
CA VAL C 420 -6.74 23.81 -1.57
C VAL C 420 -6.01 24.94 -2.32
N ILE C 421 -5.38 24.61 -3.44
CA ILE C 421 -4.66 25.59 -4.24
C ILE C 421 -5.46 25.91 -5.51
N ASN C 422 -5.82 27.19 -5.65
CA ASN C 422 -6.58 27.70 -6.79
C ASN C 422 -8.04 27.23 -6.93
N ASP C 423 -8.61 26.78 -5.82
CA ASP C 423 -10.06 26.64 -5.66
C ASP C 423 -10.29 27.02 -4.20
N SER C 424 -11.54 27.24 -3.79
CA SER C 424 -11.81 27.68 -2.41
C SER C 424 -11.72 26.53 -1.41
N SER C 425 -11.85 26.87 -0.13
CA SER C 425 -11.88 25.88 0.95
C SER C 425 -13.01 24.86 0.81
N LEU C 426 -14.06 25.20 0.06
N LEU C 426 -14.05 25.28 0.07
CA LEU C 426 -15.25 24.36 -0.04
CA LEU C 426 -15.22 24.46 -0.23
C LEU C 426 -15.08 23.01 -0.77
C LEU C 426 -14.91 23.54 -1.41
N PHE C 427 -13.88 22.73 -1.24
CA PHE C 427 -13.65 21.59 -2.12
C PHE C 427 -13.49 20.32 -1.30
N ARG C 428 -14.26 19.30 -1.68
CA ARG C 428 -14.07 17.96 -1.14
C ARG C 428 -14.43 16.96 -2.20
N GLN C 429 -13.45 16.18 -2.62
CA GLN C 429 -13.74 15.07 -3.53
C GLN C 429 -14.10 13.91 -2.60
N ASP C 430 -15.25 13.28 -2.81
CA ASP C 430 -15.75 12.30 -1.83
C ASP C 430 -14.78 11.15 -1.50
N ASN C 431 -13.93 10.76 -2.43
CA ASN C 431 -13.01 9.65 -2.15
C ASN C 431 -11.65 10.05 -1.54
N MET C 432 -11.47 11.33 -1.17
CA MET C 432 -10.20 11.78 -0.57
C MET C 432 -10.30 11.66 0.95
N PRO C 433 -9.16 11.46 1.65
CA PRO C 433 -9.28 11.53 3.11
C PRO C 433 -9.62 12.95 3.54
N PHE C 434 -10.64 13.06 4.39
CA PHE C 434 -11.23 14.36 4.71
C PHE C 434 -11.41 14.52 6.20
N GLY C 435 -10.88 15.63 6.72
CA GLY C 435 -11.05 15.97 8.14
C GLY C 435 -10.20 17.16 8.59
N GLY C 436 -10.26 17.46 9.88
CA GLY C 436 -9.63 18.64 10.43
C GLY C 436 -8.65 18.33 11.55
N VAL C 437 -7.78 19.30 11.86
CA VAL C 437 -6.88 19.25 13.01
C VAL C 437 -7.34 20.33 14.00
N LYS C 438 -6.56 20.54 15.06
CA LYS C 438 -6.95 21.45 16.15
C LYS C 438 -8.35 21.10 16.62
N LYS C 439 -9.23 22.09 16.79
CA LYS C 439 -10.57 21.80 17.33
C LYS C 439 -11.55 21.42 16.22
N SER C 440 -11.05 21.13 15.02
CA SER C 440 -11.92 20.82 13.91
C SER C 440 -12.16 19.32 13.68
N GLY C 441 -11.49 18.44 14.40
CA GLY C 441 -11.79 17.02 14.16
C GLY C 441 -10.91 15.98 14.77
N LEU C 442 -11.36 14.74 14.67
CA LEU C 442 -10.57 13.54 14.98
C LEU C 442 -10.91 12.53 13.91
N GLY C 443 -9.89 11.89 13.36
CA GLY C 443 -10.10 10.91 12.30
C GLY C 443 -10.40 11.52 10.94
N ARG C 444 -10.49 10.65 9.96
CA ARG C 444 -10.74 11.07 8.60
C ARG C 444 -11.92 10.32 8.04
N GLU C 445 -12.73 11.02 7.25
CA GLU C 445 -13.82 10.38 6.53
C GLU C 445 -13.52 10.27 5.04
N GLY C 446 -14.52 9.81 4.29
CA GLY C 446 -14.25 9.19 3.00
C GLY C 446 -14.23 7.68 3.25
N VAL C 447 -14.93 6.94 2.39
CA VAL C 447 -15.35 5.59 2.71
C VAL C 447 -14.20 4.65 3.15
N LYS C 448 -13.13 4.61 2.37
CA LYS C 448 -11.95 3.80 2.73
C LYS C 448 -11.39 4.11 4.13
N TYR C 449 -11.34 5.41 4.44
CA TYR C 449 -10.76 5.95 5.67
C TYR C 449 -11.68 5.70 6.85
N ALA C 450 -12.98 5.93 6.66
CA ALA C 450 -13.97 5.61 7.66
C ALA C 450 -14.02 4.13 8.00
N MET C 451 -13.87 3.27 6.98
CA MET C 451 -13.86 1.82 7.24
C MET C 451 -12.72 1.43 8.16
N GLU C 452 -11.56 2.08 7.96
CA GLU C 452 -10.39 1.88 8.82
C GLU C 452 -10.65 2.30 10.29
N GLU C 453 -11.36 3.43 10.50
CA GLU C 453 -11.77 3.87 11.84
C GLU C 453 -12.84 2.95 12.46
N MET C 454 -13.67 2.36 11.60
CA MET C 454 -14.84 1.56 12.01
C MET C 454 -14.56 0.06 12.17
N SER C 455 -13.27 -0.27 12.11
CA SER C 455 -12.84 -1.63 12.33
C SER C 455 -11.61 -1.62 13.25
N ASN C 456 -11.35 -2.78 13.87
CA ASN C 456 -10.14 -3.00 14.64
C ASN C 456 -9.29 -4.00 13.94
N ILE C 457 -7.98 -3.84 14.05
CA ILE C 457 -7.05 -4.80 13.48
C ILE C 457 -6.93 -6.03 14.39
N LYS C 458 -6.87 -7.22 13.78
CA LYS C 458 -6.48 -8.43 14.48
C LYS C 458 -5.20 -8.92 13.81
N THR C 459 -4.17 -9.17 14.61
CA THR C 459 -2.91 -9.70 14.09
C THR C 459 -2.85 -11.19 14.36
N ILE C 460 -2.76 -11.98 13.29
CA ILE C 460 -2.73 -13.43 13.40
C ILE C 460 -1.33 -13.95 13.08
N ILE C 461 -0.81 -14.80 13.97
CA ILE C 461 0.55 -15.30 13.81
C ILE C 461 0.50 -16.82 13.76
N ILE C 462 0.89 -17.41 12.63
CA ILE C 462 0.91 -18.85 12.54
C ILE C 462 2.38 -19.29 12.64
N SER C 463 2.73 -19.94 13.76
CA SER C 463 4.11 -20.36 13.99
C SER C 463 4.40 -21.66 13.26
N LYS C 464 5.45 -21.66 12.44
CA LYS C 464 5.78 -22.82 11.60
C LYS C 464 6.76 -23.75 12.29
N ALA C 465 6.47 -25.05 12.21
CA ALA C 465 7.31 -26.09 12.82
C ALA C 465 8.69 -26.17 12.16
N ASN D 10 18.19 17.29 40.06
CA ASN D 10 19.19 17.21 41.17
C ASN D 10 18.59 16.94 42.55
N ARG D 11 17.25 16.83 42.62
CA ARG D 11 16.59 16.55 43.88
C ARG D 11 16.58 15.05 44.16
N GLU D 12 16.72 14.71 45.43
CA GLU D 12 16.67 13.32 45.86
C GLU D 12 15.36 13.05 46.60
N ASP D 13 14.28 12.90 45.82
CA ASP D 13 12.93 12.83 46.40
C ASP D 13 12.44 11.40 46.61
N MET D 14 12.64 10.56 45.62
CA MET D 14 11.92 9.30 45.56
C MET D 14 12.88 8.13 45.53
N ASP D 15 12.66 7.15 46.40
CA ASP D 15 13.48 5.95 46.44
C ASP D 15 13.29 5.12 45.18
N VAL D 16 14.38 4.59 44.68
CA VAL D 16 14.34 3.60 43.62
C VAL D 16 14.89 2.32 44.25
N ILE D 17 14.14 1.24 44.09
CA ILE D 17 14.37 0.00 44.84
C ILE D 17 14.85 -1.11 43.93
N ASN D 18 15.80 -1.89 44.43
CA ASN D 18 16.16 -3.15 43.82
C ASN D 18 15.13 -4.20 44.28
N PRO D 19 14.26 -4.67 43.36
CA PRO D 19 13.19 -5.57 43.83
C PRO D 19 13.70 -6.93 44.31
N TYR D 20 14.97 -7.25 44.06
CA TYR D 20 15.53 -8.50 44.57
C TYR D 20 16.09 -8.36 45.98
N SER D 21 16.91 -7.34 46.18
CA SER D 21 17.59 -7.12 47.46
C SER D 21 16.80 -6.19 48.37
N LEU D 22 15.83 -5.50 47.80
CA LEU D 22 14.99 -4.50 48.49
C LEU D 22 15.73 -3.25 48.94
N GLU D 23 17.01 -3.18 48.58
CA GLU D 23 17.83 -2.00 48.87
C GLU D 23 17.41 -0.81 48.03
N VAL D 24 17.54 0.38 48.61
CA VAL D 24 17.40 1.61 47.86
C VAL D 24 18.68 1.78 47.03
N ILE D 25 18.53 1.75 45.71
CA ILE D 25 19.63 1.94 44.76
C ILE D 25 20.06 3.40 44.75
N LYS D 26 19.08 4.29 44.66
CA LYS D 26 19.30 5.74 44.74
C LYS D 26 17.98 6.51 44.84
N LYS D 27 18.08 7.83 44.99
CA LYS D 27 16.91 8.71 45.07
C LYS D 27 16.91 9.66 43.88
N ILE D 28 15.77 9.75 43.22
CA ILE D 28 15.61 10.58 42.02
C ILE D 28 14.58 11.69 42.27
N PRO D 29 14.53 12.71 41.37
CA PRO D 29 13.52 13.77 41.53
C PRO D 29 12.09 13.23 41.40
N ALA D 30 11.17 13.83 42.16
CA ALA D 30 9.75 13.62 41.95
C ALA D 30 9.12 14.99 41.71
N LEU D 31 8.65 15.22 40.49
CA LEU D 31 8.11 16.52 40.12
C LEU D 31 6.73 16.73 40.74
N SER D 32 6.44 17.95 41.16
CA SER D 32 5.08 18.32 41.56
C SER D 32 4.20 18.50 40.31
N ARG D 33 2.90 18.56 40.50
CA ARG D 33 2.01 18.90 39.39
C ARG D 33 2.40 20.24 38.76
N GLU D 34 2.73 21.22 39.60
CA GLU D 34 3.09 22.55 39.10
C GLU D 34 4.39 22.50 38.29
N GLU D 35 5.34 21.68 38.72
CA GLU D 35 6.57 21.46 37.95
C GLU D 35 6.31 20.75 36.62
N ALA D 36 5.33 19.84 36.61
CA ALA D 36 4.96 19.17 35.36
C ALA D 36 4.33 20.15 34.38
N LYS D 37 3.46 21.03 34.88
CA LYS D 37 2.84 22.08 34.06
C LYS D 37 3.88 23.01 33.42
N GLU D 38 4.87 23.42 34.23
CA GLU D 38 5.98 24.22 33.73
C GLU D 38 6.77 23.50 32.62
N ALA D 39 7.00 22.20 32.78
CA ALA D 39 7.73 21.42 31.79
C ALA D 39 6.95 21.31 30.48
N ILE D 40 5.64 21.08 30.59
CA ILE D 40 4.75 21.06 29.42
C ILE D 40 4.71 22.42 28.72
N ASP D 41 4.62 23.51 29.49
CA ASP D 41 4.68 24.88 28.96
C ASP D 41 5.95 25.11 28.16
N THR D 42 7.08 24.71 28.74
CA THR D 42 8.38 24.77 28.05
C THR D 42 8.39 23.96 26.76
N ALA D 43 7.94 22.71 26.83
CA ALA D 43 7.89 21.83 25.66
C ALA D 43 7.10 22.44 24.50
N GLU D 44 6.02 23.14 24.85
CA GLU D 44 5.16 23.80 23.89
CA GLU D 44 5.18 23.75 23.83
C GLU D 44 5.96 24.75 23.00
N LYS D 45 6.98 25.38 23.59
CA LYS D 45 7.84 26.36 22.91
C LYS D 45 8.66 25.77 21.80
N TYR D 46 8.89 24.46 21.86
CA TYR D 46 9.73 23.77 20.91
C TYR D 46 8.97 23.00 19.83
N LYS D 47 7.64 23.16 19.80
CA LYS D 47 6.82 22.47 18.78
C LYS D 47 7.23 22.84 17.36
N GLU D 48 7.50 24.13 17.13
CA GLU D 48 7.87 24.60 15.80
C GLU D 48 9.22 24.05 15.33
N VAL D 49 10.20 24.03 16.23
CA VAL D 49 11.52 23.53 15.84
C VAL D 49 11.44 22.04 15.52
N MET D 50 10.71 21.27 16.32
CA MET D 50 10.56 19.84 16.05
C MET D 50 9.82 19.58 14.73
N LYS D 51 8.77 20.36 14.49
CA LYS D 51 7.93 20.21 13.29
C LYS D 51 8.73 20.45 12.01
N ASN D 52 9.70 21.35 12.07
CA ASN D 52 10.49 21.69 10.90
C ASN D 52 11.84 21.00 10.76
N LEU D 53 12.16 20.14 11.72
CA LEU D 53 13.40 19.36 11.64
C LEU D 53 13.40 18.54 10.34
N PRO D 54 14.47 18.65 9.53
CA PRO D 54 14.53 17.84 8.30
C PRO D 54 14.53 16.32 8.53
N ILE D 55 14.12 15.59 7.51
CA ILE D 55 14.17 14.13 7.48
C ILE D 55 15.57 13.62 7.85
N THR D 56 16.59 14.18 7.19
CA THR D 56 17.97 13.77 7.45
C THR D 56 18.36 13.92 8.93
N LYS D 57 17.94 15.02 9.54
CA LYS D 57 18.27 15.25 10.94
C LYS D 57 17.55 14.27 11.88
N ARG D 58 16.26 14.03 11.63
CA ARG D 58 15.53 13.02 12.40
C ARG D 58 16.16 11.64 12.27
N TYR D 59 16.53 11.29 11.05
CA TYR D 59 17.21 10.05 10.75
C TYR D 59 18.52 9.94 11.53
N ASN D 60 19.31 11.01 11.50
CA ASN D 60 20.59 11.02 12.18
C ASN D 60 20.45 10.90 13.69
N ILE D 61 19.48 11.63 14.27
CA ILE D 61 19.20 11.54 15.71
C ILE D 61 18.83 10.13 16.10
N LEU D 62 17.93 9.51 15.33
CA LEU D 62 17.44 8.17 15.65
C LEU D 62 18.56 7.12 15.56
N MET D 63 19.38 7.21 14.52
CA MET D 63 20.51 6.30 14.37
CA MET D 63 20.54 6.34 14.34
C MET D 63 21.53 6.49 15.49
N ASN D 64 21.76 7.73 15.90
CA ASN D 64 22.73 7.98 16.95
C ASN D 64 22.25 7.49 18.31
N ILE D 65 20.96 7.63 18.58
CA ILE D 65 20.39 6.99 19.76
C ILE D 65 20.68 5.47 19.76
N ALA D 66 20.37 4.79 18.64
CA ALA D 66 20.65 3.36 18.53
C ALA D 66 22.12 3.04 18.75
N LYS D 67 23.01 3.83 18.13
CA LYS D 67 24.45 3.66 18.29
C LYS D 67 24.85 3.71 19.77
N GLN D 68 24.33 4.70 20.49
CA GLN D 68 24.67 4.90 21.91
C GLN D 68 24.14 3.77 22.81
N ILE D 69 22.91 3.33 22.54
CA ILE D 69 22.36 2.16 23.25
C ILE D 69 23.23 0.93 23.00
N LYS D 70 23.62 0.69 21.73
CA LYS D 70 24.49 -0.44 21.40
C LYS D 70 25.79 -0.37 22.20
N GLU D 71 26.39 0.80 22.26
CA GLU D 71 27.67 1.03 22.95
C GLU D 71 27.58 0.72 24.44
N LYS D 72 26.42 0.96 25.02
CA LYS D 72 26.19 0.80 26.45
C LYS D 72 25.31 -0.42 26.75
N LYS D 73 25.26 -1.37 25.81
CA LYS D 73 24.34 -2.50 25.90
C LYS D 73 24.41 -3.26 27.22
N GLU D 74 25.62 -3.65 27.64
CA GLU D 74 25.77 -4.44 28.86
C GLU D 74 25.42 -3.61 30.09
N GLU D 75 25.82 -2.34 30.10
CA GLU D 75 25.49 -1.43 31.19
C GLU D 75 23.98 -1.27 31.35
N LEU D 76 23.28 -1.04 30.24
CA LEU D 76 21.82 -0.90 30.28
C LEU D 76 21.12 -2.19 30.71
N ALA D 77 21.63 -3.34 30.26
CA ALA D 77 21.07 -4.61 30.64
C ALA D 77 21.20 -4.82 32.16
N LYS D 78 22.34 -4.40 32.73
CA LYS D 78 22.58 -4.57 34.16
C LYS D 78 21.60 -3.72 34.96
N ILE D 79 21.32 -2.51 34.47
CA ILE D 79 20.36 -1.62 35.11
C ILE D 79 18.95 -2.24 35.15
N LEU D 80 18.55 -2.87 34.03
CA LEU D 80 17.26 -3.57 33.97
C LEU D 80 17.20 -4.71 34.99
N ALA D 81 18.31 -5.41 35.18
CA ALA D 81 18.39 -6.49 36.16
C ALA D 81 18.27 -5.95 37.57
N ILE D 82 19.03 -4.91 37.90
CA ILE D 82 19.07 -4.33 39.23
C ILE D 82 17.78 -3.58 39.58
N ASP D 83 17.31 -2.76 38.65
CA ASP D 83 16.16 -1.88 38.89
C ASP D 83 14.80 -2.55 38.63
N ALA D 84 14.67 -3.26 37.51
CA ALA D 84 13.40 -3.91 37.15
C ALA D 84 13.29 -5.38 37.60
N GLY D 85 14.38 -5.93 38.13
CA GLY D 85 14.41 -7.33 38.55
C GLY D 85 14.42 -8.31 37.39
N LYS D 86 14.82 -7.84 36.21
CA LYS D 86 14.76 -8.66 34.98
C LYS D 86 16.01 -9.55 34.84
N PRO D 87 15.84 -10.89 34.73
CA PRO D 87 17.03 -11.71 34.56
C PRO D 87 17.92 -11.19 33.43
N ILE D 88 19.24 -11.14 33.69
CA ILE D 88 20.20 -10.54 32.77
C ILE D 88 20.07 -11.01 31.30
N LYS D 89 19.83 -12.30 31.07
CA LYS D 89 19.65 -12.78 29.69
C LYS D 89 18.45 -12.12 28.97
N GLN D 90 17.36 -11.92 29.72
CA GLN D 90 16.16 -11.28 29.20
C GLN D 90 16.38 -9.77 29.04
N ALA D 91 17.14 -9.16 29.95
CA ALA D 91 17.48 -7.73 29.86
C ALA D 91 18.26 -7.43 28.59
N ARG D 92 19.18 -8.32 28.24
CA ARG D 92 19.99 -8.12 27.04
C ARG D 92 19.12 -8.16 25.78
N VAL D 93 18.16 -9.08 25.77
CA VAL D 93 17.19 -9.17 24.68
C VAL D 93 16.41 -7.86 24.56
N GLU D 94 15.90 -7.33 25.68
CA GLU D 94 15.18 -6.05 25.65
C GLU D 94 16.05 -4.93 25.06
N VAL D 95 17.29 -4.81 25.52
CA VAL D 95 18.20 -3.80 24.99
C VAL D 95 18.38 -3.95 23.47
N GLU D 96 18.59 -5.19 23.00
CA GLU D 96 18.75 -5.42 21.58
C GLU D 96 17.49 -5.00 20.80
N ARG D 97 16.31 -5.29 21.34
CA ARG D 97 15.07 -4.89 20.69
C ARG D 97 15.02 -3.37 20.60
N SER D 98 15.39 -2.68 21.68
CA SER D 98 15.32 -1.22 21.68
C SER D 98 16.22 -0.59 20.60
N ILE D 99 17.39 -1.18 20.37
CA ILE D 99 18.27 -0.76 19.26
C ILE D 99 17.50 -0.86 17.94
N GLY D 100 16.87 -2.01 17.73
CA GLY D 100 16.06 -2.26 16.51
C GLY D 100 14.95 -1.26 16.34
N THR D 101 14.28 -0.92 17.44
CA THR D 101 13.16 0.00 17.40
C THR D 101 13.60 1.40 16.93
N PHE D 102 14.69 1.90 17.50
CA PHE D 102 15.22 3.17 17.06
C PHE D 102 15.68 3.16 15.59
N LYS D 103 16.37 2.09 15.18
CA LYS D 103 16.80 1.96 13.78
C LYS D 103 15.62 1.86 12.82
N LEU D 104 14.56 1.15 13.20
CA LEU D 104 13.40 1.04 12.34
C LEU D 104 12.68 2.39 12.12
N ALA D 105 12.57 3.17 13.19
CA ALA D 105 12.04 4.54 13.13
C ALA D 105 12.88 5.38 12.16
N ALA D 106 14.20 5.23 12.23
CA ALA D 106 15.09 5.93 11.29
C ALA D 106 14.75 5.58 9.83
N PHE D 107 14.60 4.29 9.55
CA PHE D 107 14.19 3.76 8.24
CA PHE D 107 14.28 3.95 8.19
C PHE D 107 12.88 4.39 7.75
N TYR D 108 11.88 4.38 8.64
CA TYR D 108 10.56 4.91 8.29
C TYR D 108 10.47 6.43 8.07
N VAL D 109 11.37 7.20 8.70
CA VAL D 109 11.40 8.65 8.45
C VAL D 109 11.70 8.87 6.98
N LYS D 110 12.55 8.00 6.43
CA LYS D 110 12.95 8.08 5.02
C LYS D 110 11.97 7.38 4.09
N GLU D 111 11.36 6.29 4.57
CA GLU D 111 10.54 5.42 3.73
C GLU D 111 9.01 5.54 3.80
N HIS D 112 8.47 6.12 4.87
CA HIS D 112 7.02 6.17 5.03
C HIS D 112 6.39 6.84 3.79
N ARG D 113 5.34 6.25 3.25
CA ARG D 113 4.77 6.73 2.00
C ARG D 113 3.46 7.50 2.21
N ASP D 114 3.29 8.59 1.46
CA ASP D 114 2.02 9.29 1.37
C ASP D 114 1.35 8.85 0.06
N GLU D 115 0.16 9.34 -0.25
CA GLU D 115 -0.56 8.83 -1.44
C GLU D 115 -1.09 9.97 -2.30
N VAL D 116 -1.37 9.61 -3.56
CA VAL D 116 -2.04 10.48 -4.51
C VAL D 116 -3.39 9.85 -4.86
N ILE D 117 -4.44 10.66 -4.86
CA ILE D 117 -5.81 10.23 -5.21
C ILE D 117 -6.13 10.72 -6.63
N PRO D 118 -6.61 9.84 -7.53
CA PRO D 118 -6.89 10.25 -8.91
C PRO D 118 -7.97 11.30 -8.95
N SER D 119 -7.86 12.25 -9.87
CA SER D 119 -8.84 13.30 -10.01
C SER D 119 -8.68 13.94 -11.37
N ASP D 120 -9.80 14.22 -12.03
CA ASP D 120 -9.73 14.95 -13.30
C ASP D 120 -9.37 16.40 -13.00
N ASP D 121 -8.28 16.88 -13.59
CA ASP D 121 -7.87 18.29 -13.45
C ASP D 121 -7.58 18.77 -12.01
N ARG D 122 -7.23 17.83 -11.12
CA ARG D 122 -6.70 18.19 -9.81
C ARG D 122 -5.63 17.19 -9.40
N LEU D 123 -4.61 17.71 -8.74
CA LEU D 123 -3.61 16.87 -8.08
C LEU D 123 -3.93 16.82 -6.59
N ILE D 124 -4.32 15.65 -6.12
CA ILE D 124 -4.70 15.46 -4.74
C ILE D 124 -3.68 14.54 -4.09
N PHE D 125 -3.00 15.02 -3.05
CA PHE D 125 -2.07 14.17 -2.34
C PHE D 125 -2.09 14.42 -0.85
N THR D 126 -1.55 13.46 -0.12
CA THR D 126 -1.51 13.57 1.34
C THR D 126 -0.13 13.91 1.84
N ARG D 127 -0.09 14.44 3.05
CA ARG D 127 1.12 14.78 3.77
C ARG D 127 0.84 14.51 5.23
N ARG D 128 1.79 13.90 5.93
CA ARG D 128 1.65 13.68 7.38
CA ARG D 128 1.63 13.72 7.38
C ARG D 128 2.38 14.79 8.13
N GLU D 129 1.78 15.28 9.23
CA GLU D 129 2.41 16.33 10.07
C GLU D 129 2.29 15.94 11.54
N PRO D 130 3.19 16.44 12.42
CA PRO D 130 3.07 16.01 13.82
C PRO D 130 1.76 16.37 14.49
N VAL D 131 1.36 15.55 15.47
CA VAL D 131 0.19 15.90 16.29
C VAL D 131 0.53 17.07 17.23
N GLY D 132 1.79 17.22 17.60
CA GLY D 132 2.26 18.36 18.41
C GLY D 132 3.11 17.87 19.57
N ILE D 133 2.53 17.93 20.77
CA ILE D 133 3.14 17.35 21.96
C ILE D 133 2.59 15.95 22.19
N VAL D 134 3.47 14.95 22.14
CA VAL D 134 3.12 13.60 22.53
C VAL D 134 3.45 13.40 24.00
N GLY D 135 2.42 13.06 24.79
CA GLY D 135 2.61 12.63 26.18
C GLY D 135 2.76 11.12 26.26
N ALA D 136 3.95 10.67 26.62
CA ALA D 136 4.27 9.25 26.61
C ALA D 136 4.37 8.77 28.04
N ILE D 137 3.56 7.76 28.40
CA ILE D 137 3.57 7.22 29.76
C ILE D 137 3.90 5.74 29.63
N THR D 138 5.06 5.37 30.18
CA THR D 138 5.65 4.04 29.98
C THR D 138 5.69 3.18 31.26
N PRO D 139 5.67 1.85 31.11
CA PRO D 139 5.53 0.92 32.23
C PRO D 139 6.89 0.47 32.78
N PHE D 140 6.87 -0.23 33.92
CA PHE D 140 8.10 -0.66 34.58
C PHE D 140 8.69 -1.93 33.96
N ASN D 141 7.89 -2.65 33.18
CA ASN D 141 8.26 -4.01 32.81
C ASN D 141 9.23 -4.19 31.64
N PHE D 142 9.06 -3.36 30.62
CA PHE D 142 10.03 -3.27 29.53
C PHE D 142 10.26 -1.78 29.32
N PRO D 143 10.89 -1.13 30.31
CA PRO D 143 10.88 0.34 30.35
C PRO D 143 11.80 0.94 29.27
N LEU D 144 12.70 0.14 28.73
CA LEU D 144 13.60 0.59 27.68
C LEU D 144 12.92 0.46 26.32
N ASN D 145 12.59 -0.77 25.90
CA ASN D 145 11.96 -0.95 24.59
C ASN D 145 10.56 -0.34 24.50
N LEU D 146 9.78 -0.37 25.58
CA LEU D 146 8.45 0.23 25.51
C LEU D 146 8.52 1.76 25.47
N SER D 147 9.57 2.33 26.07
CA SER D 147 9.87 3.75 25.86
C SER D 147 10.30 4.03 24.42
N ALA D 148 11.16 3.18 23.87
CA ALA D 148 11.60 3.25 22.45
C ALA D 148 10.39 3.24 21.49
N HIS D 149 9.41 2.38 21.77
CA HIS D 149 8.21 2.28 20.94
C HIS D 149 7.32 3.51 20.92
N LYS D 150 7.53 4.42 21.88
CA LYS D 150 6.83 5.71 21.91
C LYS D 150 7.72 6.85 21.44
N ILE D 151 8.97 6.86 21.94
CA ILE D 151 9.92 7.92 21.60
C ILE D 151 10.36 7.92 20.14
N ALA D 152 10.75 6.75 19.64
CA ALA D 152 11.29 6.63 18.27
C ALA D 152 10.25 7.11 17.23
N PRO D 153 9.00 6.61 17.29
CA PRO D 153 8.03 7.11 16.32
C PRO D 153 7.68 8.59 16.52
N ALA D 154 7.62 9.05 17.78
CA ALA D 154 7.36 10.48 18.02
C ALA D 154 8.39 11.41 17.41
N ILE D 155 9.68 11.09 17.59
CA ILE D 155 10.75 11.87 16.97
C ILE D 155 10.61 11.79 15.45
N ALA D 156 10.35 10.59 14.94
CA ALA D 156 10.23 10.34 13.50
C ALA D 156 9.17 11.21 12.83
N THR D 157 8.13 11.54 13.59
CA THR D 157 6.96 12.27 13.05
C THR D 157 6.98 13.74 13.45
N GLY D 158 8.10 14.18 14.00
CA GLY D 158 8.31 15.60 14.33
C GLY D 158 7.57 16.16 15.53
N ASN D 159 7.28 15.32 16.52
CA ASN D 159 6.61 15.72 17.76
C ASN D 159 7.57 16.10 18.88
N VAL D 160 7.17 17.04 19.72
CA VAL D 160 7.82 17.26 21.01
C VAL D 160 7.30 16.18 21.96
N ILE D 161 8.13 15.74 22.91
CA ILE D 161 7.76 14.65 23.84
C ILE D 161 7.82 15.06 25.30
N VAL D 162 6.75 14.78 26.02
CA VAL D 162 6.80 14.76 27.49
C VAL D 162 6.56 13.33 27.93
N HIS D 163 7.53 12.80 28.67
CA HIS D 163 7.60 11.37 28.96
C HIS D 163 7.66 11.11 30.46
N HIS D 164 6.67 10.39 30.99
CA HIS D 164 6.70 9.95 32.39
C HIS D 164 6.98 8.46 32.47
N PRO D 165 8.11 8.06 33.08
CA PRO D 165 8.40 6.64 33.16
C PRO D 165 7.86 6.08 34.46
N SER D 166 7.58 4.77 34.51
CA SER D 166 7.12 4.20 35.78
C SER D 166 8.19 4.37 36.86
N SER D 167 7.78 4.82 38.05
CA SER D 167 8.68 4.98 39.22
C SER D 167 9.23 3.65 39.76
N LYS D 168 8.64 2.55 39.33
CA LYS D 168 9.05 1.23 39.79
C LYS D 168 10.37 0.78 39.16
N ALA D 169 10.67 1.28 37.96
CA ALA D 169 11.98 1.01 37.31
C ALA D 169 12.40 2.12 36.35
N PRO D 170 12.65 3.33 36.89
CA PRO D 170 12.93 4.54 36.10
C PRO D 170 14.38 4.71 35.62
N LEU D 171 15.31 3.97 36.21
CA LEU D 171 16.74 4.24 35.97
C LEU D 171 17.17 4.11 34.52
N VAL D 172 16.69 3.07 33.83
CA VAL D 172 17.03 2.88 32.42
C VAL D 172 16.47 4.01 31.56
N CYS D 173 15.35 4.60 32.00
CA CYS D 173 14.73 5.72 31.29
C CYS D 173 15.53 6.99 31.48
N ILE D 174 16.12 7.15 32.67
CA ILE D 174 17.02 8.26 32.92
C ILE D 174 18.27 8.15 32.02
N GLU D 175 18.83 6.94 31.89
CA GLU D 175 19.94 6.70 30.97
C GLU D 175 19.54 6.94 29.50
N LEU D 176 18.36 6.47 29.11
CA LEU D 176 17.90 6.74 27.75
C LEU D 176 17.74 8.25 27.49
N ALA D 177 17.23 8.98 28.48
CA ALA D 177 17.10 10.43 28.39
C ALA D 177 18.45 11.12 28.16
N LYS D 178 19.47 10.71 28.91
CA LYS D 178 20.83 11.21 28.66
C LYS D 178 21.30 10.90 27.23
N ILE D 179 21.01 9.69 26.76
CA ILE D 179 21.34 9.28 25.37
C ILE D 179 20.65 10.19 24.35
N ILE D 180 19.35 10.42 24.55
CA ILE D 180 18.59 11.29 23.63
C ILE D 180 19.20 12.71 23.64
N GLU D 181 19.54 13.18 24.84
CA GLU D 181 20.14 14.49 25.02
C GLU D 181 21.46 14.58 24.25
N ASN D 182 22.27 13.52 24.33
CA ASN D 182 23.54 13.48 23.57
C ASN D 182 23.31 13.60 22.06
N ALA D 183 22.30 12.88 21.55
CA ALA D 183 21.96 12.91 20.12
C ALA D 183 21.46 14.28 19.69
N LEU D 184 20.58 14.88 20.48
CA LEU D 184 20.09 16.22 20.20
C LEU D 184 21.24 17.24 20.15
N LYS D 185 22.12 17.19 21.16
CA LYS D 185 23.30 18.08 21.19
C LYS D 185 24.15 17.90 19.92
N LYS D 186 24.38 16.65 19.55
CA LYS D 186 25.24 16.32 18.41
C LYS D 186 24.74 16.97 17.11
N TYR D 187 23.42 17.02 16.95
CA TYR D 187 22.79 17.55 15.74
C TYR D 187 22.14 18.92 15.94
N ASN D 188 22.61 19.65 16.95
CA ASN D 188 22.21 21.05 17.25
C ASN D 188 20.71 21.30 17.38
N VAL D 189 20.02 20.38 18.05
CA VAL D 189 18.60 20.51 18.32
C VAL D 189 18.43 20.86 19.80
N PRO D 190 17.60 21.88 20.12
CA PRO D 190 17.36 22.25 21.51
C PRO D 190 16.91 21.05 22.34
N LEU D 191 17.38 20.97 23.57
CA LEU D 191 17.11 19.83 24.44
C LEU D 191 15.65 19.73 24.86
N GLY D 192 14.95 20.86 24.78
CA GLY D 192 13.57 20.96 25.24
C GLY D 192 12.54 20.21 24.42
N VAL D 193 12.96 19.62 23.30
CA VAL D 193 12.07 18.81 22.45
C VAL D 193 11.71 17.45 23.06
N TYR D 194 12.54 16.98 23.99
CA TYR D 194 12.30 15.75 24.73
C TYR D 194 12.47 16.00 26.24
N ASN D 195 11.47 15.58 27.03
CA ASN D 195 11.43 15.91 28.46
C ASN D 195 11.06 14.72 29.32
N LEU D 196 11.96 14.28 30.18
CA LEU D 196 11.67 13.17 31.06
C LEU D 196 11.20 13.73 32.41
N LEU D 197 9.99 13.33 32.78
CA LEU D 197 9.35 13.86 33.97
C LEU D 197 9.10 12.74 34.96
N THR D 198 9.95 12.63 35.97
CA THR D 198 9.81 11.57 36.95
C THR D 198 8.94 12.01 38.11
N GLY D 199 8.31 11.03 38.75
CA GLY D 199 7.55 11.28 39.97
C GLY D 199 6.32 10.41 40.08
N ALA D 200 5.38 10.80 40.93
CA ALA D 200 4.19 10.00 41.16
C ALA D 200 3.30 9.96 39.91
N GLY D 201 2.90 8.75 39.49
CA GLY D 201 2.01 8.57 38.34
C GLY D 201 0.75 9.42 38.46
N GLU D 202 0.15 9.39 39.65
CA GLU D 202 -1.10 10.09 39.89
C GLU D 202 -0.95 11.63 39.98
N VAL D 203 0.28 12.11 39.91
CA VAL D 203 0.59 13.54 39.94
C VAL D 203 1.12 13.96 38.55
N VAL D 204 2.27 13.41 38.17
CA VAL D 204 2.92 13.78 36.91
C VAL D 204 2.22 13.14 35.71
N GLY D 205 2.00 11.82 35.77
CA GLY D 205 1.30 11.13 34.68
C GLY D 205 -0.08 11.73 34.47
N ASP D 206 -0.82 11.90 35.56
CA ASP D 206 -2.13 12.56 35.51
C ASP D 206 -2.09 13.94 34.85
N GLU D 207 -1.10 14.77 35.19
CA GLU D 207 -0.98 16.10 34.58
C GLU D 207 -0.76 16.01 33.07
N ILE D 208 0.05 15.03 32.65
CA ILE D 208 0.29 14.84 31.22
C ILE D 208 -1.03 14.50 30.53
N VAL D 209 -1.82 13.63 31.15
CA VAL D 209 -3.12 13.20 30.62
C VAL D 209 -4.12 14.36 30.50
N VAL D 210 -4.16 15.21 31.52
CA VAL D 210 -5.21 16.20 31.67
C VAL D 210 -4.90 17.56 31.00
N ASN D 211 -3.61 17.85 30.83
CA ASN D 211 -3.19 19.18 30.40
C ASN D 211 -3.60 19.47 28.97
N GLU D 212 -4.22 20.63 28.75
CA GLU D 212 -4.79 20.97 27.44
C GLU D 212 -3.77 21.22 26.33
N LYS D 213 -2.51 21.40 26.71
CA LYS D 213 -1.42 21.63 25.74
C LYS D 213 -0.90 20.32 25.14
N VAL D 214 -1.17 19.21 25.81
CA VAL D 214 -0.76 17.90 25.30
C VAL D 214 -1.74 17.50 24.19
N ASN D 215 -1.20 17.12 23.03
CA ASN D 215 -2.04 16.83 21.86
C ASN D 215 -2.44 15.36 21.73
N MET D 216 -1.63 14.48 22.31
CA MET D 216 -1.81 13.04 22.20
CA MET D 216 -1.90 13.05 22.28
C MET D 216 -1.28 12.34 23.46
N ILE D 217 -2.01 11.34 23.94
CA ILE D 217 -1.54 10.49 25.03
C ILE D 217 -1.29 9.08 24.50
N SER D 218 -0.10 8.55 24.79
CA SER D 218 0.23 7.17 24.49
C SER D 218 0.65 6.53 25.79
N PHE D 219 -0.24 5.68 26.32
CA PHE D 219 -0.09 5.05 27.64
C PHE D 219 0.00 3.53 27.51
N THR D 220 0.96 2.95 28.21
CA THR D 220 1.08 1.50 28.32
C THR D 220 1.09 1.17 29.81
N GLY D 221 0.17 0.31 30.23
CA GLY D 221 0.07 -0.07 31.64
C GLY D 221 -1.25 -0.71 31.99
N SER D 222 -1.70 -0.49 33.23
CA SER D 222 -2.89 -1.19 33.72
C SER D 222 -4.18 -0.76 33.02
N SER D 223 -5.05 -1.74 32.82
CA SER D 223 -6.34 -1.51 32.19
C SER D 223 -7.18 -0.50 32.95
N LYS D 224 -7.14 -0.59 34.28
CA LYS D 224 -7.88 0.31 35.16
C LYS D 224 -7.46 1.76 34.94
N VAL D 225 -6.14 1.98 34.84
CA VAL D 225 -5.61 3.32 34.60
C VAL D 225 -6.00 3.80 33.18
N GLY D 226 -5.85 2.91 32.20
CA GLY D 226 -6.30 3.22 30.82
C GLY D 226 -7.76 3.64 30.71
N GLU D 227 -8.65 2.92 31.38
CA GLU D 227 -10.06 3.29 31.40
C GLU D 227 -10.22 4.71 31.93
N LEU D 228 -9.55 5.01 33.04
CA LEU D 228 -9.63 6.35 33.64
C LEU D 228 -9.11 7.43 32.71
N ILE D 229 -8.02 7.13 32.00
CA ILE D 229 -7.48 8.05 30.99
C ILE D 229 -8.53 8.44 29.93
N THR D 230 -9.35 7.49 29.48
CA THR D 230 -10.39 7.80 28.50
C THR D 230 -11.44 8.81 29.02
N LYS D 231 -11.65 8.83 30.33
CA LYS D 231 -12.59 9.76 30.98
C LYS D 231 -12.01 11.14 31.31
N LYS D 232 -10.67 11.25 31.30
CA LYS D 232 -9.99 12.46 31.79
C LYS D 232 -9.17 13.20 30.71
N ALA D 233 -8.85 12.51 29.63
CA ALA D 233 -7.98 13.09 28.59
C ALA D 233 -8.56 14.30 27.84
N GLY D 234 -9.87 14.29 27.62
CA GLY D 234 -10.53 15.34 26.81
C GLY D 234 -10.20 15.25 25.32
N PHE D 235 -9.99 16.41 24.71
CA PHE D 235 -9.85 16.50 23.26
C PHE D 235 -8.39 16.25 22.85
N LYS D 236 -8.02 14.96 22.84
CA LYS D 236 -6.66 14.50 22.53
C LYS D 236 -6.77 13.22 21.73
N LYS D 237 -5.78 12.93 20.89
CA LYS D 237 -5.66 11.59 20.34
C LYS D 237 -5.21 10.67 21.48
N ILE D 238 -5.72 9.45 21.52
CA ILE D 238 -5.43 8.53 22.62
C ILE D 238 -5.02 7.18 22.08
N ALA D 239 -3.86 6.70 22.53
CA ALA D 239 -3.43 5.33 22.28
C ALA D 239 -3.19 4.66 23.62
N LEU D 240 -3.74 3.46 23.77
CA LEU D 240 -3.63 2.70 25.00
C LEU D 240 -3.19 1.28 24.72
N GLU D 241 -2.19 0.86 25.47
CA GLU D 241 -1.69 -0.50 25.42
CA GLU D 241 -1.71 -0.53 25.42
C GLU D 241 -1.85 -1.07 26.83
N LEU D 242 -2.92 -1.83 27.04
CA LEU D 242 -3.25 -2.25 28.40
C LEU D 242 -2.96 -3.74 28.58
N GLY D 243 -3.63 -4.37 29.52
CA GLY D 243 -3.35 -5.78 29.76
C GLY D 243 -4.52 -6.68 29.46
N GLY D 244 -4.47 -7.87 30.05
CA GLY D 244 -5.57 -8.82 29.95
C GLY D 244 -5.25 -10.13 30.65
N VAL D 245 -6.23 -11.01 30.68
CA VAL D 245 -6.02 -12.36 31.17
C VAL D 245 -5.97 -13.24 29.91
N ASN D 246 -4.77 -13.43 29.39
CA ASN D 246 -4.60 -13.97 28.03
C ASN D 246 -4.78 -15.48 27.94
N PRO D 247 -5.84 -15.94 27.26
CA PRO D 247 -6.10 -17.37 27.22
C PRO D 247 -5.24 -18.08 26.18
N ASN D 248 -4.65 -19.19 26.62
CA ASN D 248 -3.86 -20.06 25.78
C ASN D 248 -4.52 -21.42 25.69
N ILE D 249 -4.84 -21.84 24.48
CA ILE D 249 -5.71 -22.99 24.24
C ILE D 249 -4.94 -24.17 23.68
N VAL D 250 -5.05 -25.33 24.33
CA VAL D 250 -4.36 -26.53 23.87
C VAL D 250 -5.39 -27.56 23.40
N LEU D 251 -5.50 -27.75 22.09
CA LEU D 251 -6.42 -28.76 21.53
C LEU D 251 -5.85 -30.19 21.58
N LYS D 252 -6.75 -31.17 21.43
CA LYS D 252 -6.45 -32.61 21.42
C LYS D 252 -5.20 -33.01 20.63
N ASP D 253 -5.03 -32.35 19.50
CA ASP D 253 -4.06 -32.77 18.50
C ASP D 253 -2.78 -31.94 18.56
N ALA D 254 -2.63 -31.13 19.61
CA ALA D 254 -1.44 -30.30 19.75
C ALA D 254 -0.19 -31.15 19.89
N ASP D 255 0.92 -30.66 19.33
CA ASP D 255 2.23 -31.20 19.67
C ASP D 255 2.51 -30.81 21.13
N LEU D 256 2.44 -31.77 22.04
CA LEU D 256 2.50 -31.48 23.48
C LEU D 256 3.86 -30.99 23.94
N ASN D 257 4.93 -31.58 23.41
CA ASN D 257 6.28 -31.12 23.78
C ASN D 257 6.44 -29.64 23.39
N LYS D 258 6.03 -29.31 22.17
CA LYS D 258 6.16 -27.93 21.68
C LYS D 258 5.27 -26.97 22.47
N ALA D 259 4.05 -27.39 22.77
CA ALA D 259 3.10 -26.54 23.51
C ALA D 259 3.58 -26.26 24.93
N VAL D 260 4.04 -27.31 25.61
CA VAL D 260 4.67 -27.16 26.93
C VAL D 260 5.84 -26.17 26.90
N ASN D 261 6.76 -26.34 25.96
CA ASN D 261 7.92 -25.45 25.91
C ASN D 261 7.49 -24.00 25.70
N ALA D 262 6.60 -23.80 24.75
CA ALA D 262 6.09 -22.48 24.40
C ALA D 262 5.37 -21.85 25.58
N LEU D 263 4.58 -22.66 26.29
CA LEU D 263 3.78 -22.16 27.40
C LEU D 263 4.58 -21.95 28.67
N ILE D 264 5.67 -22.69 28.83
CA ILE D 264 6.65 -22.38 29.90
C ILE D 264 7.19 -20.95 29.73
N LYS D 265 7.63 -20.62 28.52
CA LYS D 265 8.11 -19.28 28.19
C LYS D 265 7.03 -18.24 28.44
N GLY D 266 5.84 -18.49 27.87
CA GLY D 266 4.72 -17.53 27.97
C GLY D 266 4.25 -17.27 29.38
N SER D 267 4.34 -18.30 30.22
CA SER D 267 3.91 -18.24 31.60
C SER D 267 4.91 -17.53 32.50
N PHE D 268 6.20 -17.74 32.26
CA PHE D 268 7.23 -17.40 33.25
C PHE D 268 8.31 -16.39 32.84
N ILE D 269 8.34 -16.00 31.57
CA ILE D 269 9.20 -14.90 31.15
C ILE D 269 8.86 -13.65 31.99
N TYR D 270 9.91 -12.99 32.47
CA TYR D 270 9.80 -11.84 33.39
C TYR D 270 8.78 -12.06 34.53
N ALA D 271 8.78 -13.29 35.06
CA ALA D 271 7.92 -13.65 36.18
C ALA D 271 6.45 -13.35 35.91
N GLY D 272 6.05 -13.46 34.63
CA GLY D 272 4.66 -13.22 34.23
C GLY D 272 4.21 -11.77 34.26
N GLN D 273 5.16 -10.85 34.36
CA GLN D 273 4.86 -9.42 34.45
C GLN D 273 4.87 -8.78 33.05
N VAL D 274 4.08 -9.34 32.15
CA VAL D 274 4.01 -8.85 30.77
C VAL D 274 2.54 -8.77 30.40
N CYS D 275 2.15 -7.71 29.70
CA CYS D 275 0.74 -7.55 29.32
C CYS D 275 0.21 -8.73 28.51
N ILE D 276 1.09 -9.41 27.78
CA ILE D 276 0.72 -10.58 26.97
C ILE D 276 1.13 -11.95 27.56
N SER D 277 1.56 -11.94 28.82
CA SER D 277 1.81 -13.18 29.55
C SER D 277 0.61 -14.12 29.55
N VAL D 278 0.87 -15.42 29.64
CA VAL D 278 -0.19 -16.41 29.78
C VAL D 278 -0.99 -16.12 31.06
N GLY D 279 -2.31 -15.93 30.90
CA GLY D 279 -3.21 -15.68 32.03
C GLY D 279 -4.06 -16.90 32.38
N MET D 280 -4.30 -17.76 31.39
CA MET D 280 -4.94 -19.06 31.65
C MET D 280 -4.60 -20.05 30.54
N ILE D 281 -4.50 -21.32 30.90
CA ILE D 281 -4.37 -22.37 29.90
C ILE D 281 -5.66 -23.19 29.88
N LEU D 282 -6.26 -23.32 28.70
CA LEU D 282 -7.41 -24.19 28.49
C LEU D 282 -6.94 -25.44 27.74
N VAL D 283 -7.08 -26.60 28.36
CA VAL D 283 -6.55 -27.83 27.77
C VAL D 283 -7.65 -28.88 27.56
N ASP D 284 -7.65 -29.53 26.40
CA ASP D 284 -8.59 -30.61 26.13
C ASP D 284 -8.50 -31.68 27.21
N GLU D 285 -9.68 -32.15 27.62
CA GLU D 285 -9.78 -33.17 28.66
C GLU D 285 -9.02 -34.45 28.36
N SER D 286 -8.99 -34.85 27.09
CA SER D 286 -8.36 -36.10 26.66
C SER D 286 -6.84 -36.10 26.85
N ILE D 287 -6.23 -34.92 26.86
CA ILE D 287 -4.77 -34.79 27.03
C ILE D 287 -4.36 -33.99 28.27
N ALA D 288 -5.34 -33.62 29.10
CA ALA D 288 -5.06 -32.73 30.25
C ALA D 288 -4.05 -33.34 31.23
N ASP D 289 -4.23 -34.62 31.57
CA ASP D 289 -3.32 -35.27 32.53
C ASP D 289 -1.88 -35.25 32.07
N LYS D 290 -1.64 -35.69 30.82
CA LYS D 290 -0.30 -35.69 30.21
C LYS D 290 0.26 -34.28 30.13
N PHE D 291 -0.53 -33.34 29.62
CA PHE D 291 -0.09 -31.95 29.51
C PHE D 291 0.32 -31.39 30.86
N ILE D 292 -0.54 -31.56 31.86
CA ILE D 292 -0.30 -30.95 33.17
C ILE D 292 0.96 -31.52 33.81
N GLU D 293 1.10 -32.84 33.75
CA GLU D 293 2.29 -33.51 34.28
C GLU D 293 3.56 -32.96 33.62
N MET D 294 3.57 -32.90 32.29
CA MET D 294 4.69 -32.38 31.51
C MET D 294 4.98 -30.92 31.87
N PHE D 295 3.94 -30.12 32.00
CA PHE D 295 4.08 -28.67 32.24
C PHE D 295 4.66 -28.38 33.64
N VAL D 296 4.07 -29.01 34.66
CA VAL D 296 4.59 -28.87 36.03
C VAL D 296 6.05 -29.32 36.12
N ASN D 297 6.40 -30.42 35.44
CA ASN D 297 7.75 -30.98 35.50
C ASN D 297 8.82 -30.07 34.91
N LYS D 298 8.47 -29.34 33.85
CA LYS D 298 9.36 -28.33 33.26
C LYS D 298 9.47 -27.09 34.17
N ALA D 299 8.34 -26.68 34.75
CA ALA D 299 8.33 -25.51 35.62
C ALA D 299 9.12 -25.74 36.91
N LYS D 300 9.13 -27.00 37.37
CA LYS D 300 9.90 -27.44 38.54
C LYS D 300 11.39 -27.11 38.47
N VAL D 301 11.97 -27.22 37.28
CA VAL D 301 13.43 -27.12 37.11
C VAL D 301 13.94 -25.72 36.79
N LEU D 302 13.04 -24.74 36.75
CA LEU D 302 13.42 -23.36 36.49
C LEU D 302 14.28 -22.80 37.63
N ASN D 303 15.33 -22.08 37.25
CA ASN D 303 16.18 -21.40 38.23
C ASN D 303 15.52 -20.11 38.69
N VAL D 304 15.13 -20.08 39.95
CA VAL D 304 14.52 -18.90 40.58
C VAL D 304 15.57 -18.26 41.50
N GLY D 305 15.81 -16.96 41.32
CA GLY D 305 16.75 -16.24 42.18
C GLY D 305 17.20 -14.90 41.63
N ASN D 306 18.47 -14.57 41.92
CA ASN D 306 19.07 -13.27 41.56
C ASN D 306 19.06 -12.98 40.05
N PRO D 307 18.38 -11.90 39.64
CA PRO D 307 18.39 -11.55 38.20
C PRO D 307 19.79 -11.30 37.60
N LEU D 308 20.75 -10.90 38.42
CA LEU D 308 22.13 -10.67 37.93
C LEU D 308 22.85 -11.97 37.53
N ASP D 309 22.37 -13.09 38.07
CA ASP D 309 22.96 -14.39 37.77
C ASP D 309 22.60 -14.83 36.33
N GLU D 310 23.60 -15.24 35.55
CA GLU D 310 23.42 -15.69 34.16
C GLU D 310 22.46 -16.88 34.04
N LYS D 311 22.42 -17.72 35.06
CA LYS D 311 21.64 -18.93 34.99
C LYS D 311 20.20 -18.74 35.47
N THR D 312 19.89 -17.56 36.02
CA THR D 312 18.54 -17.28 36.54
C THR D 312 17.50 -17.26 35.42
N ASP D 313 16.41 -18.01 35.64
CA ASP D 313 15.27 -18.04 34.72
C ASP D 313 14.17 -17.10 35.16
N VAL D 314 13.96 -17.02 36.47
CA VAL D 314 12.87 -16.25 37.07
C VAL D 314 13.37 -15.39 38.21
N GLY D 315 13.21 -14.07 38.06
CA GLY D 315 13.55 -13.09 39.09
C GLY D 315 12.34 -12.71 39.93
N PRO D 316 12.47 -11.65 40.75
CA PRO D 316 11.41 -11.27 41.67
C PRO D 316 10.29 -10.52 40.97
N LEU D 317 9.14 -10.41 41.65
CA LEU D 317 8.11 -9.44 41.26
C LEU D 317 8.59 -8.02 41.59
N ILE D 318 7.92 -7.03 41.02
CA ILE D 318 8.41 -5.65 41.06
C ILE D 318 8.39 -5.03 42.46
N SER D 319 7.54 -5.56 43.33
CA SER D 319 7.42 -5.05 44.70
C SER D 319 6.97 -6.13 45.66
N VAL D 320 7.31 -5.95 46.93
CA VAL D 320 6.80 -6.78 48.01
C VAL D 320 5.28 -6.65 48.07
N GLU D 321 4.80 -5.40 47.97
CA GLU D 321 3.37 -5.09 48.00
C GLU D 321 2.61 -5.92 46.96
N HIS D 322 3.12 -5.97 45.74
CA HIS D 322 2.49 -6.77 44.70
C HIS D 322 2.52 -8.25 45.04
N ALA D 323 3.69 -8.74 45.44
CA ALA D 323 3.86 -10.14 45.84
C ALA D 323 2.88 -10.55 46.94
N GLU D 324 2.65 -9.66 47.91
CA GLU D 324 1.70 -9.91 48.99
C GLU D 324 0.27 -10.02 48.46
N TRP D 325 -0.07 -9.15 47.50
CA TRP D 325 -1.38 -9.17 46.88
C TRP D 325 -1.58 -10.45 46.07
N VAL D 326 -0.59 -10.83 45.27
CA VAL D 326 -0.64 -12.09 44.49
C VAL D 326 -0.89 -13.29 45.42
N GLU D 327 -0.15 -13.32 46.52
CA GLU D 327 -0.30 -14.35 47.55
C GLU D 327 -1.76 -14.50 47.99
N LYS D 328 -2.39 -13.36 48.31
CA LYS D 328 -3.81 -13.31 48.66
C LYS D 328 -4.73 -13.86 47.57
N VAL D 329 -4.46 -13.49 46.31
CA VAL D 329 -5.26 -14.02 45.19
C VAL D 329 -5.10 -15.54 45.08
N VAL D 330 -3.89 -16.05 45.26
CA VAL D 330 -3.65 -17.50 45.23
C VAL D 330 -4.44 -18.19 46.34
N GLU D 331 -4.37 -17.62 47.54
CA GLU D 331 -5.16 -18.11 48.69
C GLU D 331 -6.65 -18.20 48.37
N LYS D 332 -7.20 -17.12 47.82
CA LYS D 332 -8.60 -17.06 47.41
C LYS D 332 -8.89 -18.10 46.33
N ALA D 333 -8.00 -18.25 45.36
CA ALA D 333 -8.16 -19.26 44.31
C ALA D 333 -8.20 -20.69 44.87
N ILE D 334 -7.43 -20.94 45.93
CA ILE D 334 -7.43 -22.23 46.61
C ILE D 334 -8.73 -22.40 47.43
N ASP D 335 -9.17 -21.31 48.06
CA ASP D 335 -10.45 -21.28 48.78
C ASP D 335 -11.62 -21.72 47.89
N GLU D 336 -11.63 -21.26 46.64
CA GLU D 336 -12.73 -21.51 45.72
C GLU D 336 -12.71 -22.92 45.12
N GLY D 337 -11.70 -23.71 45.48
CA GLY D 337 -11.59 -25.07 44.99
C GLY D 337 -10.43 -25.31 44.05
N GLY D 338 -9.59 -24.28 43.85
CA GLY D 338 -8.38 -24.41 43.04
C GLY D 338 -7.41 -25.40 43.65
N LYS D 339 -6.82 -26.25 42.79
CA LYS D 339 -5.90 -27.29 43.24
C LYS D 339 -4.45 -26.88 42.98
N LEU D 340 -3.68 -26.66 44.05
CA LEU D 340 -2.27 -26.28 43.93
C LEU D 340 -1.41 -27.45 43.48
N LEU D 341 -0.75 -27.28 42.33
CA LEU D 341 0.08 -28.33 41.73
C LEU D 341 1.58 -28.04 41.86
N LEU D 342 1.93 -26.76 42.04
CA LEU D 342 3.32 -26.35 42.15
C LEU D 342 3.41 -24.95 42.74
N GLY D 343 4.43 -24.74 43.56
CA GLY D 343 4.76 -23.41 44.07
C GLY D 343 3.79 -22.93 45.12
N GLY D 344 3.27 -21.72 44.91
CA GLY D 344 2.42 -21.06 45.88
C GLY D 344 3.22 -20.56 47.06
N LYS D 345 4.53 -20.42 46.86
CA LYS D 345 5.43 -19.91 47.89
C LYS D 345 6.20 -18.67 47.42
N ARG D 346 6.60 -17.88 48.39
CA ARG D 346 7.10 -16.55 48.17
C ARG D 346 8.29 -16.32 49.12
N ASP D 347 9.36 -15.72 48.62
CA ASP D 347 10.46 -15.24 49.45
C ASP D 347 10.58 -13.73 49.25
N LYS D 348 9.93 -12.96 50.13
CA LYS D 348 9.75 -11.51 49.97
C LYS D 348 9.05 -11.19 48.64
N ALA D 349 9.74 -10.54 47.70
CA ALA D 349 9.14 -10.29 46.38
C ALA D 349 9.38 -11.43 45.39
N LEU D 350 10.23 -12.37 45.76
CA LEU D 350 10.55 -13.49 44.89
C LEU D 350 9.42 -14.52 44.94
N PHE D 351 8.59 -14.53 43.89
CA PHE D 351 7.43 -15.40 43.85
C PHE D 351 7.72 -16.60 42.97
N TYR D 352 7.55 -17.79 43.53
CA TYR D 352 7.90 -19.01 42.82
C TYR D 352 6.85 -19.37 41.79
N PRO D 353 7.27 -19.98 40.66
CA PRO D 353 6.32 -20.47 39.67
C PRO D 353 5.23 -21.29 40.35
N THR D 354 3.99 -20.93 40.06
CA THR D 354 2.82 -21.44 40.76
C THR D 354 1.80 -21.87 39.71
N ILE D 355 1.31 -23.10 39.85
CA ILE D 355 0.38 -23.67 38.89
C ILE D 355 -0.79 -24.29 39.67
N LEU D 356 -2.01 -24.02 39.20
CA LEU D 356 -3.22 -24.61 39.81
C LEU D 356 -4.15 -25.14 38.73
N GLU D 357 -4.83 -26.25 39.02
CA GLU D 357 -5.98 -26.61 38.21
C GLU D 357 -7.23 -25.99 38.83
N VAL D 358 -8.02 -25.31 37.99
CA VAL D 358 -9.22 -24.61 38.42
C VAL D 358 -10.36 -24.82 37.42
N ASP D 359 -11.53 -24.27 37.73
CA ASP D 359 -12.62 -24.20 36.76
C ASP D 359 -12.85 -22.75 36.32
N ARG D 360 -13.68 -22.57 35.30
CA ARG D 360 -13.85 -21.27 34.62
C ARG D 360 -14.34 -20.16 35.55
N ASP D 361 -14.89 -20.55 36.69
CA ASP D 361 -15.42 -19.58 37.65
C ASP D 361 -14.37 -19.09 38.64
N ASN D 362 -13.18 -19.67 38.58
CA ASN D 362 -12.12 -19.32 39.53
C ASN D 362 -11.66 -17.87 39.35
N ILE D 363 -11.31 -17.22 40.46
CA ILE D 363 -10.87 -15.81 40.47
C ILE D 363 -9.70 -15.55 39.49
N LEU D 364 -8.84 -16.54 39.32
CA LEU D 364 -7.69 -16.43 38.44
C LEU D 364 -8.09 -16.27 36.98
N CYS D 365 -9.26 -16.79 36.62
CA CYS D 365 -9.75 -16.69 35.23
C CYS D 365 -10.26 -15.30 34.87
N LYS D 366 -10.45 -14.43 35.86
CA LYS D 366 -10.86 -13.07 35.55
C LYS D 366 -9.98 -12.02 36.22
N THR D 367 -8.80 -12.43 36.69
CA THR D 367 -7.87 -11.49 37.32
C THR D 367 -6.52 -11.51 36.63
N GLU D 368 -6.07 -10.34 36.22
CA GLU D 368 -4.72 -10.18 35.69
C GLU D 368 -3.78 -10.03 36.88
N THR D 369 -2.97 -11.06 37.12
CA THR D 369 -2.12 -11.09 38.30
C THR D 369 -0.72 -10.51 38.10
N PHE D 370 -0.26 -10.44 36.84
CA PHE D 370 1.09 -9.95 36.56
C PHE D 370 2.06 -10.69 37.50
N ALA D 371 2.05 -12.01 37.38
CA ALA D 371 2.68 -12.90 38.37
C ALA D 371 2.91 -14.27 37.74
N PRO D 372 3.86 -15.05 38.29
CA PRO D 372 4.09 -16.36 37.70
C PRO D 372 3.09 -17.39 38.22
N VAL D 373 1.80 -17.10 38.04
CA VAL D 373 0.71 -17.91 38.60
C VAL D 373 -0.22 -18.32 37.47
N ILE D 374 -0.27 -19.63 37.21
CA ILE D 374 -0.94 -20.15 36.02
C ILE D 374 -2.12 -21.06 36.36
N PRO D 375 -3.37 -20.60 36.09
CA PRO D 375 -4.53 -21.48 36.19
C PRO D 375 -4.71 -22.34 34.91
N ILE D 376 -4.99 -23.62 35.12
CA ILE D 376 -5.20 -24.56 34.04
C ILE D 376 -6.61 -25.13 34.15
N ILE D 377 -7.39 -25.01 33.08
CA ILE D 377 -8.75 -25.55 33.03
C ILE D 377 -8.78 -26.68 32.03
N ARG D 378 -9.16 -27.87 32.46
CA ARG D 378 -9.43 -28.92 31.49
C ARG D 378 -10.86 -28.75 31.03
N THR D 379 -11.08 -28.82 29.73
CA THR D 379 -12.43 -28.62 29.20
C THR D 379 -12.60 -29.29 27.84
N ASN D 380 -13.78 -29.15 27.26
CA ASN D 380 -14.03 -29.67 25.94
C ASN D 380 -13.97 -28.56 24.88
N GLU D 381 -13.70 -28.96 23.66
CA GLU D 381 -13.42 -28.00 22.58
C GLU D 381 -14.51 -26.93 22.45
N GLU D 382 -15.76 -27.37 22.38
CA GLU D 382 -16.88 -26.46 22.11
C GLU D 382 -17.11 -25.42 23.21
N GLU D 383 -16.40 -25.54 24.33
CA GLU D 383 -16.48 -24.57 25.43
C GLU D 383 -15.35 -23.54 25.36
N MET D 384 -14.26 -23.92 24.71
CA MET D 384 -13.02 -23.13 24.74
C MET D 384 -13.15 -21.69 24.27
N ILE D 385 -13.82 -21.48 23.14
CA ILE D 385 -14.01 -20.12 22.60
C ILE D 385 -14.79 -19.25 23.59
N ASP D 386 -15.85 -19.83 24.17
CA ASP D 386 -16.68 -19.12 25.16
C ASP D 386 -15.92 -18.70 26.43
N ILE D 387 -15.15 -19.61 27.02
CA ILE D 387 -14.29 -19.29 28.16
C ILE D 387 -13.25 -18.21 27.77
N ALA D 388 -12.62 -18.42 26.62
CA ALA D 388 -11.59 -17.49 26.12
C ALA D 388 -12.12 -16.07 25.99
N ASN D 389 -13.35 -15.95 25.49
CA ASN D 389 -13.98 -14.66 25.20
C ASN D 389 -14.75 -14.04 26.38
N SER D 390 -14.71 -14.72 27.54
CA SER D 390 -15.55 -14.38 28.69
C SER D 390 -15.07 -13.24 29.58
N THR D 391 -13.89 -12.67 29.29
CA THR D 391 -13.36 -11.57 30.08
C THR D 391 -13.71 -10.22 29.46
N GLU D 392 -13.45 -9.15 30.20
CA GLU D 392 -13.65 -7.79 29.70
C GLU D 392 -12.49 -7.36 28.79
N TYR D 393 -11.46 -8.21 28.72
CA TYR D 393 -10.24 -7.87 28.00
C TYR D 393 -10.17 -8.54 26.63
N GLY D 394 -9.14 -8.19 25.86
CA GLY D 394 -8.99 -8.70 24.50
C GLY D 394 -7.64 -8.37 23.91
N LEU D 395 -6.57 -8.71 24.63
CA LEU D 395 -5.23 -8.40 24.14
C LEU D 395 -4.74 -9.53 23.23
N HIS D 396 -4.13 -10.56 23.81
CA HIS D 396 -3.66 -11.72 23.04
C HIS D 396 -4.30 -13.03 23.47
N SER D 397 -4.42 -13.94 22.50
CA SER D 397 -4.88 -15.31 22.72
C SER D 397 -3.97 -16.25 21.91
N ALA D 398 -3.99 -17.54 22.24
CA ALA D 398 -3.19 -18.49 21.51
C ALA D 398 -3.91 -19.81 21.41
N ILE D 399 -3.61 -20.56 20.35
CA ILE D 399 -4.15 -21.90 20.18
C ILE D 399 -3.05 -22.82 19.66
N PHE D 400 -2.99 -24.01 20.24
CA PHE D 400 -2.08 -25.04 19.78
C PHE D 400 -2.90 -26.16 19.20
N THR D 401 -2.70 -26.39 17.91
CA THR D 401 -3.43 -27.39 17.14
C THR D 401 -2.70 -27.60 15.84
N ASN D 402 -2.89 -28.76 15.22
CA ASN D 402 -2.38 -28.97 13.86
C ASN D 402 -3.52 -29.07 12.83
N ASP D 403 -4.72 -28.70 13.28
CA ASP D 403 -5.93 -28.79 12.47
C ASP D 403 -6.22 -27.45 11.77
N ILE D 404 -6.23 -27.46 10.43
CA ILE D 404 -6.48 -26.24 9.63
C ILE D 404 -7.84 -25.61 9.93
N ASN D 405 -8.90 -26.40 9.86
CA ASN D 405 -10.24 -25.87 10.06
C ASN D 405 -10.45 -25.30 11.45
N LYS D 406 -9.97 -26.00 12.48
CA LYS D 406 -10.10 -25.51 13.85
C LYS D 406 -9.26 -24.25 14.09
N SER D 407 -8.03 -24.22 13.57
CA SER D 407 -7.18 -23.04 13.75
C SER D 407 -7.84 -21.81 13.16
N LEU D 408 -8.48 -21.96 11.99
CA LEU D 408 -9.13 -20.80 11.34
C LEU D 408 -10.40 -20.37 12.06
N LYS D 409 -11.19 -21.35 12.51
CA LYS D 409 -12.38 -21.11 13.32
C LYS D 409 -12.00 -20.34 14.58
N PHE D 410 -11.01 -20.83 15.34
CA PHE D 410 -10.56 -20.13 16.54
C PHE D 410 -10.01 -18.75 16.21
N ALA D 411 -9.18 -18.67 15.17
CA ALA D 411 -8.57 -17.37 14.79
C ALA D 411 -9.61 -16.30 14.51
N GLU D 412 -10.68 -16.69 13.81
CA GLU D 412 -11.75 -15.76 13.46
C GLU D 412 -12.60 -15.37 14.67
N ASN D 413 -12.85 -16.34 15.54
CA ASN D 413 -13.84 -16.18 16.58
C ASN D 413 -13.29 -15.69 17.92
N LEU D 414 -11.96 -15.74 18.09
CA LEU D 414 -11.33 -15.23 19.32
C LEU D 414 -11.36 -13.70 19.29
N GLU D 415 -11.97 -13.10 20.31
CA GLU D 415 -12.15 -11.65 20.36
C GLU D 415 -10.92 -10.96 20.95
N PHE D 416 -9.85 -10.93 20.15
CA PHE D 416 -8.55 -10.45 20.63
C PHE D 416 -7.82 -9.63 19.58
N GLY D 417 -6.97 -8.71 20.02
CA GLY D 417 -6.07 -7.96 19.14
C GLY D 417 -5.01 -8.83 18.46
N GLY D 418 -4.62 -9.92 19.11
CA GLY D 418 -3.68 -10.87 18.52
C GLY D 418 -4.09 -12.30 18.78
N VAL D 419 -3.94 -13.15 17.77
CA VAL D 419 -4.18 -14.58 17.92
C VAL D 419 -2.92 -15.30 17.44
N VAL D 420 -2.33 -16.10 18.34
CA VAL D 420 -1.07 -16.80 18.05
C VAL D 420 -1.35 -18.29 17.88
N ILE D 421 -0.93 -18.85 16.75
CA ILE D 421 -1.13 -20.28 16.51
C ILE D 421 0.21 -21.00 16.71
N ASN D 422 0.21 -21.99 17.60
CA ASN D 422 1.39 -22.82 17.91
C ASN D 422 2.58 -22.11 18.55
N ASP D 423 2.30 -20.99 19.19
CA ASP D 423 3.19 -20.35 20.16
C ASP D 423 2.27 -19.65 21.16
N SER D 424 2.81 -19.25 22.31
CA SER D 424 1.98 -18.71 23.38
C SER D 424 1.55 -17.28 23.07
N SER D 425 0.65 -16.75 23.92
CA SER D 425 0.18 -15.36 23.83
C SER D 425 1.34 -14.36 23.92
N LEU D 426 2.47 -14.80 24.47
CA LEU D 426 3.61 -13.92 24.73
C LEU D 426 4.31 -13.42 23.46
N PHE D 427 3.97 -13.99 22.32
CA PHE D 427 4.64 -13.61 21.08
C PHE D 427 4.35 -12.18 20.63
N ARG D 428 5.42 -11.43 20.32
CA ARG D 428 5.28 -10.15 19.66
C ARG D 428 6.53 -9.87 18.86
N GLN D 429 6.37 -9.82 17.53
CA GLN D 429 7.44 -9.37 16.65
C GLN D 429 7.34 -7.85 16.63
N ASP D 430 8.44 -7.17 16.91
CA ASP D 430 8.39 -5.72 17.13
C ASP D 430 7.84 -4.91 15.95
N ASN D 431 7.99 -5.45 14.73
CA ASN D 431 7.53 -4.73 13.54
C ASN D 431 6.09 -5.07 13.11
N MET D 432 5.36 -5.82 13.96
CA MET D 432 3.95 -6.16 13.66
C MET D 432 3.02 -5.14 14.28
N PRO D 433 1.82 -4.93 13.72
CA PRO D 433 0.92 -4.07 14.47
C PRO D 433 0.49 -4.80 15.74
N PHE D 434 0.55 -4.10 16.87
CA PHE D 434 0.37 -4.75 18.15
C PHE D 434 -0.60 -3.96 19.02
N GLY D 435 -1.59 -4.63 19.59
CA GLY D 435 -2.54 -3.94 20.49
C GLY D 435 -3.77 -4.75 20.81
N GLY D 436 -4.68 -4.20 21.61
CA GLY D 436 -5.83 -4.98 22.07
C GLY D 436 -7.18 -4.40 21.70
N VAL D 437 -8.20 -5.25 21.77
CA VAL D 437 -9.60 -4.82 21.65
C VAL D 437 -10.29 -4.93 23.01
N LYS D 438 -11.58 -4.63 23.06
CA LYS D 438 -12.34 -4.51 24.34
C LYS D 438 -11.61 -3.55 25.29
N LYS D 439 -11.45 -3.90 26.57
CA LYS D 439 -10.81 -2.99 27.52
C LYS D 439 -9.28 -3.10 27.52
N SER D 440 -8.71 -3.70 26.47
CA SER D 440 -7.26 -3.92 26.42
C SER D 440 -6.48 -2.88 25.62
N GLY D 441 -7.18 -2.01 24.91
CA GLY D 441 -6.47 -0.95 24.21
C GLY D 441 -7.21 -0.11 23.20
N LEU D 442 -6.50 0.90 22.73
CA LEU D 442 -6.90 1.76 21.64
C LEU D 442 -5.64 1.97 20.80
N GLY D 443 -5.77 1.83 19.48
CA GLY D 443 -4.64 2.04 18.58
C GLY D 443 -3.65 0.89 18.55
N ARG D 444 -2.68 0.98 17.64
CA ARG D 444 -1.68 -0.07 17.49
C ARG D 444 -0.29 0.53 17.62
N GLU D 445 0.60 -0.22 18.25
CA GLU D 445 2.04 0.10 18.28
C GLU D 445 2.83 -0.81 17.35
N GLY D 446 4.15 -0.68 17.41
CA GLY D 446 5.00 -1.03 16.27
C GLY D 446 5.23 0.29 15.56
N VAL D 447 6.49 0.59 15.26
CA VAL D 447 6.94 1.92 14.84
C VAL D 447 6.12 2.52 13.69
N LYS D 448 5.92 1.76 12.62
CA LYS D 448 5.14 2.25 11.48
C LYS D 448 3.71 2.69 11.89
N TYR D 449 3.09 1.87 12.73
CA TYR D 449 1.72 2.08 13.18
C TYR D 449 1.64 3.22 14.19
N ALA D 450 2.60 3.28 15.10
CA ALA D 450 2.64 4.38 16.06
C ALA D 450 2.84 5.71 15.32
N MET D 451 3.69 5.72 14.30
CA MET D 451 3.92 6.94 13.50
C MET D 451 2.61 7.46 12.92
N GLU D 452 1.78 6.55 12.43
CA GLU D 452 0.47 6.90 11.87
CA GLU D 452 0.50 6.93 11.86
C GLU D 452 -0.45 7.53 12.93
N GLU D 453 -0.40 7.01 14.16
CA GLU D 453 -1.19 7.58 15.27
C GLU D 453 -0.62 8.94 15.72
N MET D 454 0.71 9.08 15.64
CA MET D 454 1.38 10.29 16.13
C MET D 454 1.52 11.39 15.09
N SER D 455 0.81 11.23 13.98
CA SER D 455 0.74 12.29 12.96
C SER D 455 -0.72 12.51 12.52
N ASN D 456 -1.01 13.70 11.99
CA ASN D 456 -2.28 13.98 11.34
C ASN D 456 -2.07 14.04 9.84
N ILE D 457 -3.08 13.59 9.09
CA ILE D 457 -3.07 13.76 7.63
C ILE D 457 -3.41 15.19 7.25
N LYS D 458 -2.70 15.72 6.26
CA LYS D 458 -3.13 16.91 5.54
C LYS D 458 -3.41 16.50 4.10
N THR D 459 -4.57 16.89 3.58
CA THR D 459 -4.88 16.60 2.19
C THR D 459 -4.65 17.87 1.39
N ILE D 460 -3.84 17.78 0.35
CA ILE D 460 -3.49 18.97 -0.43
C ILE D 460 -4.09 18.81 -1.82
N ILE D 461 -4.82 19.83 -2.27
CA ILE D 461 -5.50 19.78 -3.57
C ILE D 461 -5.01 20.89 -4.49
N ILE D 462 -4.33 20.53 -5.57
CA ILE D 462 -3.88 21.51 -6.56
C ILE D 462 -4.85 21.49 -7.75
N SER D 463 -5.58 22.59 -7.94
CA SER D 463 -6.58 22.64 -9.01
C SER D 463 -5.93 23.06 -10.31
N LYS D 464 -6.05 22.23 -11.35
CA LYS D 464 -5.39 22.52 -12.63
C LYS D 464 -6.27 23.30 -13.59
N ALA D 465 -5.60 24.08 -14.45
CA ALA D 465 -6.23 24.84 -15.55
C ALA D 465 -7.08 23.94 -16.44
#